data_2Z4E
#
_entry.id   2Z4E
#
_cell.length_a   54.630
_cell.length_b   148.690
_cell.length_c   232.680
_cell.angle_alpha   90.000
_cell.angle_beta   90.000
_cell.angle_gamma   90.000
#
_symmetry.space_group_name_H-M   'P 21 21 21'
#
loop_
_entity.id
_entity.type
_entity.pdbx_description
1 polymer 'Fibrinogen alpha chain'
2 polymer 'Fibrinogen beta chain'
3 polymer 'Fibrinogen, gamma polypeptide'
4 polymer 'Fibrin B knob (tetrapeptide)'
5 polymer 'Fibrin B knob (pentapeptide)'
6 branched 2-acetamido-2-deoxy-beta-D-glucopyranose-(1-4)-2-acetamido-2-deoxy-beta-D-glucopyranose
7 non-polymer 'CALCIUM ION'
8 non-polymer 2-acetamido-2-deoxy-beta-D-glucopyranose
#
loop_
_entity_poly.entity_id
_entity_poly.type
_entity_poly.pdbx_seq_one_letter_code
_entity_poly.pdbx_strand_id
1 'polypeptide(L)'
;VSEDLRSRIEVLKRKVIEKVQHIQLLQKNVRAQLVDMKRLEVDIDIKIRSCRGSCSRALAREVDLKDYEDQQKQLEQVIA
KDLLPSR
;
A,D
2 'polypeptide(L)'
;DNENVVNEYSSELEKHQLYIDETVNSNIPTNLRVLRSILENLRSKIQKLESDVSAQMEYCRTPCTVSCNIPVVSGKECEE
IIRKGGETSEMYLIQPDSSVKPYRVYCDMNTENGGWTVIQNRQDGSVDFGRKWDPYKQGFGNVATNTDGKNYCGLPGEYW
LGNDKISQLTRMGPTELLIEMEDWKGDKVKAHYGGFTVQNEANKYQISVNKYRGTAGNALMDGASQLMGENRTMTIHNGM
FFSTYDRDNDGWLTSDPRKQCSKEDGGGWWYNRCHAANPNGRYYWGGQYTWDMAKHGTDDGVVWMNWKGSWYSMRKMSMK
IRPFFP
;
B,E
3 'polypeptide(L)'
;KMLEEIMKYEASILTHDSSIRYLQEIYNSNNQKIVNLKEKVAQLEAQCQEPCKDTVQIHDITGKDCQDIANKGAKQSGLY
FIKPLKANQQFLVYCEIDGSGNGWTVFQKRLDGSVDFKKNWIQYKEGFGHLSPTGTTEFWLGNEKIHLISTQSAIPYALR
VELEDWNGRTSTADYAMFKVGPEADKYRLTYAYFAGGDAGDAFDGFDFGDDPSDKFFTSHNGMQFSTWDNDNDKFEGNCA
EQDGSGWWMNKCHAGHLNGVYYQGGTYSKASTPNGYDNGIIWATWKTRWYSMKKTTMKIIPFNRLTIGEGQQHHLGGAKQ
AGDV
;
C,F
4 'polypeptide(L)' GHRP S,T
5 'polypeptide(L)' GHRPY I,J
#
# COMPACT_ATOMS: atom_id res chain seq x y z
N VAL A 16 -107.06 -25.39 22.36
CA VAL A 16 -107.11 -25.28 20.87
C VAL A 16 -106.14 -24.20 20.38
N ILE A 17 -106.08 -23.11 21.13
CA ILE A 17 -105.25 -21.94 20.80
C ILE A 17 -103.75 -22.01 21.11
N GLU A 18 -103.30 -23.12 21.68
CA GLU A 18 -101.89 -23.29 22.03
C GLU A 18 -101.03 -23.44 20.77
N LYS A 19 -100.98 -22.39 19.95
CA LYS A 19 -100.20 -22.45 18.73
C LYS A 19 -99.39 -21.20 18.44
N VAL A 20 -100.08 -20.06 18.33
CA VAL A 20 -99.42 -18.78 18.04
C VAL A 20 -98.37 -18.37 19.08
N GLN A 21 -98.59 -18.73 20.33
CA GLN A 21 -97.64 -18.38 21.38
C GLN A 21 -96.30 -19.06 21.13
N HIS A 22 -96.32 -20.12 20.31
CA HIS A 22 -95.11 -20.85 19.95
C HIS A 22 -94.55 -20.27 18.66
N ILE A 23 -95.45 -20.02 17.71
CA ILE A 23 -95.05 -19.44 16.43
C ILE A 23 -94.53 -18.02 16.63
N GLN A 24 -95.27 -17.22 17.39
CA GLN A 24 -94.86 -15.84 17.64
C GLN A 24 -93.57 -15.76 18.44
N LEU A 25 -93.28 -16.79 19.22
CA LEU A 25 -92.05 -16.80 20.02
C LEU A 25 -90.89 -17.28 19.15
N LEU A 26 -91.17 -18.21 18.23
CA LEU A 26 -90.15 -18.73 17.32
C LEU A 26 -89.66 -17.60 16.42
N GLN A 27 -90.61 -16.87 15.80
CA GLN A 27 -90.23 -15.78 14.92
C GLN A 27 -89.46 -14.73 15.72
N LYS A 28 -89.69 -14.72 17.02
CA LYS A 28 -89.02 -13.79 17.92
C LYS A 28 -87.57 -14.26 18.04
N ASN A 29 -87.38 -15.57 17.94
CA ASN A 29 -86.04 -16.15 18.04
C ASN A 29 -85.28 -16.09 16.72
N VAL A 30 -85.98 -16.23 15.59
CA VAL A 30 -85.29 -16.18 14.29
C VAL A 30 -84.65 -14.82 14.06
N ARG A 31 -85.40 -13.75 14.32
CA ARG A 31 -84.87 -12.42 14.13
C ARG A 31 -83.55 -12.27 14.89
N ALA A 32 -83.44 -12.94 16.03
CA ALA A 32 -82.23 -12.88 16.84
C ALA A 32 -81.12 -13.70 16.16
N GLN A 33 -81.50 -14.79 15.51
CA GLN A 33 -80.54 -15.62 14.80
C GLN A 33 -80.09 -14.83 13.56
N LEU A 34 -81.04 -14.11 12.96
CA LEU A 34 -80.79 -13.25 11.80
C LEU A 34 -79.78 -12.16 12.13
N VAL A 35 -79.98 -11.48 13.26
CA VAL A 35 -79.08 -10.42 13.69
C VAL A 35 -77.75 -11.04 14.08
N ASP A 36 -77.81 -12.18 14.72
CA ASP A 36 -76.61 -12.89 15.14
C ASP A 36 -75.81 -13.31 13.91
N MET A 37 -76.52 -13.76 12.88
CA MET A 37 -75.90 -14.19 11.64
C MET A 37 -75.22 -13.06 10.89
N LYS A 38 -75.88 -11.91 10.86
CA LYS A 38 -75.31 -10.76 10.18
C LYS A 38 -73.95 -10.45 10.84
N ARG A 39 -73.90 -10.47 12.17
CA ARG A 39 -72.67 -10.20 12.91
C ARG A 39 -71.59 -11.20 12.60
N LEU A 40 -71.95 -12.47 12.56
CA LEU A 40 -70.99 -13.52 12.28
C LEU A 40 -70.48 -13.44 10.84
N GLU A 41 -71.39 -13.13 9.92
CA GLU A 41 -71.08 -12.98 8.50
C GLU A 41 -69.94 -11.96 8.41
N VAL A 42 -70.19 -10.81 9.01
CA VAL A 42 -69.25 -9.69 9.08
C VAL A 42 -68.00 -10.01 9.90
N ASP A 43 -68.17 -10.71 11.01
CA ASP A 43 -67.02 -11.05 11.82
C ASP A 43 -66.08 -11.98 11.05
N ILE A 44 -66.64 -12.91 10.28
CA ILE A 44 -65.81 -13.84 9.52
C ILE A 44 -65.19 -13.15 8.30
N ASP A 45 -65.93 -12.22 7.71
CA ASP A 45 -65.44 -11.47 6.55
C ASP A 45 -64.20 -10.65 6.89
N ILE A 46 -64.16 -10.19 8.16
CA ILE A 46 -63.07 -9.37 8.71
C ILE A 46 -61.95 -10.23 9.26
N LYS A 47 -62.29 -11.39 9.81
CA LYS A 47 -61.27 -12.26 10.38
C LYS A 47 -60.47 -12.89 9.24
N ILE A 48 -61.15 -13.24 8.15
CA ILE A 48 -60.47 -13.83 7.02
C ILE A 48 -59.47 -12.84 6.41
N ARG A 49 -59.93 -11.62 6.15
CA ARG A 49 -59.06 -10.59 5.58
C ARG A 49 -57.81 -10.31 6.41
N SER A 50 -57.92 -10.40 7.74
CA SER A 50 -56.76 -10.16 8.61
C SER A 50 -55.74 -11.27 8.40
N CYS A 51 -56.08 -12.24 7.56
CA CYS A 51 -55.18 -13.35 7.27
C CYS A 51 -54.23 -13.05 6.09
N ARG A 52 -54.65 -12.13 5.21
CA ARG A 52 -53.82 -11.76 4.06
C ARG A 52 -52.36 -11.45 4.40
N GLY A 53 -52.17 -10.68 5.46
CA GLY A 53 -50.85 -10.28 5.89
C GLY A 53 -50.22 -11.25 6.89
N SER A 54 -50.61 -12.51 6.76
CA SER A 54 -50.11 -13.56 7.63
C SER A 54 -49.96 -14.87 6.85
N CYS A 55 -50.95 -15.17 6.02
CA CYS A 55 -50.95 -16.41 5.23
C CYS A 55 -50.59 -16.11 3.77
N SER A 56 -49.90 -17.07 3.15
CA SER A 56 -49.44 -16.96 1.76
C SER A 56 -50.57 -16.70 0.79
N ARG A 57 -51.80 -16.89 1.25
CA ARG A 57 -52.94 -16.71 0.37
C ARG A 57 -54.15 -16.20 1.14
N ALA A 58 -55.04 -15.54 0.44
CA ALA A 58 -56.24 -15.02 1.06
C ALA A 58 -57.45 -15.43 0.23
N LEU A 59 -58.48 -15.91 0.90
CA LEU A 59 -59.69 -16.32 0.21
C LEU A 59 -60.45 -15.08 -0.23
N ALA A 60 -60.66 -14.95 -1.54
CA ALA A 60 -61.41 -13.82 -2.05
C ALA A 60 -62.87 -14.14 -1.79
N ARG A 61 -63.57 -13.26 -1.08
CA ARG A 61 -64.98 -13.52 -0.81
C ARG A 61 -65.84 -12.27 -0.90
N GLU A 62 -67.10 -12.41 -0.50
CA GLU A 62 -68.04 -11.30 -0.53
C GLU A 62 -69.23 -11.49 0.43
N VAL A 63 -69.54 -10.44 1.18
CA VAL A 63 -70.66 -10.44 2.14
C VAL A 63 -71.92 -9.94 1.44
N ASP A 64 -73.07 -10.44 1.85
CA ASP A 64 -74.32 -10.04 1.22
C ASP A 64 -75.26 -9.39 2.23
N LEU A 65 -74.97 -8.14 2.57
CA LEU A 65 -75.77 -7.39 3.54
C LEU A 65 -77.17 -7.06 3.06
N LYS A 66 -77.32 -6.85 1.75
CA LYS A 66 -78.63 -6.54 1.19
C LYS A 66 -79.60 -7.66 1.54
N ASP A 67 -79.15 -8.90 1.34
CA ASP A 67 -79.97 -10.07 1.61
C ASP A 67 -80.41 -10.18 3.07
N TYR A 68 -79.47 -10.04 4.00
CA TYR A 68 -79.80 -10.12 5.42
C TYR A 68 -80.81 -9.06 5.78
N GLU A 69 -80.54 -7.83 5.35
CA GLU A 69 -81.43 -6.70 5.63
C GLU A 69 -82.78 -6.83 4.96
N ASP A 70 -82.84 -7.61 3.88
CA ASP A 70 -84.08 -7.82 3.16
C ASP A 70 -84.93 -8.79 3.96
N GLN A 71 -84.29 -9.86 4.44
CA GLN A 71 -85.01 -10.88 5.21
C GLN A 71 -85.36 -10.37 6.59
N GLN A 72 -84.42 -9.71 7.26
CA GLN A 72 -84.72 -9.23 8.59
C GLN A 72 -85.72 -8.08 8.51
N LYS A 73 -85.86 -7.51 7.31
CA LYS A 73 -86.81 -6.43 7.06
C LYS A 73 -88.18 -7.06 6.88
N GLN A 74 -88.21 -8.10 6.07
CA GLN A 74 -89.41 -8.86 5.77
C GLN A 74 -90.01 -9.48 7.04
N LEU A 75 -89.13 -9.93 7.94
CA LEU A 75 -89.56 -10.56 9.19
C LEU A 75 -90.43 -9.66 10.06
N GLU A 76 -90.00 -8.42 10.28
CA GLU A 76 -90.75 -7.47 11.09
C GLU A 76 -92.18 -7.29 10.58
N GLN A 77 -92.38 -7.56 9.30
CA GLN A 77 -93.71 -7.42 8.70
C GLN A 77 -94.60 -8.53 9.29
N VAL A 78 -94.02 -9.72 9.41
CA VAL A 78 -94.70 -10.89 9.96
C VAL A 78 -94.86 -10.78 11.48
N ILE A 79 -93.78 -10.37 12.15
CA ILE A 79 -93.75 -10.20 13.60
C ILE A 79 -94.86 -9.28 14.10
N ALA A 80 -95.23 -8.29 13.29
CA ALA A 80 -96.27 -7.33 13.66
C ALA A 80 -97.66 -7.66 13.10
N LYS A 81 -98.19 -8.82 13.48
CA LYS A 81 -99.51 -9.22 13.02
C LYS A 81 -100.52 -9.06 14.14
N ASP A 82 -100.47 -9.97 15.12
CA ASP A 82 -101.35 -9.94 16.27
C ASP A 82 -100.92 -8.85 17.26
N VAL B 24 -111.20 -18.99 9.15
CA VAL B 24 -111.45 -17.69 9.83
C VAL B 24 -110.46 -17.47 10.99
N ASN B 25 -109.41 -18.28 11.03
CA ASN B 25 -108.41 -18.21 12.10
C ASN B 25 -106.98 -18.48 11.56
N SER B 26 -106.90 -19.45 10.64
CA SER B 26 -105.64 -19.81 10.01
C SER B 26 -105.67 -19.25 8.59
N ASN B 27 -105.67 -17.92 8.51
CA ASN B 27 -105.72 -17.19 7.25
C ASN B 27 -104.32 -16.90 6.71
N ILE B 28 -103.43 -16.44 7.60
CA ILE B 28 -102.06 -16.11 7.23
C ILE B 28 -100.97 -16.93 7.95
N PRO B 29 -101.34 -17.92 8.79
CA PRO B 29 -100.30 -18.70 9.46
C PRO B 29 -99.72 -19.76 8.52
N THR B 30 -100.58 -20.35 7.69
CA THR B 30 -100.14 -21.35 6.72
C THR B 30 -99.11 -20.62 5.87
N ASN B 31 -99.22 -19.30 5.89
CA ASN B 31 -98.33 -18.41 5.16
C ASN B 31 -97.20 -17.98 6.08
N LEU B 32 -97.53 -17.75 7.35
CA LEU B 32 -96.54 -17.33 8.34
C LEU B 32 -95.53 -18.46 8.62
N ARG B 33 -95.39 -19.35 7.65
CA ARG B 33 -94.43 -20.44 7.73
C ARG B 33 -93.32 -19.94 6.81
N VAL B 34 -93.40 -18.66 6.47
CA VAL B 34 -92.41 -17.99 5.63
C VAL B 34 -91.06 -18.21 6.32
N LEU B 35 -91.13 -18.41 7.63
CA LEU B 35 -89.95 -18.67 8.46
C LEU B 35 -89.08 -19.71 7.79
N ARG B 36 -89.72 -20.70 7.18
CA ARG B 36 -89.00 -21.77 6.49
C ARG B 36 -87.86 -21.27 5.61
N SER B 37 -88.18 -20.35 4.71
CA SER B 37 -87.16 -19.81 3.81
C SER B 37 -86.10 -19.02 4.58
N ILE B 38 -86.52 -18.28 5.60
CA ILE B 38 -85.56 -17.50 6.40
C ILE B 38 -84.55 -18.46 7.04
N LEU B 39 -85.06 -19.49 7.73
CA LEU B 39 -84.21 -20.48 8.40
C LEU B 39 -83.37 -21.28 7.39
N GLU B 40 -84.05 -21.87 6.41
CA GLU B 40 -83.35 -22.67 5.40
C GLU B 40 -82.29 -21.84 4.68
N ASN B 41 -82.53 -20.53 4.58
CA ASN B 41 -81.57 -19.64 3.94
C ASN B 41 -80.38 -19.58 4.87
N LEU B 42 -80.64 -19.15 6.10
CA LEU B 42 -79.60 -19.05 7.09
C LEU B 42 -78.78 -20.32 7.15
N ARG B 43 -79.46 -21.47 7.20
CA ARG B 43 -78.74 -22.74 7.26
C ARG B 43 -77.85 -22.86 6.04
N SER B 44 -78.29 -22.28 4.93
CA SER B 44 -77.50 -22.30 3.71
C SER B 44 -76.33 -21.32 3.88
N LYS B 45 -76.60 -20.21 4.57
CA LYS B 45 -75.57 -19.19 4.84
C LYS B 45 -74.45 -19.78 5.68
N ILE B 46 -74.83 -20.60 6.64
CA ILE B 46 -73.88 -21.24 7.54
C ILE B 46 -72.95 -22.19 6.81
N GLN B 47 -73.47 -22.88 5.80
CA GLN B 47 -72.67 -23.82 5.03
C GLN B 47 -71.57 -23.04 4.29
N LYS B 48 -71.94 -21.94 3.65
CA LYS B 48 -70.98 -21.10 2.92
C LYS B 48 -69.88 -20.63 3.88
N LEU B 49 -70.30 -20.06 5.00
CA LEU B 49 -69.37 -19.57 6.00
C LEU B 49 -68.43 -20.67 6.46
N GLU B 50 -68.98 -21.83 6.83
CA GLU B 50 -68.17 -22.95 7.29
C GLU B 50 -67.10 -23.27 6.25
N SER B 51 -67.47 -23.17 4.98
CA SER B 51 -66.54 -23.46 3.89
C SER B 51 -65.41 -22.45 3.84
N ASP B 52 -65.78 -21.18 3.69
CA ASP B 52 -64.76 -20.14 3.59
C ASP B 52 -63.69 -20.25 4.68
N VAL B 53 -64.11 -20.42 5.94
CA VAL B 53 -63.18 -20.52 7.08
C VAL B 53 -62.16 -21.65 6.89
N SER B 54 -62.61 -22.77 6.32
CA SER B 54 -61.73 -23.91 6.08
C SER B 54 -60.76 -23.59 4.94
N ALA B 55 -61.30 -23.05 3.84
CA ALA B 55 -60.45 -22.68 2.72
C ALA B 55 -59.33 -21.82 3.27
N GLN B 56 -59.67 -20.75 3.98
CA GLN B 56 -58.65 -19.89 4.54
C GLN B 56 -57.76 -20.68 5.50
N MET B 57 -58.37 -21.58 6.26
CA MET B 57 -57.65 -22.41 7.22
C MET B 57 -56.52 -23.15 6.50
N GLU B 58 -56.82 -23.63 5.29
CA GLU B 58 -55.87 -24.37 4.44
C GLU B 58 -54.81 -23.45 3.84
N TYR B 59 -55.27 -22.33 3.28
CA TYR B 59 -54.39 -21.36 2.70
C TYR B 59 -53.36 -20.98 3.74
N CYS B 60 -53.76 -21.07 5.00
CA CYS B 60 -52.86 -20.72 6.09
C CYS B 60 -51.88 -21.80 6.52
N ARG B 61 -51.68 -22.82 5.68
CA ARG B 61 -50.71 -23.88 5.97
C ARG B 61 -49.34 -23.30 5.62
N THR B 62 -49.37 -22.44 4.60
CA THR B 62 -48.18 -21.77 4.11
C THR B 62 -48.38 -20.26 4.32
N PRO B 63 -47.37 -19.58 4.91
CA PRO B 63 -47.37 -18.15 5.22
C PRO B 63 -46.93 -17.23 4.09
N CYS B 64 -47.28 -15.96 4.20
CA CYS B 64 -46.84 -14.98 3.21
C CYS B 64 -45.40 -14.69 3.60
N THR B 65 -44.64 -14.12 2.67
CA THR B 65 -43.23 -13.82 2.93
C THR B 65 -42.84 -12.52 2.25
N VAL B 66 -41.75 -11.93 2.72
CA VAL B 66 -41.23 -10.70 2.16
C VAL B 66 -39.71 -10.86 2.08
N SER B 67 -39.07 -10.00 1.31
CA SER B 67 -37.62 -10.03 1.18
C SER B 67 -37.19 -8.58 1.19
N CYS B 68 -37.21 -8.01 2.39
CA CYS B 68 -36.86 -6.62 2.60
C CYS B 68 -35.37 -6.41 2.82
N ASN B 69 -34.65 -6.18 1.74
CA ASN B 69 -33.23 -5.94 1.84
C ASN B 69 -33.06 -4.59 2.54
N ILE B 70 -32.10 -4.53 3.46
CA ILE B 70 -31.88 -3.35 4.25
C ILE B 70 -31.05 -2.23 3.65
N PRO B 71 -31.61 -1.01 3.62
CA PRO B 71 -30.96 0.18 3.09
C PRO B 71 -29.63 0.41 3.83
N VAL B 72 -28.58 0.74 3.09
CA VAL B 72 -27.27 0.98 3.68
C VAL B 72 -27.29 2.09 4.74
N VAL B 73 -28.04 3.16 4.48
CA VAL B 73 -28.09 4.25 5.44
C VAL B 73 -29.00 3.96 6.63
N SER B 74 -28.57 4.41 7.80
CA SER B 74 -29.31 4.23 9.03
C SER B 74 -29.25 5.48 9.90
N GLY B 75 -29.91 5.42 11.06
CA GLY B 75 -29.94 6.55 11.97
C GLY B 75 -30.81 6.31 13.20
N LYS B 76 -31.03 7.36 13.98
CA LYS B 76 -31.82 7.29 15.21
C LYS B 76 -33.28 7.13 14.89
N GLU B 77 -33.73 7.90 13.91
CA GLU B 77 -35.12 7.86 13.47
C GLU B 77 -35.14 8.26 12.00
N CYS B 78 -36.31 8.32 11.40
CA CYS B 78 -36.40 8.67 10.00
C CYS B 78 -35.93 10.07 9.66
N GLU B 79 -36.11 11.01 10.58
CA GLU B 79 -35.66 12.39 10.38
C GLU B 79 -34.17 12.35 10.09
N GLU B 80 -33.37 11.89 11.06
CA GLU B 80 -31.93 11.82 10.88
C GLU B 80 -31.54 11.11 9.59
N ILE B 81 -32.29 10.08 9.20
CA ILE B 81 -31.94 9.35 7.99
C ILE B 81 -32.14 10.16 6.71
N ILE B 82 -33.21 10.96 6.65
CA ILE B 82 -33.41 11.74 5.45
C ILE B 82 -32.38 12.85 5.41
N ARG B 83 -31.89 13.26 6.57
CA ARG B 83 -30.87 14.30 6.62
C ARG B 83 -29.54 13.71 6.16
N LYS B 84 -29.51 12.38 6.09
CA LYS B 84 -28.31 11.66 5.65
C LYS B 84 -28.41 11.18 4.20
N GLY B 85 -29.38 11.69 3.46
CA GLY B 85 -29.52 11.31 2.07
C GLY B 85 -30.60 10.28 1.75
N GLY B 86 -31.31 9.82 2.77
CA GLY B 86 -32.38 8.86 2.57
C GLY B 86 -33.59 9.55 1.95
N GLU B 87 -33.57 9.65 0.62
CA GLU B 87 -34.63 10.33 -0.14
C GLU B 87 -35.91 9.55 -0.32
N THR B 88 -35.80 8.24 -0.56
CA THR B 88 -36.98 7.42 -0.79
C THR B 88 -37.74 6.87 0.43
N SER B 89 -39.06 6.80 0.29
CA SER B 89 -39.90 6.25 1.32
C SER B 89 -39.89 4.74 1.22
N GLU B 90 -39.44 4.09 2.29
CA GLU B 90 -39.39 2.64 2.35
C GLU B 90 -39.03 2.21 3.76
N MET B 91 -38.76 0.92 3.91
CA MET B 91 -38.40 0.39 5.21
C MET B 91 -36.92 0.67 5.44
N TYR B 92 -36.62 1.19 6.62
CA TYR B 92 -35.24 1.50 7.02
C TYR B 92 -34.94 0.84 8.35
N LEU B 93 -33.67 0.83 8.73
CA LEU B 93 -33.29 0.25 9.99
C LEU B 93 -32.82 1.42 10.86
N ILE B 94 -33.37 1.54 12.06
CA ILE B 94 -32.95 2.63 12.94
C ILE B 94 -32.50 2.11 14.29
N GLN B 95 -31.79 2.98 15.00
CA GLN B 95 -31.31 2.65 16.33
C GLN B 95 -31.35 3.99 17.06
N PRO B 96 -32.47 4.28 17.72
CA PRO B 96 -32.72 5.51 18.47
C PRO B 96 -31.65 5.79 19.50
N ASP B 97 -31.11 4.72 20.07
CA ASP B 97 -30.11 4.85 21.12
C ASP B 97 -29.12 3.70 21.05
N SER B 98 -27.92 3.96 21.55
CA SER B 98 -26.86 2.96 21.56
C SER B 98 -27.18 1.72 22.41
N SER B 99 -28.15 1.81 23.31
CA SER B 99 -28.51 0.69 24.18
C SER B 99 -29.63 -0.18 23.62
N VAL B 100 -30.41 0.39 22.70
CA VAL B 100 -31.53 -0.34 22.09
C VAL B 100 -31.10 -1.00 20.79
N LYS B 101 -31.61 -2.21 20.57
CA LYS B 101 -31.28 -2.97 19.37
C LYS B 101 -31.86 -2.33 18.13
N PRO B 102 -31.07 -2.27 17.05
CA PRO B 102 -31.62 -1.65 15.83
C PRO B 102 -32.86 -2.41 15.36
N TYR B 103 -33.92 -1.68 15.09
CA TYR B 103 -35.16 -2.27 14.63
C TYR B 103 -35.62 -1.65 13.32
N ARG B 104 -36.50 -2.36 12.61
CA ARG B 104 -37.06 -1.93 11.33
C ARG B 104 -38.26 -1.02 11.50
N VAL B 105 -38.39 -0.05 10.59
CA VAL B 105 -39.52 0.87 10.65
C VAL B 105 -39.75 1.46 9.26
N TYR B 106 -40.96 1.96 9.01
CA TYR B 106 -41.23 2.55 7.71
C TYR B 106 -41.12 4.07 7.74
N CYS B 107 -40.24 4.61 6.90
CA CYS B 107 -39.99 6.04 6.80
C CYS B 107 -40.73 6.70 5.64
N ASP B 108 -41.56 7.70 5.95
CA ASP B 108 -42.28 8.43 4.92
C ASP B 108 -41.44 9.69 4.71
N MET B 109 -40.71 9.69 3.60
CA MET B 109 -39.82 10.78 3.27
C MET B 109 -40.41 11.78 2.27
N ASN B 110 -41.68 11.63 1.93
CA ASN B 110 -42.33 12.53 0.96
C ASN B 110 -43.34 13.48 1.57
N THR B 111 -44.21 12.98 2.43
CA THR B 111 -45.23 13.82 3.07
C THR B 111 -44.64 14.99 3.86
N GLU B 112 -45.12 16.20 3.57
CA GLU B 112 -44.68 17.41 4.25
C GLU B 112 -43.27 17.42 4.81
N ASN B 113 -42.28 17.58 3.94
CA ASN B 113 -40.88 17.64 4.36
C ASN B 113 -40.22 16.34 4.85
N GLY B 114 -40.98 15.25 4.88
CA GLY B 114 -40.44 13.95 5.26
C GLY B 114 -39.72 13.82 6.59
N GLY B 115 -39.16 12.63 6.81
CA GLY B 115 -38.46 12.37 8.05
C GLY B 115 -39.45 11.74 9.02
N TRP B 116 -40.59 11.30 8.49
CA TRP B 116 -41.64 10.69 9.29
C TRP B 116 -41.44 9.20 9.57
N THR B 117 -41.55 8.82 10.83
CA THR B 117 -41.42 7.44 11.26
C THR B 117 -42.82 6.92 11.55
N VAL B 118 -43.32 6.04 10.70
CA VAL B 118 -44.67 5.48 10.87
C VAL B 118 -44.78 4.63 12.15
N ILE B 119 -45.77 4.95 12.97
CA ILE B 119 -46.03 4.28 14.24
C ILE B 119 -47.17 3.24 14.14
N GLN B 120 -48.17 3.55 13.32
CA GLN B 120 -49.32 2.69 13.12
C GLN B 120 -49.82 2.91 11.69
N ASN B 121 -50.25 1.86 11.01
CA ASN B 121 -50.74 2.04 9.64
C ASN B 121 -51.86 1.08 9.26
N ARG B 122 -52.92 1.62 8.63
CA ARG B 122 -54.08 0.86 8.18
C ARG B 122 -54.36 1.17 6.71
N GLN B 123 -54.70 0.17 5.91
CA GLN B 123 -54.97 0.45 4.51
C GLN B 123 -55.66 -0.68 3.77
N ASP B 124 -55.76 -1.85 4.37
CA ASP B 124 -56.42 -2.97 3.70
C ASP B 124 -57.00 -4.05 4.61
N GLY B 125 -56.79 -3.93 5.91
CA GLY B 125 -57.31 -4.95 6.81
C GLY B 125 -56.49 -6.24 6.81
N SER B 126 -55.30 -6.19 6.22
CA SER B 126 -54.42 -7.34 6.14
C SER B 126 -53.90 -7.76 7.50
N VAL B 127 -54.13 -6.96 8.52
CA VAL B 127 -53.64 -7.31 9.85
C VAL B 127 -54.70 -7.12 10.94
N ASP B 128 -54.69 -8.02 11.92
CA ASP B 128 -55.62 -8.02 13.05
C ASP B 128 -55.10 -7.11 14.15
N PHE B 129 -55.90 -6.13 14.57
CA PHE B 129 -55.49 -5.22 15.63
C PHE B 129 -56.10 -5.52 17.01
N GLY B 130 -57.00 -6.49 17.06
CA GLY B 130 -57.62 -6.83 18.34
C GLY B 130 -56.69 -7.75 19.10
N ARG B 131 -55.60 -7.19 19.61
CA ARG B 131 -54.61 -7.98 20.33
C ARG B 131 -54.42 -7.65 21.82
N LYS B 132 -53.71 -8.52 22.51
CA LYS B 132 -53.47 -8.32 23.94
C LYS B 132 -52.41 -7.29 24.22
N TRP B 133 -52.11 -7.17 25.52
CA TRP B 133 -51.13 -6.22 26.01
C TRP B 133 -49.71 -6.47 25.55
N ASP B 134 -49.27 -7.72 25.59
CA ASP B 134 -47.90 -8.02 25.18
C ASP B 134 -47.65 -7.68 23.70
N PRO B 135 -48.57 -8.06 22.80
CA PRO B 135 -48.37 -7.74 21.38
C PRO B 135 -48.25 -6.23 21.16
N TYR B 136 -49.14 -5.48 21.79
CA TYR B 136 -49.12 -4.03 21.66
C TYR B 136 -47.83 -3.43 22.22
N LYS B 137 -47.27 -4.11 23.22
CA LYS B 137 -46.04 -3.69 23.87
C LYS B 137 -44.82 -4.01 22.99
N GLN B 138 -44.83 -5.20 22.38
CA GLN B 138 -43.73 -5.64 21.50
C GLN B 138 -43.87 -5.04 20.11
N GLY B 139 -45.11 -4.93 19.64
CA GLY B 139 -45.39 -4.41 18.33
C GLY B 139 -45.82 -5.57 17.47
N PHE B 140 -46.54 -5.31 16.38
CA PHE B 140 -46.99 -6.40 15.53
C PHE B 140 -47.36 -5.93 14.13
N GLY B 141 -47.49 -6.89 13.21
CA GLY B 141 -47.85 -6.57 11.85
C GLY B 141 -46.70 -6.59 10.88
N ASN B 142 -46.96 -6.10 9.68
CA ASN B 142 -45.95 -6.05 8.64
C ASN B 142 -45.51 -4.63 8.42
N VAL B 143 -44.24 -4.34 8.68
CA VAL B 143 -43.68 -3.01 8.51
C VAL B 143 -43.73 -2.59 7.04
N ALA B 144 -43.35 -3.49 6.16
CA ALA B 144 -43.32 -3.17 4.74
C ALA B 144 -43.38 -4.42 3.90
N THR B 145 -43.66 -4.25 2.61
CA THR B 145 -43.71 -5.36 1.67
C THR B 145 -43.00 -4.95 0.37
N ASN B 146 -42.67 -5.91 -0.50
CA ASN B 146 -41.96 -5.59 -1.72
C ASN B 146 -42.79 -4.93 -2.79
N THR B 147 -42.17 -3.98 -3.47
CA THR B 147 -42.80 -3.23 -4.56
C THR B 147 -42.59 -4.05 -5.82
N ASP B 148 -43.63 -4.27 -6.60
CA ASP B 148 -43.53 -5.05 -7.84
C ASP B 148 -42.20 -5.81 -8.01
N GLY B 149 -41.43 -5.43 -9.04
CA GLY B 149 -40.15 -6.06 -9.28
C GLY B 149 -39.15 -5.77 -8.16
N LYS B 150 -38.85 -4.49 -7.98
CA LYS B 150 -37.91 -4.01 -6.96
C LYS B 150 -37.52 -4.99 -5.86
N ASN B 151 -36.25 -4.92 -5.49
CA ASN B 151 -35.66 -5.81 -4.48
C ASN B 151 -35.72 -5.28 -3.05
N TYR B 152 -36.51 -4.25 -2.81
CA TYR B 152 -36.63 -3.70 -1.47
C TYR B 152 -38.12 -3.50 -1.19
N CYS B 153 -38.46 -3.33 0.10
CA CYS B 153 -39.85 -3.13 0.52
C CYS B 153 -40.23 -1.65 0.59
N GLY B 154 -40.77 -1.13 -0.51
CA GLY B 154 -41.14 0.27 -0.57
C GLY B 154 -42.56 0.56 -0.12
N LEU B 155 -43.37 -0.47 0.05
CA LEU B 155 -44.75 -0.29 0.48
C LEU B 155 -44.86 -0.62 1.94
N PRO B 156 -45.58 0.20 2.71
CA PRO B 156 -45.75 -0.05 4.15
C PRO B 156 -46.85 -1.08 4.37
N GLY B 157 -46.69 -1.95 5.36
CA GLY B 157 -47.73 -2.93 5.63
C GLY B 157 -48.58 -2.36 6.76
N GLU B 158 -49.51 -3.15 7.28
CA GLU B 158 -50.33 -2.67 8.38
C GLU B 158 -49.61 -3.10 9.66
N TYR B 159 -49.41 -2.18 10.60
CA TYR B 159 -48.70 -2.54 11.82
C TYR B 159 -48.75 -1.51 12.95
N TRP B 160 -48.29 -1.96 14.11
CA TRP B 160 -48.21 -1.15 15.32
C TRP B 160 -46.77 -1.29 15.83
N LEU B 161 -45.99 -0.25 15.62
CA LEU B 161 -44.59 -0.26 16.00
C LEU B 161 -44.26 -0.97 17.32
N GLY B 162 -45.03 -0.65 18.36
CA GLY B 162 -44.79 -1.23 19.67
C GLY B 162 -44.71 -0.11 20.70
N ASN B 163 -45.56 -0.17 21.72
CA ASN B 163 -45.61 0.85 22.77
C ASN B 163 -44.27 1.17 23.44
N ASP B 164 -43.42 0.17 23.67
CA ASP B 164 -42.13 0.45 24.30
C ASP B 164 -41.32 1.35 23.38
N LYS B 165 -41.21 0.97 22.11
CA LYS B 165 -40.46 1.72 21.11
C LYS B 165 -41.01 3.11 20.91
N ILE B 166 -42.33 3.21 20.74
CA ILE B 166 -42.99 4.49 20.56
C ILE B 166 -42.70 5.42 21.74
N SER B 167 -42.88 4.94 22.95
CA SER B 167 -42.61 5.78 24.11
C SER B 167 -41.20 6.35 24.05
N GLN B 168 -40.24 5.44 23.93
CA GLN B 168 -38.83 5.79 23.89
C GLN B 168 -38.55 6.79 22.79
N LEU B 169 -39.28 6.70 21.68
CA LEU B 169 -39.08 7.61 20.56
C LEU B 169 -39.58 9.02 20.85
N THR B 170 -40.73 9.11 21.51
CA THR B 170 -41.32 10.40 21.83
C THR B 170 -40.61 11.10 22.98
N ARG B 171 -39.88 10.33 23.76
CA ARG B 171 -39.18 10.90 24.91
C ARG B 171 -37.73 11.28 24.69
N MET B 172 -37.19 11.05 23.49
CA MET B 172 -35.81 11.42 23.20
C MET B 172 -35.73 12.95 23.11
N GLY B 173 -36.87 13.56 22.77
CA GLY B 173 -36.94 15.01 22.64
C GLY B 173 -38.33 15.45 22.19
N PRO B 174 -38.55 16.76 21.98
CA PRO B 174 -39.86 17.22 21.56
C PRO B 174 -40.23 16.44 20.30
N THR B 175 -41.43 15.89 20.26
CA THR B 175 -41.85 15.12 19.11
C THR B 175 -43.22 15.51 18.62
N GLU B 176 -43.36 15.62 17.30
CA GLU B 176 -44.67 15.95 16.77
C GLU B 176 -45.31 14.67 16.24
N LEU B 177 -46.63 14.73 16.04
CA LEU B 177 -47.41 13.61 15.58
C LEU B 177 -48.37 13.97 14.45
N LEU B 178 -48.29 13.24 13.34
CA LEU B 178 -49.17 13.47 12.22
C LEU B 178 -49.99 12.22 11.95
N ILE B 179 -51.31 12.39 12.07
CA ILE B 179 -52.27 11.32 11.85
C ILE B 179 -53.03 11.64 10.55
N GLU B 180 -53.06 10.67 9.63
CA GLU B 180 -53.73 10.84 8.35
C GLU B 180 -54.75 9.76 8.09
N MET B 181 -55.82 10.12 7.41
CA MET B 181 -56.88 9.18 7.12
C MET B 181 -57.61 9.54 5.82
N GLU B 182 -58.23 8.55 5.20
CA GLU B 182 -58.94 8.77 3.96
C GLU B 182 -60.18 7.86 3.84
N ASP B 183 -61.28 8.41 3.35
CA ASP B 183 -62.51 7.64 3.21
C ASP B 183 -62.49 6.77 1.97
N TRP B 184 -63.56 6.00 1.77
CA TRP B 184 -63.66 5.10 0.63
C TRP B 184 -64.14 5.82 -0.61
N LYS B 185 -64.08 7.13 -0.57
CA LYS B 185 -64.54 7.93 -1.69
C LYS B 185 -63.36 8.72 -2.26
N GLY B 186 -62.17 8.48 -1.72
CA GLY B 186 -60.98 9.18 -2.17
C GLY B 186 -60.50 10.34 -1.30
N ASP B 187 -61.42 11.03 -0.64
CA ASP B 187 -61.10 12.17 0.23
C ASP B 187 -60.19 11.86 1.43
N LYS B 188 -59.52 12.88 1.95
CA LYS B 188 -58.63 12.73 3.09
C LYS B 188 -58.52 14.01 3.91
N VAL B 189 -58.27 13.85 5.21
CA VAL B 189 -58.10 14.97 6.14
C VAL B 189 -56.96 14.53 7.06
N LYS B 190 -56.43 15.45 7.89
CA LYS B 190 -55.34 15.09 8.80
C LYS B 190 -55.42 15.76 10.17
N ALA B 191 -54.63 15.23 11.10
CA ALA B 191 -54.60 15.76 12.46
C ALA B 191 -53.15 15.92 12.89
N HIS B 192 -52.74 17.17 13.06
CA HIS B 192 -51.39 17.47 13.47
C HIS B 192 -51.34 17.87 14.92
N TYR B 193 -50.33 17.39 15.62
CA TYR B 193 -50.13 17.68 17.02
C TYR B 193 -48.67 17.99 17.18
N GLY B 194 -48.36 19.26 17.41
CA GLY B 194 -46.97 19.69 17.57
C GLY B 194 -46.29 19.07 18.77
N GLY B 195 -47.11 18.52 19.66
CA GLY B 195 -46.57 17.89 20.85
C GLY B 195 -47.19 16.52 21.02
N PHE B 196 -46.36 15.52 21.29
CA PHE B 196 -46.85 14.15 21.47
C PHE B 196 -45.92 13.35 22.38
N THR B 197 -46.49 12.71 23.40
CA THR B 197 -45.68 11.90 24.31
C THR B 197 -46.42 10.70 24.83
N VAL B 198 -45.69 9.59 24.97
CA VAL B 198 -46.23 8.34 25.49
C VAL B 198 -45.27 7.86 26.58
N GLN B 199 -45.78 7.74 27.80
CA GLN B 199 -44.98 7.30 28.93
C GLN B 199 -44.73 5.79 28.88
N ASN B 200 -43.79 5.30 29.70
CA ASN B 200 -43.46 3.88 29.73
C ASN B 200 -44.58 2.94 30.21
N GLU B 201 -44.24 1.66 30.31
CA GLU B 201 -45.21 0.64 30.71
C GLU B 201 -45.62 0.82 32.17
N ALA B 202 -44.66 1.23 32.99
CA ALA B 202 -44.93 1.48 34.39
C ALA B 202 -45.97 2.59 34.50
N ASN B 203 -46.03 3.47 33.50
CA ASN B 203 -47.00 4.56 33.50
C ASN B 203 -48.16 4.24 32.55
N LYS B 204 -48.30 2.96 32.25
CA LYS B 204 -49.36 2.47 31.39
C LYS B 204 -49.41 3.16 30.03
N TYR B 205 -48.25 3.65 29.57
CA TYR B 205 -48.14 4.31 28.27
C TYR B 205 -49.08 5.49 28.12
N GLN B 206 -49.24 6.25 29.18
CA GLN B 206 -50.14 7.40 29.18
C GLN B 206 -49.82 8.35 28.05
N ILE B 207 -50.87 8.72 27.30
CA ILE B 207 -50.68 9.60 26.16
C ILE B 207 -50.80 11.07 26.53
N SER B 208 -50.17 11.91 25.72
CA SER B 208 -50.19 13.34 25.94
C SER B 208 -49.98 14.05 24.60
N VAL B 209 -50.89 14.95 24.26
CA VAL B 209 -50.77 15.68 23.00
C VAL B 209 -51.18 17.16 23.13
N ASN B 210 -50.70 17.99 22.19
CA ASN B 210 -51.04 19.41 22.18
C ASN B 210 -50.69 20.04 20.82
N LYS B 211 -50.90 21.34 20.69
CA LYS B 211 -50.63 22.07 19.46
C LYS B 211 -51.27 21.40 18.25
N TYR B 212 -52.60 21.34 18.27
CA TYR B 212 -53.36 20.74 17.19
C TYR B 212 -53.56 21.69 16.01
N ARG B 213 -53.72 21.10 14.84
CA ARG B 213 -54.01 21.83 13.60
C ARG B 213 -54.31 20.78 12.56
N GLY B 214 -55.21 21.08 11.64
CA GLY B 214 -55.54 20.13 10.60
C GLY B 214 -56.95 20.23 10.04
N THR B 215 -57.40 19.19 9.35
CA THR B 215 -58.72 19.19 8.77
C THR B 215 -59.61 18.06 9.26
N ALA B 216 -59.07 17.19 10.10
CA ALA B 216 -59.88 16.09 10.58
C ALA B 216 -60.84 16.58 11.66
N GLY B 217 -60.27 17.15 12.72
CA GLY B 217 -61.02 17.64 13.85
C GLY B 217 -60.19 17.24 15.06
N ASN B 218 -60.12 18.10 16.08
CA ASN B 218 -59.31 17.79 17.25
C ASN B 218 -59.99 16.75 18.13
N ALA B 219 -60.01 15.50 17.67
CA ALA B 219 -60.64 14.40 18.40
C ALA B 219 -59.92 13.98 19.66
N LEU B 220 -58.59 13.95 19.62
CA LEU B 220 -57.81 13.52 20.76
C LEU B 220 -57.84 14.45 21.95
N MET B 221 -57.95 15.75 21.71
CA MET B 221 -57.94 16.73 22.77
C MET B 221 -59.29 17.25 23.19
N ASP B 222 -60.24 17.31 22.25
CA ASP B 222 -61.58 17.83 22.54
C ASP B 222 -62.70 16.81 22.66
N GLY B 223 -62.47 15.59 22.18
CA GLY B 223 -63.52 14.60 22.25
C GLY B 223 -64.43 14.74 21.03
N ALA B 224 -65.51 13.97 21.00
CA ALA B 224 -66.44 14.01 19.88
C ALA B 224 -67.17 15.33 19.79
N SER B 225 -67.13 15.94 18.61
CA SER B 225 -67.79 17.22 18.38
C SER B 225 -69.31 17.10 18.38
N GLN B 226 -69.83 15.93 18.02
CA GLN B 226 -71.28 15.69 17.99
C GLN B 226 -71.84 15.52 19.39
N LEU B 227 -70.97 15.22 20.35
CA LEU B 227 -71.42 15.02 21.73
C LEU B 227 -71.43 16.33 22.53
N MET B 228 -72.26 16.36 23.57
CA MET B 228 -72.40 17.54 24.42
C MET B 228 -71.99 17.28 25.87
N GLY B 229 -71.61 18.34 26.57
CA GLY B 229 -71.21 18.23 27.97
C GLY B 229 -70.26 17.11 28.34
N GLU B 230 -70.56 16.43 29.45
CA GLU B 230 -69.72 15.33 29.93
C GLU B 230 -69.65 14.17 28.94
N ASN B 231 -70.57 14.12 27.99
CA ASN B 231 -70.56 13.06 26.99
C ASN B 231 -69.33 13.24 26.12
N ARG B 232 -69.09 14.48 25.71
CA ARG B 232 -67.95 14.80 24.88
C ARG B 232 -66.71 14.58 25.70
N THR B 233 -66.64 15.28 26.82
CA THR B 233 -65.48 15.18 27.68
C THR B 233 -65.04 13.76 28.01
N MET B 234 -65.96 12.80 28.03
CA MET B 234 -65.54 11.43 28.34
C MET B 234 -64.97 10.67 27.14
N THR B 235 -64.95 11.31 25.97
CA THR B 235 -64.37 10.69 24.79
C THR B 235 -63.06 11.41 24.44
N ILE B 236 -62.55 12.20 25.39
CA ILE B 236 -61.29 12.91 25.23
C ILE B 236 -60.16 11.93 25.45
N HIS B 237 -59.18 11.94 24.55
CA HIS B 237 -58.06 11.02 24.62
C HIS B 237 -56.80 11.52 25.31
N ASN B 238 -56.58 12.83 25.24
CA ASN B 238 -55.40 13.42 25.86
C ASN B 238 -55.28 13.04 27.35
N GLY B 239 -54.17 12.42 27.72
CA GLY B 239 -53.98 12.04 29.11
C GLY B 239 -54.40 10.63 29.48
N MET B 240 -55.14 9.95 28.61
CA MET B 240 -55.59 8.59 28.90
C MET B 240 -54.45 7.59 28.97
N PHE B 241 -54.75 6.41 29.52
CA PHE B 241 -53.78 5.33 29.63
C PHE B 241 -54.10 4.37 28.47
N PHE B 242 -53.17 3.45 28.19
CA PHE B 242 -53.37 2.49 27.10
C PHE B 242 -54.11 1.23 27.58
N SER B 243 -55.09 0.77 26.80
CA SER B 243 -55.87 -0.41 27.16
C SER B 243 -55.98 -1.50 26.07
N THR B 244 -55.82 -2.76 26.48
CA THR B 244 -55.94 -3.90 25.60
C THR B 244 -57.03 -4.75 26.23
N TYR B 245 -57.75 -5.54 25.45
CA TYR B 245 -58.84 -6.33 26.02
C TYR B 245 -58.47 -7.25 27.19
N ASP B 246 -57.19 -7.40 27.47
CA ASP B 246 -56.76 -8.25 28.57
C ASP B 246 -56.15 -7.43 29.71
N ARG B 247 -56.15 -6.11 29.52
CA ARG B 247 -55.59 -5.17 30.49
C ARG B 247 -56.47 -3.91 30.48
N ASP B 248 -57.32 -3.76 31.49
CA ASP B 248 -58.24 -2.63 31.57
C ASP B 248 -57.73 -1.38 32.32
N ASN B 249 -57.45 -0.32 31.55
CA ASN B 249 -56.97 0.95 32.08
C ASN B 249 -57.81 2.12 31.56
N ASP B 250 -58.98 1.86 30.99
CA ASP B 250 -59.79 2.96 30.48
C ASP B 250 -60.39 3.78 31.59
N GLY B 251 -61.05 4.87 31.21
CA GLY B 251 -61.68 5.71 32.20
C GLY B 251 -63.12 5.29 32.41
N TRP B 252 -63.44 4.05 32.05
CA TRP B 252 -64.81 3.56 32.21
C TRP B 252 -64.90 2.79 33.51
N LEU B 253 -64.93 3.52 34.63
CA LEU B 253 -64.96 2.92 35.97
C LEU B 253 -66.19 2.08 36.24
N THR B 254 -66.01 0.75 36.18
CA THR B 254 -67.09 -0.20 36.41
C THR B 254 -66.56 -1.60 36.72
N SER B 255 -67.30 -2.34 37.54
CA SER B 255 -66.92 -3.69 37.95
C SER B 255 -67.39 -4.80 37.02
N ASP B 256 -68.27 -4.47 36.07
CA ASP B 256 -68.73 -5.49 35.13
C ASP B 256 -67.60 -5.78 34.15
N PRO B 257 -67.05 -7.00 34.17
CA PRO B 257 -65.95 -7.37 33.26
C PRO B 257 -66.28 -7.19 31.76
N ARG B 258 -67.55 -7.18 31.43
CA ARG B 258 -67.96 -7.03 30.03
C ARG B 258 -67.90 -5.58 29.62
N LYS B 259 -67.95 -4.68 30.58
CA LYS B 259 -67.93 -3.26 30.28
C LYS B 259 -66.56 -2.59 30.41
N GLN B 260 -65.77 -2.80 29.36
CA GLN B 260 -64.43 -2.26 29.22
C GLN B 260 -64.36 -1.85 27.75
N CYS B 261 -63.84 -0.65 27.49
CA CYS B 261 -63.73 -0.11 26.13
C CYS B 261 -63.02 -0.96 25.10
N SER B 262 -61.83 -1.44 25.47
CA SER B 262 -61.01 -2.25 24.56
C SER B 262 -61.78 -3.48 24.07
N LYS B 263 -62.37 -4.22 25.01
CA LYS B 263 -63.14 -5.40 24.67
C LYS B 263 -64.25 -5.07 23.70
N GLU B 264 -65.02 -4.02 24.01
CA GLU B 264 -66.14 -3.64 23.18
C GLU B 264 -65.81 -2.95 21.85
N ASP B 265 -64.82 -2.07 21.84
CA ASP B 265 -64.51 -1.35 20.60
C ASP B 265 -63.41 -1.89 19.70
N GLY B 266 -62.86 -3.05 20.01
CA GLY B 266 -61.87 -3.58 19.09
C GLY B 266 -60.42 -3.76 19.49
N GLY B 267 -59.62 -2.73 19.28
CA GLY B 267 -58.21 -2.86 19.58
C GLY B 267 -57.64 -2.12 20.78
N GLY B 268 -56.31 -2.06 20.82
CA GLY B 268 -55.61 -1.39 21.88
C GLY B 268 -55.60 0.10 21.60
N TRP B 269 -55.88 0.90 22.61
CA TRP B 269 -55.92 2.34 22.42
C TRP B 269 -55.94 3.07 23.75
N TRP B 270 -55.79 4.38 23.68
CA TRP B 270 -55.83 5.22 24.86
C TRP B 270 -57.30 5.59 25.08
N TYR B 271 -58.07 4.57 25.47
CA TYR B 271 -59.51 4.71 25.71
C TYR B 271 -59.80 5.48 26.97
N ASN B 272 -60.89 6.24 26.90
CA ASN B 272 -61.37 7.03 28.02
C ASN B 272 -62.72 6.39 28.36
N ARG B 273 -63.80 6.90 27.79
CA ARG B 273 -65.14 6.33 28.04
C ARG B 273 -66.12 6.72 26.95
N CYS B 274 -65.89 6.26 25.72
CA CYS B 274 -64.73 5.43 25.36
C CYS B 274 -63.78 6.10 24.40
N HIS B 275 -64.33 6.64 23.32
CA HIS B 275 -63.48 7.29 22.34
C HIS B 275 -64.19 8.29 21.44
N ALA B 276 -63.37 9.02 20.69
CA ALA B 276 -63.79 10.01 19.69
C ALA B 276 -63.03 9.57 18.42
N ALA B 277 -61.91 8.89 18.65
CA ALA B 277 -61.05 8.36 17.60
C ALA B 277 -60.67 6.92 17.94
N ASN B 278 -60.73 6.02 16.97
CA ASN B 278 -60.39 4.63 17.22
C ASN B 278 -59.56 4.08 16.06
N PRO B 279 -58.34 4.61 15.87
CA PRO B 279 -57.45 4.19 14.79
C PRO B 279 -57.22 2.67 14.71
N ASN B 280 -57.18 2.01 15.87
CA ASN B 280 -56.94 0.57 15.92
C ASN B 280 -58.20 -0.29 16.03
N GLY B 281 -59.31 0.26 15.58
CA GLY B 281 -60.55 -0.49 15.59
C GLY B 281 -60.59 -1.49 14.45
N ARG B 282 -61.75 -2.07 14.23
CA ARG B 282 -61.98 -3.08 13.20
C ARG B 282 -62.11 -2.53 11.79
N TYR B 283 -61.40 -3.13 10.84
CA TYR B 283 -61.42 -2.67 9.46
C TYR B 283 -62.66 -3.05 8.63
N TYR B 284 -63.72 -2.26 8.77
CA TYR B 284 -64.94 -2.51 8.03
C TYR B 284 -64.71 -2.07 6.60
N TRP B 285 -65.01 -2.96 5.67
CA TRP B 285 -64.84 -2.70 4.25
C TRP B 285 -66.00 -1.88 3.70
N GLY B 286 -65.70 -0.94 2.82
CA GLY B 286 -66.75 -0.12 2.24
C GLY B 286 -67.00 1.16 3.02
N GLY B 287 -66.60 1.16 4.29
CA GLY B 287 -66.76 2.33 5.12
C GLY B 287 -67.97 2.34 6.05
N GLN B 288 -69.15 2.18 5.48
CA GLN B 288 -70.38 2.21 6.23
C GLN B 288 -70.72 0.92 6.98
N TYR B 289 -70.98 1.04 8.28
CA TYR B 289 -71.35 -0.10 9.08
C TYR B 289 -72.40 0.31 10.09
N THR B 290 -73.05 -0.67 10.71
CA THR B 290 -74.12 -0.42 11.69
C THR B 290 -73.92 -1.23 12.97
N TRP B 291 -74.80 -1.00 13.95
CA TRP B 291 -74.71 -1.68 15.23
C TRP B 291 -74.96 -3.20 15.18
N ASP B 292 -75.81 -3.64 14.26
CA ASP B 292 -76.12 -5.07 14.13
C ASP B 292 -75.09 -5.78 13.26
N MET B 293 -73.99 -5.08 12.99
CA MET B 293 -72.88 -5.61 12.22
C MET B 293 -71.71 -5.78 13.19
N ALA B 294 -71.64 -4.86 14.16
CA ALA B 294 -70.58 -4.84 15.17
C ALA B 294 -70.75 -5.93 16.23
N LYS B 295 -69.66 -6.64 16.50
CA LYS B 295 -69.63 -7.73 17.48
C LYS B 295 -70.42 -7.43 18.76
N HIS B 296 -70.14 -6.29 19.37
CA HIS B 296 -70.79 -5.89 20.62
C HIS B 296 -71.75 -4.74 20.42
N GLY B 297 -72.16 -4.50 19.18
CA GLY B 297 -73.11 -3.43 18.88
C GLY B 297 -72.65 -2.00 19.11
N THR B 298 -71.34 -1.79 19.22
CA THR B 298 -70.80 -0.46 19.43
C THR B 298 -70.01 -0.04 18.19
N ASP B 299 -69.58 1.22 18.17
CA ASP B 299 -68.81 1.75 17.04
C ASP B 299 -67.34 1.35 17.16
N ASP B 300 -67.04 0.12 16.78
CA ASP B 300 -65.70 -0.43 16.89
C ASP B 300 -64.83 -0.41 15.63
N GLY B 301 -65.15 0.46 14.66
CA GLY B 301 -64.35 0.51 13.46
C GLY B 301 -63.19 1.48 13.55
N VAL B 302 -62.50 1.68 12.42
CA VAL B 302 -61.38 2.61 12.33
C VAL B 302 -62.10 3.97 12.25
N VAL B 303 -62.52 4.46 13.41
CA VAL B 303 -63.30 5.70 13.49
C VAL B 303 -62.59 6.98 13.90
N TRP B 304 -63.09 8.08 13.38
CA TRP B 304 -62.62 9.42 13.72
C TRP B 304 -63.90 10.23 13.71
N MET B 305 -64.67 10.07 14.79
CA MET B 305 -65.95 10.73 14.94
C MET B 305 -65.98 12.16 14.43
N ASN B 306 -65.00 12.96 14.84
CA ASN B 306 -64.92 14.37 14.45
C ASN B 306 -64.95 14.63 12.96
N TRP B 307 -64.81 13.60 12.14
CA TRP B 307 -64.86 13.83 10.70
C TRP B 307 -66.04 13.12 10.02
N LYS B 308 -66.34 11.88 10.40
CA LYS B 308 -67.45 11.18 9.77
C LYS B 308 -68.39 10.45 10.72
N GLY B 309 -68.37 10.81 11.98
CA GLY B 309 -69.25 10.13 12.93
C GLY B 309 -68.67 8.81 13.35
N SER B 310 -69.43 8.02 14.10
CA SER B 310 -68.88 6.76 14.54
C SER B 310 -69.25 5.58 13.65
N TRP B 311 -70.12 5.82 12.68
CA TRP B 311 -70.53 4.72 11.81
C TRP B 311 -69.89 4.72 10.43
N TYR B 312 -68.61 5.07 10.43
CA TYR B 312 -67.81 5.08 9.21
C TYR B 312 -66.39 4.65 9.56
N SER B 313 -65.96 3.56 8.93
CA SER B 313 -64.63 2.98 9.11
C SER B 313 -63.74 3.45 7.94
N MET B 314 -62.76 4.29 8.24
CA MET B 314 -61.83 4.85 7.24
C MET B 314 -61.24 3.78 6.32
N ARG B 315 -60.79 4.18 5.12
CA ARG B 315 -60.17 3.23 4.20
C ARG B 315 -58.68 3.21 4.47
N LYS B 316 -58.15 4.35 4.90
CA LYS B 316 -56.74 4.49 5.26
C LYS B 316 -56.63 5.28 6.57
N MET B 317 -55.70 4.89 7.43
CA MET B 317 -55.46 5.54 8.72
C MET B 317 -54.01 5.31 9.06
N SER B 318 -53.31 6.37 9.47
CA SER B 318 -51.89 6.22 9.79
C SER B 318 -51.43 7.20 10.85
N MET B 319 -50.37 6.84 11.58
CA MET B 319 -49.80 7.69 12.61
C MET B 319 -48.29 7.78 12.43
N LYS B 320 -47.80 8.97 12.16
CA LYS B 320 -46.36 9.20 11.96
C LYS B 320 -45.80 10.16 13.00
N ILE B 321 -44.56 9.96 13.39
CA ILE B 321 -43.92 10.83 14.38
C ILE B 321 -42.57 11.40 13.86
N ARG B 322 -42.17 12.54 14.39
CA ARG B 322 -40.94 13.18 13.96
C ARG B 322 -40.48 14.21 14.97
N PRO B 323 -39.15 14.32 15.18
CA PRO B 323 -38.61 15.30 16.12
C PRO B 323 -39.25 16.64 15.78
N PHE B 324 -39.56 17.45 16.79
CA PHE B 324 -40.25 18.70 16.56
C PHE B 324 -39.61 19.91 15.91
N PHE B 325 -38.60 20.49 16.56
CA PHE B 325 -38.03 21.70 16.01
C PHE B 325 -36.60 21.99 16.47
N PRO B 326 -36.30 21.77 17.78
CA PRO B 326 -34.96 22.02 18.33
C PRO B 326 -33.92 20.92 18.06
N THR C 15 -106.35 -28.80 12.98
CA THR C 15 -104.97 -28.71 13.55
C THR C 15 -103.91 -28.81 12.47
N HIS C 16 -102.73 -28.28 12.78
CA HIS C 16 -101.58 -28.30 11.85
C HIS C 16 -100.34 -27.60 12.40
N ASP C 17 -99.25 -28.34 12.45
CA ASP C 17 -98.00 -27.82 12.95
C ASP C 17 -96.99 -28.94 12.93
N SER C 18 -97.24 -29.94 12.10
CA SER C 18 -96.30 -31.05 11.97
C SER C 18 -95.11 -30.39 11.29
N SER C 19 -95.26 -29.09 11.06
CA SER C 19 -94.27 -28.25 10.42
C SER C 19 -93.54 -27.34 11.42
N ILE C 20 -94.20 -27.00 12.53
CA ILE C 20 -93.61 -26.14 13.57
C ILE C 20 -92.38 -26.79 14.20
N ARG C 21 -92.40 -28.12 14.26
CA ARG C 21 -91.28 -28.87 14.81
C ARG C 21 -90.17 -28.83 13.77
N TYR C 22 -90.56 -28.95 12.51
CA TYR C 22 -89.65 -28.92 11.37
C TYR C 22 -88.64 -27.79 11.53
N LEU C 23 -89.16 -26.57 11.57
CA LEU C 23 -88.37 -25.36 11.70
C LEU C 23 -87.64 -25.30 13.05
N GLN C 24 -88.37 -25.55 14.14
CA GLN C 24 -87.74 -25.52 15.46
C GLN C 24 -86.46 -26.34 15.38
N GLU C 25 -86.52 -27.42 14.62
CA GLU C 25 -85.36 -28.29 14.42
C GLU C 25 -84.26 -27.46 13.81
N ILE C 26 -84.54 -26.91 12.63
CA ILE C 26 -83.56 -26.10 11.92
C ILE C 26 -83.10 -24.95 12.79
N TYR C 27 -84.02 -24.27 13.47
CA TYR C 27 -83.62 -23.17 14.33
C TYR C 27 -82.55 -23.63 15.31
N ASN C 28 -82.85 -24.67 16.09
CA ASN C 28 -81.86 -25.20 17.03
C ASN C 28 -80.67 -25.74 16.26
N SER C 29 -80.96 -26.39 15.14
CA SER C 29 -79.93 -26.96 14.31
C SER C 29 -78.83 -25.95 14.04
N ASN C 30 -79.14 -24.94 13.23
CA ASN C 30 -78.15 -23.95 12.88
C ASN C 30 -77.69 -23.06 14.04
N ASN C 31 -78.37 -23.17 15.18
CA ASN C 31 -77.99 -22.38 16.36
C ASN C 31 -76.73 -23.03 16.90
N GLN C 32 -76.72 -24.36 16.86
CA GLN C 32 -75.60 -25.19 17.32
C GLN C 32 -74.51 -25.11 16.26
N LYS C 33 -74.94 -25.03 15.01
CA LYS C 33 -74.02 -24.93 13.88
C LYS C 33 -73.22 -23.64 14.07
N ILE C 34 -73.92 -22.58 14.44
CA ILE C 34 -73.32 -21.28 14.68
C ILE C 34 -72.27 -21.34 15.77
N VAL C 35 -72.59 -22.04 16.86
CA VAL C 35 -71.67 -22.17 17.99
C VAL C 35 -70.42 -22.94 17.59
N ASN C 36 -70.61 -24.00 16.81
CA ASN C 36 -69.47 -24.80 16.36
C ASN C 36 -68.56 -23.94 15.47
N LEU C 37 -69.18 -23.23 14.53
CA LEU C 37 -68.49 -22.36 13.58
C LEU C 37 -67.66 -21.25 14.22
N LYS C 38 -68.14 -20.68 15.31
CA LYS C 38 -67.42 -19.61 16.00
C LYS C 38 -66.14 -20.15 16.62
N GLU C 39 -66.19 -21.40 17.06
CA GLU C 39 -65.01 -22.04 17.63
C GLU C 39 -64.01 -22.25 16.50
N LYS C 40 -64.52 -22.71 15.36
CA LYS C 40 -63.68 -22.97 14.20
C LYS C 40 -63.06 -21.65 13.72
N VAL C 41 -63.73 -20.55 14.03
CA VAL C 41 -63.26 -19.22 13.68
C VAL C 41 -62.18 -18.78 14.66
N ALA C 42 -62.38 -19.10 15.93
CA ALA C 42 -61.40 -18.75 16.95
C ALA C 42 -60.07 -19.39 16.59
N GLN C 43 -60.14 -20.59 16.04
CA GLN C 43 -58.92 -21.28 15.67
C GLN C 43 -58.23 -20.57 14.50
N LEU C 44 -59.01 -20.09 13.53
CA LEU C 44 -58.43 -19.39 12.38
C LEU C 44 -57.67 -18.20 12.88
N GLU C 45 -58.32 -17.45 13.76
CA GLU C 45 -57.75 -16.26 14.36
C GLU C 45 -56.33 -16.50 14.90
N ALA C 46 -56.10 -17.68 15.48
CA ALA C 46 -54.78 -18.02 16.00
C ALA C 46 -53.81 -18.28 14.85
N GLN C 47 -54.34 -18.64 13.69
CA GLN C 47 -53.54 -18.91 12.50
C GLN C 47 -53.01 -17.62 11.87
N CYS C 48 -53.80 -16.55 12.00
CA CYS C 48 -53.47 -15.27 11.40
C CYS C 48 -53.07 -14.15 12.36
N GLN C 49 -52.04 -14.40 13.15
CA GLN C 49 -51.55 -13.42 14.12
C GLN C 49 -50.09 -13.06 13.81
N GLU C 50 -49.37 -14.03 13.22
CA GLU C 50 -47.97 -13.82 12.86
C GLU C 50 -47.81 -12.96 11.62
N PRO C 51 -46.69 -12.24 11.53
CA PRO C 51 -46.43 -11.38 10.36
C PRO C 51 -45.85 -12.31 9.29
N CYS C 52 -45.62 -11.80 8.09
CA CYS C 52 -45.04 -12.64 7.05
C CYS C 52 -43.59 -12.88 7.39
N LYS C 53 -43.04 -14.00 6.95
CA LYS C 53 -41.64 -14.31 7.21
C LYS C 53 -40.70 -13.44 6.36
N ASP C 54 -39.87 -12.63 7.02
CA ASP C 54 -38.92 -11.79 6.32
C ASP C 54 -37.69 -12.65 6.10
N THR C 55 -37.36 -12.89 4.83
CA THR C 55 -36.21 -13.72 4.48
C THR C 55 -34.86 -13.11 4.91
N VAL C 56 -34.79 -11.79 5.03
CA VAL C 56 -33.52 -11.17 5.41
C VAL C 56 -33.32 -10.99 6.91
N GLN C 57 -32.36 -11.76 7.43
CA GLN C 57 -32.02 -11.75 8.84
C GLN C 57 -30.57 -11.34 9.02
N ILE C 58 -30.29 -10.79 10.19
CA ILE C 58 -28.96 -10.32 10.54
C ILE C 58 -28.30 -11.28 11.51
N HIS C 59 -27.04 -11.61 11.25
CA HIS C 59 -26.31 -12.51 12.12
C HIS C 59 -25.95 -11.88 13.45
N ASP C 60 -25.73 -12.74 14.45
CA ASP C 60 -25.41 -12.31 15.79
C ASP C 60 -23.96 -11.91 16.07
N ILE C 61 -22.98 -12.58 15.46
CA ILE C 61 -21.59 -12.21 15.74
C ILE C 61 -21.29 -10.78 15.29
N THR C 62 -20.35 -10.14 15.98
CA THR C 62 -19.94 -8.78 15.67
C THR C 62 -18.42 -8.69 15.81
N GLY C 63 -17.83 -7.65 15.25
CA GLY C 63 -16.39 -7.49 15.33
C GLY C 63 -15.95 -6.15 14.76
N LYS C 64 -14.65 -5.92 14.73
CA LYS C 64 -14.12 -4.68 14.19
C LYS C 64 -14.36 -4.62 12.68
N ASP C 65 -14.30 -5.77 12.02
CA ASP C 65 -14.50 -5.87 10.58
C ASP C 65 -15.02 -7.26 10.29
N CYS C 66 -15.04 -7.66 9.02
CA CYS C 66 -15.53 -9.00 8.67
C CYS C 66 -14.52 -10.10 8.97
N GLN C 67 -13.22 -9.78 8.88
CA GLN C 67 -12.21 -10.79 9.17
C GLN C 67 -12.31 -11.17 10.63
N ASP C 68 -12.46 -10.15 11.47
CA ASP C 68 -12.59 -10.31 12.91
C ASP C 68 -13.79 -11.22 13.18
N ILE C 69 -14.86 -11.01 12.44
CA ILE C 69 -16.06 -11.81 12.59
C ILE C 69 -15.78 -13.24 12.15
N ALA C 70 -15.00 -13.38 11.08
CA ALA C 70 -14.67 -14.69 10.56
C ALA C 70 -13.86 -15.42 11.60
N ASN C 71 -12.88 -14.73 12.17
CA ASN C 71 -12.02 -15.32 13.17
C ASN C 71 -12.79 -15.79 14.40
N LYS C 72 -14.04 -15.36 14.50
CA LYS C 72 -14.88 -15.75 15.62
C LYS C 72 -15.81 -16.87 15.21
N GLY C 73 -15.38 -17.68 14.25
CA GLY C 73 -16.19 -18.81 13.81
C GLY C 73 -17.37 -18.56 12.86
N ALA C 74 -17.67 -17.30 12.54
CA ALA C 74 -18.77 -17.00 11.62
C ALA C 74 -18.54 -17.85 10.39
N LYS C 75 -19.60 -18.48 9.89
CA LYS C 75 -19.46 -19.38 8.74
C LYS C 75 -19.95 -18.91 7.39
N GLN C 76 -21.24 -18.58 7.28
CA GLN C 76 -21.82 -18.15 6.01
C GLN C 76 -21.77 -16.65 5.76
N SER C 77 -21.80 -16.28 4.48
CA SER C 77 -21.76 -14.89 4.08
C SER C 77 -23.15 -14.30 4.28
N GLY C 78 -23.21 -13.07 4.77
CA GLY C 78 -24.50 -12.43 4.98
C GLY C 78 -24.34 -11.09 5.65
N LEU C 79 -25.39 -10.64 6.31
CA LEU C 79 -25.40 -9.35 6.98
C LEU C 79 -25.01 -9.37 8.46
N TYR C 80 -23.98 -8.62 8.81
CA TYR C 80 -23.53 -8.54 10.19
C TYR C 80 -23.33 -7.10 10.60
N PHE C 81 -23.37 -6.82 11.89
CA PHE C 81 -23.10 -5.47 12.34
C PHE C 81 -21.62 -5.49 12.70
N ILE C 82 -20.92 -4.38 12.48
CA ILE C 82 -19.52 -4.30 12.87
C ILE C 82 -19.31 -2.92 13.47
N LYS C 83 -18.27 -2.79 14.27
CA LYS C 83 -18.00 -1.51 14.91
C LYS C 83 -16.50 -1.30 15.04
N PRO C 84 -15.89 -0.60 14.07
CA PRO C 84 -14.45 -0.32 14.07
C PRO C 84 -14.06 0.40 15.36
N LEU C 85 -12.78 0.36 15.69
CA LEU C 85 -12.28 0.98 16.90
C LEU C 85 -12.78 2.40 17.14
N LYS C 86 -12.50 3.30 16.20
CA LYS C 86 -12.93 4.69 16.35
C LYS C 86 -14.42 4.92 16.09
N ALA C 87 -15.14 3.89 15.65
CA ALA C 87 -16.58 4.02 15.37
C ALA C 87 -17.38 4.25 16.64
N ASN C 88 -18.16 5.33 16.66
CA ASN C 88 -18.96 5.65 17.83
C ASN C 88 -20.32 4.96 17.83
N GLN C 89 -20.68 4.35 16.71
CA GLN C 89 -21.95 3.66 16.58
C GLN C 89 -21.79 2.46 15.65
N GLN C 90 -22.36 1.32 16.01
CA GLN C 90 -22.25 0.12 15.18
C GLN C 90 -23.03 0.30 13.88
N PHE C 91 -22.60 -0.39 12.83
CA PHE C 91 -23.30 -0.31 11.57
C PHE C 91 -23.28 -1.63 10.82
N LEU C 92 -24.31 -1.81 9.99
CA LEU C 92 -24.50 -3.02 9.20
C LEU C 92 -23.64 -3.02 7.94
N VAL C 93 -23.14 -4.21 7.58
CA VAL C 93 -22.30 -4.39 6.40
C VAL C 93 -22.48 -5.81 5.87
N TYR C 94 -22.17 -6.04 4.60
CA TYR C 94 -22.26 -7.39 4.04
C TYR C 94 -20.89 -8.03 4.12
N CYS C 95 -20.84 -9.22 4.71
CA CYS C 95 -19.58 -9.92 4.86
C CYS C 95 -19.48 -11.14 3.94
N GLU C 96 -18.36 -11.25 3.23
CA GLU C 96 -18.12 -12.40 2.36
C GLU C 96 -17.11 -13.28 3.03
N ILE C 97 -17.55 -14.46 3.45
CA ILE C 97 -16.71 -15.43 4.13
C ILE C 97 -16.57 -16.68 3.29
N ASP C 98 -15.36 -16.92 2.79
CA ASP C 98 -15.08 -18.10 1.97
C ASP C 98 -14.93 -19.35 2.83
N GLY C 99 -14.74 -20.49 2.19
CA GLY C 99 -14.57 -21.72 2.94
C GLY C 99 -13.22 -21.78 3.63
N SER C 100 -12.29 -20.95 3.15
CA SER C 100 -10.94 -20.91 3.69
C SER C 100 -10.76 -20.04 4.93
N GLY C 101 -11.87 -19.61 5.54
CA GLY C 101 -11.78 -18.81 6.75
C GLY C 101 -11.51 -17.32 6.56
N ASN C 102 -11.55 -16.85 5.32
CA ASN C 102 -11.31 -15.44 5.02
C ASN C 102 -12.61 -14.64 5.03
N GLY C 103 -12.59 -13.50 5.71
CA GLY C 103 -13.77 -12.67 5.79
C GLY C 103 -13.61 -11.32 5.14
N TRP C 104 -14.25 -11.13 4.00
CA TRP C 104 -14.19 -9.86 3.29
C TRP C 104 -15.30 -8.91 3.68
N THR C 105 -14.97 -7.62 3.73
CA THR C 105 -15.93 -6.59 4.03
C THR C 105 -16.16 -5.91 2.69
N VAL C 106 -17.37 -6.06 2.16
CA VAL C 106 -17.74 -5.49 0.86
C VAL C 106 -18.29 -4.08 0.99
N PHE C 107 -17.73 -3.13 0.23
CA PHE C 107 -18.21 -1.76 0.32
C PHE C 107 -18.79 -1.17 -0.95
N GLN C 108 -18.81 -1.93 -2.05
CA GLN C 108 -19.40 -1.45 -3.29
C GLN C 108 -19.85 -2.64 -4.12
N LYS C 109 -20.98 -2.52 -4.79
CA LYS C 109 -21.51 -3.62 -5.60
C LYS C 109 -22.36 -3.15 -6.79
N ARG C 110 -22.18 -3.80 -7.94
CA ARG C 110 -22.97 -3.48 -9.14
C ARG C 110 -23.26 -4.83 -9.81
N LEU C 111 -24.52 -5.05 -10.21
CA LEU C 111 -24.90 -6.30 -10.87
C LEU C 111 -26.03 -6.15 -11.90
N ASP C 112 -26.86 -5.15 -11.71
CA ASP C 112 -27.95 -4.84 -12.64
C ASP C 112 -28.04 -3.34 -12.45
N GLY C 113 -28.86 -2.65 -13.22
CA GLY C 113 -28.90 -1.22 -13.03
C GLY C 113 -29.85 -0.73 -11.97
N SER C 114 -30.26 -1.59 -11.05
CA SER C 114 -31.23 -1.25 -10.01
C SER C 114 -31.06 0.04 -9.18
N VAL C 115 -29.84 0.36 -8.78
CA VAL C 115 -29.58 1.56 -7.97
C VAL C 115 -28.91 2.72 -8.73
N ASP C 116 -29.41 3.92 -8.47
CA ASP C 116 -28.91 5.13 -9.10
C ASP C 116 -27.64 5.59 -8.36
N PHE C 117 -26.54 5.72 -9.08
CA PHE C 117 -25.29 6.14 -8.44
C PHE C 117 -24.96 7.61 -8.59
N LYS C 118 -25.87 8.37 -9.17
CA LYS C 118 -25.64 9.80 -9.31
C LYS C 118 -26.12 10.39 -8.00
N LYS C 119 -25.28 10.29 -6.97
CA LYS C 119 -25.63 10.81 -5.64
C LYS C 119 -24.79 12.03 -5.24
N ASN C 120 -25.15 12.63 -4.13
CA ASN C 120 -24.43 13.82 -3.63
C ASN C 120 -23.43 13.45 -2.54
N TRP C 121 -22.67 14.46 -2.09
CA TRP C 121 -21.65 14.23 -1.08
C TRP C 121 -22.15 13.51 0.16
N ILE C 122 -23.23 13.99 0.74
CA ILE C 122 -23.77 13.36 1.92
C ILE C 122 -24.11 11.90 1.71
N GLN C 123 -24.64 11.57 0.54
CA GLN C 123 -25.01 10.19 0.26
C GLN C 123 -23.82 9.27 0.02
N TYR C 124 -22.77 9.78 -0.60
CA TYR C 124 -21.61 8.93 -0.82
C TYR C 124 -20.85 8.79 0.50
N LYS C 125 -21.09 9.75 1.40
CA LYS C 125 -20.46 9.79 2.71
C LYS C 125 -21.16 8.84 3.68
N GLU C 126 -22.48 8.92 3.72
CA GLU C 126 -23.28 8.09 4.60
C GLU C 126 -23.57 6.67 4.06
N GLY C 127 -23.74 6.55 2.75
CA GLY C 127 -24.01 5.26 2.16
C GLY C 127 -25.36 5.23 1.50
N PHE C 128 -25.53 4.40 0.48
CA PHE C 128 -26.81 4.26 -0.22
C PHE C 128 -26.94 2.92 -0.93
N GLY C 129 -28.16 2.58 -1.35
CA GLY C 129 -28.40 1.30 -1.99
C GLY C 129 -28.88 0.36 -0.90
N HIS C 130 -28.94 -0.94 -1.16
CA HIS C 130 -29.38 -1.87 -0.12
C HIS C 130 -28.43 -3.03 0.15
N LEU C 131 -28.51 -3.58 1.36
CA LEU C 131 -27.68 -4.69 1.77
C LEU C 131 -28.51 -5.97 1.84
N SER C 132 -28.07 -7.02 1.15
CA SER C 132 -28.80 -8.29 1.15
C SER C 132 -27.91 -9.41 1.65
N PRO C 133 -28.50 -10.43 2.27
CA PRO C 133 -27.77 -11.58 2.80
C PRO C 133 -27.24 -12.40 1.64
N THR C 134 -28.03 -12.44 0.59
CA THR C 134 -27.71 -13.17 -0.61
C THR C 134 -26.66 -12.48 -1.49
N GLY C 135 -26.19 -11.30 -1.05
CA GLY C 135 -25.20 -10.55 -1.82
C GLY C 135 -25.63 -10.28 -3.26
N THR C 136 -26.93 -10.16 -3.48
CA THR C 136 -27.48 -9.94 -4.81
C THR C 136 -28.06 -8.55 -4.93
N THR C 137 -27.40 -7.59 -4.31
CA THR C 137 -27.94 -6.26 -4.33
C THR C 137 -26.87 -5.16 -4.50
N GLU C 138 -27.26 -4.05 -5.12
CA GLU C 138 -26.32 -2.95 -5.35
C GLU C 138 -26.28 -1.97 -4.19
N PHE C 139 -25.11 -1.40 -3.93
CA PHE C 139 -24.97 -0.45 -2.84
C PHE C 139 -23.62 0.21 -2.78
N TRP C 140 -23.52 1.20 -1.90
CA TRP C 140 -22.28 1.90 -1.65
C TRP C 140 -22.25 2.16 -0.17
N LEU C 141 -21.46 1.37 0.56
CA LEU C 141 -21.34 1.57 1.99
C LEU C 141 -20.81 3.01 2.11
N GLY C 142 -21.22 3.75 3.11
CA GLY C 142 -20.71 5.11 3.21
C GLY C 142 -19.19 5.30 3.15
N ASN C 143 -18.76 6.47 2.70
CA ASN C 143 -17.35 6.80 2.63
C ASN C 143 -16.80 6.79 4.05
N GLU C 144 -17.58 7.34 4.98
CA GLU C 144 -17.17 7.43 6.38
C GLU C 144 -16.91 6.05 6.97
N LYS C 145 -17.75 5.08 6.62
CA LYS C 145 -17.58 3.72 7.14
C LYS C 145 -16.32 3.09 6.54
N ILE C 146 -16.08 3.37 5.26
CA ILE C 146 -14.91 2.83 4.57
C ILE C 146 -13.66 3.46 5.16
N HIS C 147 -13.75 4.72 5.58
CA HIS C 147 -12.62 5.41 6.18
C HIS C 147 -12.34 4.77 7.53
N LEU C 148 -13.39 4.62 8.32
CA LEU C 148 -13.28 4.05 9.65
C LEU C 148 -12.75 2.63 9.68
N ILE C 149 -13.10 1.83 8.69
CA ILE C 149 -12.62 0.45 8.65
C ILE C 149 -11.17 0.38 8.22
N SER C 150 -10.87 0.91 7.03
CA SER C 150 -9.52 0.88 6.47
C SER C 150 -8.39 1.49 7.30
N THR C 151 -8.71 2.42 8.19
CA THR C 151 -7.68 3.06 9.01
C THR C 151 -7.88 2.84 10.51
N GLN C 152 -8.87 2.03 10.87
CA GLN C 152 -9.18 1.78 12.26
C GLN C 152 -8.00 1.43 13.16
N SER C 153 -7.01 0.73 12.59
CA SER C 153 -5.86 0.33 13.36
C SER C 153 -4.57 0.28 12.53
N ALA C 154 -3.53 -0.26 13.15
CA ALA C 154 -2.22 -0.39 12.52
C ALA C 154 -2.29 -1.33 11.32
N ILE C 155 -2.87 -2.51 11.54
CA ILE C 155 -3.02 -3.53 10.49
C ILE C 155 -3.47 -2.91 9.16
N PRO C 156 -2.66 -3.10 8.09
CA PRO C 156 -3.01 -2.55 6.79
C PRO C 156 -4.05 -3.42 6.09
N TYR C 157 -4.86 -2.79 5.26
CA TYR C 157 -5.88 -3.49 4.50
C TYR C 157 -5.47 -3.66 3.06
N ALA C 158 -6.19 -4.53 2.36
CA ALA C 158 -5.96 -4.79 0.94
C ALA C 158 -7.31 -4.59 0.25
N LEU C 159 -7.29 -4.03 -0.95
CA LEU C 159 -8.51 -3.81 -1.70
C LEU C 159 -8.58 -4.75 -2.88
N ARG C 160 -9.73 -5.37 -3.10
CA ARG C 160 -9.87 -6.24 -4.26
C ARG C 160 -11.01 -5.71 -5.12
N VAL C 161 -10.70 -5.45 -6.38
CA VAL C 161 -11.69 -4.96 -7.32
C VAL C 161 -12.02 -6.16 -8.19
N GLU C 162 -13.28 -6.57 -8.17
CA GLU C 162 -13.69 -7.72 -8.98
C GLU C 162 -14.66 -7.28 -10.05
N LEU C 163 -14.37 -7.69 -11.29
CA LEU C 163 -15.16 -7.32 -12.44
C LEU C 163 -15.73 -8.52 -13.19
N GLU C 164 -16.85 -8.30 -13.88
CA GLU C 164 -17.48 -9.34 -14.68
C GLU C 164 -18.07 -8.65 -15.90
N ASP C 165 -17.72 -9.16 -17.07
CA ASP C 165 -18.23 -8.59 -18.31
C ASP C 165 -19.55 -9.27 -18.64
N TRP C 166 -20.08 -8.98 -19.82
CA TRP C 166 -21.35 -9.56 -20.26
C TRP C 166 -21.17 -10.88 -21.01
N ASN C 167 -20.06 -11.56 -20.77
CA ASN C 167 -19.79 -12.83 -21.42
C ASN C 167 -19.48 -13.89 -20.39
N GLY C 168 -19.67 -13.56 -19.11
CA GLY C 168 -19.39 -14.52 -18.06
C GLY C 168 -17.92 -14.64 -17.65
N ARG C 169 -17.08 -13.73 -18.11
CA ARG C 169 -15.67 -13.75 -17.75
C ARG C 169 -15.42 -12.79 -16.59
N THR C 170 -14.58 -13.18 -15.64
CA THR C 170 -14.28 -12.31 -14.51
C THR C 170 -12.77 -12.03 -14.36
N SER C 171 -12.45 -10.93 -13.69
CA SER C 171 -11.05 -10.54 -13.46
C SER C 171 -10.91 -9.74 -12.17
N THR C 172 -9.71 -9.69 -11.60
CA THR C 172 -9.50 -8.96 -10.35
C THR C 172 -8.32 -8.00 -10.41
N ALA C 173 -8.30 -7.07 -9.45
CA ALA C 173 -7.24 -6.08 -9.35
C ALA C 173 -7.05 -5.76 -7.88
N ASP C 174 -5.95 -6.26 -7.29
CA ASP C 174 -5.66 -6.03 -5.89
C ASP C 174 -4.74 -4.85 -5.64
N TYR C 175 -4.96 -4.17 -4.52
CA TYR C 175 -4.15 -3.03 -4.13
C TYR C 175 -3.82 -3.18 -2.65
N ALA C 176 -2.54 -3.03 -2.31
CA ALA C 176 -2.07 -3.16 -0.93
C ALA C 176 -1.96 -1.83 -0.18
N MET C 177 -2.16 -1.89 1.14
CA MET C 177 -2.08 -0.69 1.97
C MET C 177 -3.21 0.27 1.63
N PHE C 178 -4.37 -0.30 1.30
CA PHE C 178 -5.55 0.47 0.95
C PHE C 178 -6.05 1.22 2.17
N LYS C 179 -6.44 2.47 1.99
CA LYS C 179 -6.94 3.32 3.07
C LYS C 179 -7.69 4.49 2.50
N VAL C 180 -8.67 5.00 3.25
CA VAL C 180 -9.41 6.19 2.81
C VAL C 180 -9.26 7.27 3.88
N GLY C 181 -8.97 8.48 3.42
CA GLY C 181 -8.76 9.59 4.32
C GLY C 181 -9.99 10.08 5.05
N PRO C 182 -9.82 10.95 6.05
CA PRO C 182 -10.91 11.52 6.85
C PRO C 182 -11.73 12.44 5.95
N GLU C 183 -12.94 12.79 6.36
CA GLU C 183 -13.68 13.70 5.52
C GLU C 183 -12.90 15.02 5.47
N ALA C 184 -12.07 15.25 6.48
CA ALA C 184 -11.24 16.45 6.55
C ALA C 184 -10.32 16.56 5.33
N ASP C 185 -9.99 15.42 4.73
CA ASP C 185 -9.12 15.38 3.57
C ASP C 185 -9.93 14.78 2.39
N LYS C 186 -11.19 15.18 2.32
CA LYS C 186 -12.10 14.75 1.29
C LYS C 186 -12.08 13.27 0.93
N TYR C 187 -11.87 12.43 1.94
CA TYR C 187 -11.83 10.98 1.73
C TYR C 187 -10.87 10.54 0.62
N ARG C 188 -9.63 10.99 0.71
CA ARG C 188 -8.62 10.64 -0.30
C ARG C 188 -8.35 9.15 -0.39
N LEU C 189 -8.20 8.68 -1.63
CA LEU C 189 -7.89 7.27 -1.90
C LEU C 189 -6.38 7.11 -1.91
N THR C 190 -5.89 6.14 -1.14
CA THR C 190 -4.46 5.89 -1.07
C THR C 190 -4.17 4.40 -0.94
N TYR C 191 -3.15 3.95 -1.65
CA TYR C 191 -2.73 2.56 -1.59
C TYR C 191 -1.22 2.57 -1.89
N ALA C 192 -0.49 1.62 -1.32
CA ALA C 192 0.95 1.57 -1.53
C ALA C 192 1.30 1.17 -2.96
N TYR C 193 0.84 -0.02 -3.38
CA TYR C 193 1.16 -0.49 -4.71
C TYR C 193 0.13 -1.48 -5.24
N PHE C 194 0.12 -1.63 -6.56
CA PHE C 194 -0.76 -2.56 -7.22
C PHE C 194 -0.19 -3.94 -6.96
N ALA C 195 -0.99 -4.84 -6.40
CA ALA C 195 -0.55 -6.19 -6.08
C ALA C 195 -0.86 -7.28 -7.13
N GLY C 196 -1.22 -6.89 -8.36
CA GLY C 196 -1.52 -7.89 -9.37
C GLY C 196 -2.99 -8.21 -9.62
N GLY C 197 -3.24 -9.04 -10.64
CA GLY C 197 -4.59 -9.45 -11.01
C GLY C 197 -4.77 -9.26 -12.50
N ASP C 198 -5.49 -10.17 -13.18
CA ASP C 198 -5.68 -10.05 -14.63
C ASP C 198 -6.56 -8.91 -15.17
N ALA C 199 -7.01 -8.04 -14.28
CA ALA C 199 -7.83 -6.90 -14.68
C ALA C 199 -6.95 -5.70 -14.94
N GLY C 200 -5.68 -5.79 -14.54
CA GLY C 200 -4.76 -4.68 -14.74
C GLY C 200 -4.87 -3.56 -13.72
N ASP C 201 -3.84 -2.73 -13.66
CA ASP C 201 -3.79 -1.61 -12.71
C ASP C 201 -4.29 -0.32 -13.37
N ALA C 202 -5.61 -0.12 -13.37
CA ALA C 202 -6.23 1.06 -13.98
C ALA C 202 -6.05 2.30 -13.12
N PHE C 203 -5.80 2.12 -11.82
CA PHE C 203 -5.59 3.23 -10.90
C PHE C 203 -4.25 3.89 -11.21
N ASP C 204 -3.53 3.34 -12.17
CA ASP C 204 -2.25 3.88 -12.55
C ASP C 204 -2.45 4.80 -13.73
N GLY C 205 -3.70 4.89 -14.19
CA GLY C 205 -4.03 5.72 -15.33
C GLY C 205 -3.84 4.92 -16.60
N PHE C 206 -4.44 5.37 -17.70
CA PHE C 206 -4.26 4.66 -18.96
C PHE C 206 -3.81 5.59 -20.10
N ASP C 207 -2.88 5.10 -20.92
CA ASP C 207 -2.36 5.85 -22.04
C ASP C 207 -3.35 5.75 -23.22
N PHE C 208 -4.35 6.61 -23.25
CA PHE C 208 -5.34 6.59 -24.33
C PHE C 208 -4.77 7.15 -25.65
N GLY C 209 -3.53 7.62 -25.62
CA GLY C 209 -2.88 8.15 -26.83
C GLY C 209 -2.76 9.65 -27.01
N ASP C 210 -3.89 10.34 -26.91
CA ASP C 210 -3.96 11.80 -27.06
C ASP C 210 -2.71 12.58 -26.65
N ASP C 211 -2.83 13.17 -25.47
CA ASP C 211 -1.85 14.01 -24.82
C ASP C 211 -0.90 13.11 -24.04
N PRO C 212 0.39 13.46 -23.98
CA PRO C 212 1.32 12.63 -23.21
C PRO C 212 1.05 12.66 -21.71
N SER C 213 0.17 13.54 -21.27
CA SER C 213 -0.15 13.61 -19.85
C SER C 213 -1.41 12.77 -19.57
N ASP C 214 -1.78 11.96 -20.54
CA ASP C 214 -2.94 11.06 -20.43
C ASP C 214 -2.94 10.25 -19.17
N LYS C 215 -1.95 9.36 -19.12
CA LYS C 215 -1.75 8.44 -18.01
C LYS C 215 -1.70 9.18 -16.68
N PHE C 216 -1.08 10.36 -16.69
CA PHE C 216 -0.97 11.15 -15.49
C PHE C 216 -2.33 11.66 -14.97
N PHE C 217 -3.19 12.12 -15.85
CA PHE C 217 -4.50 12.64 -15.46
C PHE C 217 -5.63 11.63 -15.43
N THR C 218 -5.29 10.35 -15.43
CA THR C 218 -6.33 9.33 -15.38
C THR C 218 -5.94 8.26 -14.38
N SER C 219 -5.00 8.61 -13.50
CA SER C 219 -4.55 7.70 -12.45
C SER C 219 -5.38 8.14 -11.24
N HIS C 220 -5.61 7.22 -10.30
CA HIS C 220 -6.45 7.54 -9.15
C HIS C 220 -5.82 7.55 -7.79
N ASN C 221 -4.77 6.77 -7.60
CA ASN C 221 -4.10 6.75 -6.32
C ASN C 221 -3.84 8.18 -5.82
N GLY C 222 -4.23 8.47 -4.59
CA GLY C 222 -4.02 9.79 -4.03
C GLY C 222 -4.99 10.87 -4.45
N MET C 223 -6.11 10.50 -5.04
CA MET C 223 -7.11 11.49 -5.45
C MET C 223 -8.15 11.64 -4.37
N GLN C 224 -8.66 12.85 -4.19
CA GLN C 224 -9.71 13.10 -3.20
C GLN C 224 -11.03 12.76 -3.87
N PHE C 225 -12.01 12.35 -3.07
CA PHE C 225 -13.32 11.99 -3.58
C PHE C 225 -14.08 13.22 -4.08
N SER C 226 -14.92 13.04 -5.09
CA SER C 226 -15.69 14.15 -5.63
C SER C 226 -17.13 13.73 -6.00
N THR C 227 -18.06 14.66 -5.88
CA THR C 227 -19.44 14.44 -6.24
C THR C 227 -19.85 15.74 -6.93
N TRP C 228 -20.93 15.72 -7.70
CA TRP C 228 -21.35 16.94 -8.40
C TRP C 228 -21.30 18.16 -7.49
N ASP C 229 -21.73 18.01 -6.24
CA ASP C 229 -21.74 19.14 -5.32
C ASP C 229 -20.51 19.32 -4.42
N ASN C 230 -19.46 18.55 -4.64
CA ASN C 230 -18.25 18.70 -3.81
C ASN C 230 -17.06 18.30 -4.69
N ASP C 231 -16.60 19.27 -5.49
CA ASP C 231 -15.51 19.10 -6.45
C ASP C 231 -14.11 19.12 -5.84
N ASN C 232 -13.37 18.03 -6.01
CA ASN C 232 -12.01 17.93 -5.51
C ASN C 232 -11.11 17.25 -6.52
N ASP C 233 -11.47 17.34 -7.78
CA ASP C 233 -10.68 16.70 -8.83
C ASP C 233 -9.57 17.59 -9.38
N LYS C 234 -8.86 17.10 -10.39
CA LYS C 234 -7.77 17.85 -10.97
C LYS C 234 -8.19 18.38 -12.32
N PHE C 235 -9.49 18.64 -12.44
CA PHE C 235 -10.08 19.15 -13.67
C PHE C 235 -10.49 20.60 -13.40
N GLU C 236 -10.68 21.38 -14.46
CA GLU C 236 -11.12 22.77 -14.34
C GLU C 236 -12.64 22.72 -14.28
N GLY C 237 -13.19 21.63 -14.81
CA GLY C 237 -14.62 21.41 -14.81
C GLY C 237 -14.93 20.41 -13.70
N ASN C 238 -16.14 19.87 -13.69
CA ASN C 238 -16.53 18.92 -12.65
C ASN C 238 -16.72 17.51 -13.19
N CYS C 239 -15.74 16.64 -12.93
CA CYS C 239 -15.81 15.28 -13.43
C CYS C 239 -17.04 14.53 -12.96
N ALA C 240 -17.24 14.44 -11.65
CA ALA C 240 -18.39 13.73 -11.10
C ALA C 240 -19.72 14.26 -11.64
N GLU C 241 -19.78 15.58 -11.84
CA GLU C 241 -20.96 16.26 -12.37
C GLU C 241 -21.25 15.78 -13.80
N GLN C 242 -20.21 15.75 -14.63
CA GLN C 242 -20.35 15.31 -16.03
C GLN C 242 -20.62 13.82 -16.20
N ASP C 243 -19.78 12.99 -15.60
CA ASP C 243 -19.93 11.54 -15.70
C ASP C 243 -21.07 11.02 -14.83
N GLY C 244 -21.63 11.92 -14.02
CA GLY C 244 -22.74 11.58 -13.13
C GLY C 244 -22.52 10.49 -12.11
N SER C 245 -21.60 10.72 -11.18
CA SER C 245 -21.31 9.72 -10.15
C SER C 245 -20.48 10.32 -9.03
N GLY C 246 -20.10 9.48 -8.09
CA GLY C 246 -19.27 9.91 -6.99
C GLY C 246 -18.04 9.05 -7.17
N TRP C 247 -16.86 9.63 -7.11
CA TRP C 247 -15.64 8.86 -7.33
C TRP C 247 -14.42 9.73 -7.06
N TRP C 248 -13.25 9.11 -7.04
CA TRP C 248 -11.97 9.79 -6.81
C TRP C 248 -11.49 10.23 -8.19
N MET C 249 -12.02 11.36 -8.66
CA MET C 249 -11.69 11.89 -9.99
C MET C 249 -10.34 12.55 -10.10
N ASN C 250 -9.78 12.55 -11.31
CA ASN C 250 -8.48 13.12 -11.56
C ASN C 250 -8.34 13.69 -12.97
N LYS C 251 -9.41 14.24 -13.52
CA LYS C 251 -9.36 14.80 -14.87
C LYS C 251 -9.17 13.79 -16.03
N CYS C 252 -9.89 12.67 -16.00
CA CYS C 252 -10.83 12.35 -14.94
C CYS C 252 -10.61 10.93 -14.39
N HIS C 253 -10.63 9.92 -15.26
CA HIS C 253 -10.49 8.55 -14.78
C HIS C 253 -10.13 7.50 -15.83
N ALA C 254 -9.78 6.31 -15.35
CA ALA C 254 -9.43 5.16 -16.16
C ALA C 254 -10.08 3.94 -15.49
N GLY C 255 -10.59 4.16 -14.27
CA GLY C 255 -11.28 3.15 -13.48
C GLY C 255 -12.42 3.95 -12.91
N HIS C 256 -13.66 3.58 -13.22
CA HIS C 256 -14.82 4.34 -12.77
C HIS C 256 -15.95 3.36 -12.47
N LEU C 257 -15.88 2.70 -11.31
CA LEU C 257 -16.87 1.69 -10.97
C LEU C 257 -18.21 2.20 -10.42
N ASN C 258 -18.35 3.52 -10.26
CA ASN C 258 -19.61 4.08 -9.77
C ASN C 258 -20.31 4.78 -10.93
N GLY C 259 -19.88 4.48 -12.14
CA GLY C 259 -20.46 5.10 -13.32
C GLY C 259 -21.83 4.56 -13.69
N VAL C 260 -22.40 5.10 -14.75
CA VAL C 260 -23.72 4.69 -15.24
C VAL C 260 -23.72 3.24 -15.67
N TYR C 261 -24.75 2.50 -15.27
CA TYR C 261 -24.86 1.09 -15.65
C TYR C 261 -25.44 0.96 -17.05
N TYR C 262 -24.69 0.39 -17.97
CA TYR C 262 -25.20 0.21 -19.33
C TYR C 262 -25.46 -1.25 -19.55
N GLN C 263 -26.68 -1.55 -19.98
CA GLN C 263 -27.12 -2.92 -20.25
C GLN C 263 -26.40 -3.40 -21.49
N GLY C 264 -25.79 -4.58 -21.43
CA GLY C 264 -25.07 -5.10 -22.58
C GLY C 264 -23.62 -4.63 -22.63
N GLY C 265 -23.27 -3.70 -21.75
CA GLY C 265 -21.91 -3.19 -21.70
C GLY C 265 -21.54 -2.22 -22.79
N THR C 266 -21.76 -2.60 -24.05
CA THR C 266 -21.41 -1.75 -25.17
C THR C 266 -22.23 -0.46 -25.20
N TYR C 267 -21.55 0.67 -25.32
CA TYR C 267 -22.21 1.98 -25.40
C TYR C 267 -21.28 2.97 -26.12
N SER C 268 -21.80 4.13 -26.51
CA SER C 268 -20.99 5.11 -27.24
C SER C 268 -21.15 6.52 -26.70
N LYS C 269 -20.47 7.47 -27.33
CA LYS C 269 -20.57 8.87 -26.90
C LYS C 269 -21.91 9.48 -27.30
N ALA C 270 -22.60 8.82 -28.23
CA ALA C 270 -23.89 9.30 -28.70
C ALA C 270 -25.00 9.00 -27.70
N SER C 271 -24.76 8.04 -26.81
CA SER C 271 -25.75 7.67 -25.81
C SER C 271 -25.53 8.43 -24.51
N THR C 272 -24.32 8.95 -24.33
CA THR C 272 -23.99 9.70 -23.12
C THR C 272 -24.54 11.12 -23.23
N PRO C 273 -24.83 11.75 -22.09
CA PRO C 273 -25.37 13.12 -22.06
C PRO C 273 -24.38 14.20 -22.44
N ASN C 274 -23.15 14.08 -21.96
CA ASN C 274 -22.12 15.09 -22.23
C ASN C 274 -21.07 14.66 -23.24
N GLY C 275 -21.19 13.44 -23.75
CA GLY C 275 -20.25 12.94 -24.74
C GLY C 275 -19.07 12.13 -24.20
N TYR C 276 -18.83 12.16 -22.89
CA TYR C 276 -17.70 11.43 -22.33
C TYR C 276 -18.15 10.08 -21.78
N ASP C 277 -17.19 9.18 -21.62
CA ASP C 277 -17.42 7.84 -21.09
C ASP C 277 -17.73 7.95 -19.62
N ASN C 278 -18.97 7.63 -19.24
CA ASN C 278 -19.41 7.72 -17.85
C ASN C 278 -19.87 6.36 -17.33
N GLY C 279 -19.54 5.31 -18.07
CA GLY C 279 -19.91 3.97 -17.69
C GLY C 279 -19.01 3.39 -16.62
N ILE C 280 -19.28 2.14 -16.25
CA ILE C 280 -18.51 1.44 -15.23
C ILE C 280 -17.30 0.83 -15.92
N ILE C 281 -16.23 1.61 -16.07
CA ILE C 281 -15.06 1.14 -16.78
C ILE C 281 -13.84 0.76 -15.98
N TRP C 282 -12.97 0.00 -16.64
CA TRP C 282 -11.69 -0.43 -16.12
C TRP C 282 -10.84 -0.55 -17.39
N ALA C 283 -10.28 0.59 -17.78
CA ALA C 283 -9.47 0.73 -18.98
C ALA C 283 -8.46 -0.37 -19.25
N THR C 284 -7.75 -0.82 -18.21
CA THR C 284 -6.74 -1.86 -18.39
C THR C 284 -7.26 -3.27 -18.63
N TRP C 285 -8.59 -3.41 -18.76
CA TRP C 285 -9.17 -4.73 -18.99
C TRP C 285 -10.10 -4.68 -20.20
N LYS C 286 -10.84 -3.58 -20.34
CA LYS C 286 -11.75 -3.42 -21.47
C LYS C 286 -11.76 -1.94 -21.89
N THR C 287 -12.23 -1.70 -23.12
CA THR C 287 -12.31 -0.35 -23.68
C THR C 287 -13.20 0.53 -22.81
N ARG C 288 -12.94 1.84 -22.78
CA ARG C 288 -13.75 2.72 -21.94
C ARG C 288 -15.18 2.78 -22.40
N TRP C 289 -15.46 2.20 -23.56
CA TRP C 289 -16.82 2.20 -24.08
C TRP C 289 -17.47 0.86 -23.85
N TYR C 290 -16.98 0.17 -22.82
CA TYR C 290 -17.51 -1.13 -22.43
C TYR C 290 -17.80 -1.07 -20.93
N SER C 291 -19.07 -1.02 -20.57
CA SER C 291 -19.49 -0.93 -19.17
C SER C 291 -19.63 -2.33 -18.59
N MET C 292 -19.07 -2.54 -17.41
CA MET C 292 -19.10 -3.84 -16.74
C MET C 292 -20.52 -4.30 -16.41
N LYS C 293 -20.66 -5.62 -16.26
CA LYS C 293 -21.94 -6.20 -15.94
C LYS C 293 -22.09 -6.29 -14.42
N LYS C 294 -20.99 -6.67 -13.75
CA LYS C 294 -20.97 -6.77 -12.29
C LYS C 294 -19.67 -6.13 -11.78
N THR C 295 -19.71 -5.66 -10.54
CA THR C 295 -18.58 -5.00 -9.91
C THR C 295 -18.60 -5.18 -8.40
N THR C 296 -17.43 -5.45 -7.83
CA THR C 296 -17.32 -5.63 -6.39
C THR C 296 -16.03 -5.01 -5.81
N MET C 297 -16.19 -4.17 -4.80
CA MET C 297 -15.07 -3.55 -4.12
C MET C 297 -15.10 -4.00 -2.67
N LYS C 298 -14.17 -4.88 -2.31
CA LYS C 298 -14.09 -5.43 -0.97
C LYS C 298 -12.70 -5.35 -0.37
N ILE C 299 -12.62 -5.24 0.96
CA ILE C 299 -11.34 -5.18 1.65
C ILE C 299 -11.17 -6.31 2.67
N ILE C 300 -9.93 -6.55 3.08
CA ILE C 300 -9.62 -7.61 4.04
C ILE C 300 -8.19 -7.35 4.54
N PRO C 301 -7.89 -7.66 5.82
CA PRO C 301 -6.53 -7.43 6.34
C PRO C 301 -5.49 -7.98 5.37
N PHE C 302 -4.47 -7.19 5.04
CA PHE C 302 -3.46 -7.59 4.07
C PHE C 302 -2.80 -8.94 4.36
N ASN C 303 -2.45 -9.15 5.63
CA ASN C 303 -1.82 -10.39 6.05
C ASN C 303 -2.64 -11.63 5.71
N ARG C 304 -3.88 -11.42 5.29
CA ARG C 304 -4.80 -12.51 4.97
C ARG C 304 -4.65 -13.07 3.55
N LEU C 305 -3.97 -12.31 2.71
CA LEU C 305 -3.75 -12.70 1.32
C LEU C 305 -2.38 -13.39 1.14
N THR C 306 -1.42 -12.98 1.96
CA THR C 306 -0.06 -13.52 1.92
C THR C 306 0.01 -15.02 2.28
N LEU D 25 102.16 -0.73 -10.38
CA LEU D 25 101.05 -0.92 -11.38
C LEU D 25 99.72 -1.13 -10.65
N LEU D 26 99.53 -0.39 -9.55
CA LEU D 26 98.31 -0.48 -8.76
C LEU D 26 97.26 0.43 -9.38
N GLN D 27 97.71 1.28 -10.30
CA GLN D 27 96.81 2.21 -10.98
C GLN D 27 95.71 1.50 -11.77
N LYS D 28 95.95 0.24 -12.13
CA LYS D 28 94.96 -0.53 -12.88
C LYS D 28 93.95 -1.14 -11.91
N ASN D 29 94.21 -0.96 -10.62
CA ASN D 29 93.32 -1.49 -9.59
C ASN D 29 92.42 -0.40 -9.01
N VAL D 30 92.90 0.84 -9.03
CA VAL D 30 92.10 1.96 -8.55
C VAL D 30 91.24 2.40 -9.73
N ARG D 31 91.73 2.15 -10.94
CA ARG D 31 90.99 2.45 -12.15
C ARG D 31 90.05 1.25 -12.23
N ALA D 32 89.63 0.81 -11.05
CA ALA D 32 88.72 -0.32 -10.87
C ALA D 32 88.11 -0.23 -9.47
N GLN D 33 88.93 -0.47 -8.44
CA GLN D 33 88.45 -0.41 -7.06
C GLN D 33 87.85 0.95 -6.70
N LEU D 34 88.12 1.95 -7.53
CA LEU D 34 87.56 3.27 -7.28
C LEU D 34 86.24 3.30 -8.05
N VAL D 35 86.30 2.90 -9.32
CA VAL D 35 85.10 2.89 -10.16
C VAL D 35 84.10 1.83 -9.67
N ASP D 36 84.63 0.75 -9.10
CA ASP D 36 83.83 -0.34 -8.55
C ASP D 36 83.00 0.21 -7.41
N MET D 37 83.63 1.07 -6.62
CA MET D 37 83.02 1.71 -5.47
C MET D 37 81.95 2.68 -5.97
N LYS D 38 82.25 3.32 -7.10
CA LYS D 38 81.35 4.28 -7.72
C LYS D 38 80.07 3.55 -8.18
N ARG D 39 80.23 2.32 -8.66
CA ARG D 39 79.10 1.51 -9.11
C ARG D 39 78.34 0.94 -7.92
N LEU D 40 79.08 0.54 -6.88
CA LEU D 40 78.48 -0.01 -5.67
C LEU D 40 77.68 1.00 -4.86
N GLU D 41 78.24 2.18 -4.66
CA GLU D 41 77.53 3.19 -3.89
C GLU D 41 76.20 3.43 -4.58
N VAL D 42 76.25 3.59 -5.91
CA VAL D 42 75.05 3.81 -6.73
C VAL D 42 74.06 2.64 -6.60
N ASP D 43 74.55 1.43 -6.82
CA ASP D 43 73.72 0.24 -6.69
C ASP D 43 72.98 0.29 -5.36
N ILE D 44 73.73 0.30 -4.25
CA ILE D 44 73.15 0.36 -2.92
C ILE D 44 72.13 1.52 -2.78
N ASP D 45 72.46 2.69 -3.34
CA ASP D 45 71.53 3.80 -3.26
C ASP D 45 70.18 3.46 -3.90
N ILE D 46 70.22 2.81 -5.07
CA ILE D 46 69.00 2.40 -5.79
C ILE D 46 68.31 1.25 -5.07
N LYS D 47 69.12 0.27 -4.63
CA LYS D 47 68.64 -0.89 -3.90
C LYS D 47 67.91 -0.45 -2.65
N ILE D 48 68.56 0.44 -1.90
CA ILE D 48 67.98 0.95 -0.66
C ILE D 48 66.69 1.72 -0.92
N ARG D 49 66.67 2.53 -1.97
CA ARG D 49 65.45 3.28 -2.24
C ARG D 49 64.29 2.34 -2.61
N SER D 50 64.61 1.23 -3.28
CA SER D 50 63.59 0.25 -3.70
C SER D 50 62.90 -0.47 -2.56
N CYS D 51 63.37 -0.23 -1.34
CA CYS D 51 62.81 -0.85 -0.14
C CYS D 51 61.81 0.11 0.46
N ARG D 52 61.80 1.32 -0.09
CA ARG D 52 60.90 2.35 0.38
C ARG D 52 59.46 1.85 0.23
N GLY D 53 59.26 0.94 -0.73
CA GLY D 53 57.94 0.40 -1.00
C GLY D 53 57.70 -1.00 -0.52
N SER D 54 58.53 -1.50 0.40
CA SER D 54 58.37 -2.85 0.93
C SER D 54 58.50 -2.88 2.46
N CYS D 55 59.42 -2.06 2.99
CA CYS D 55 59.68 -2.00 4.43
C CYS D 55 59.17 -0.70 5.06
N SER D 56 59.08 -0.67 6.38
CA SER D 56 58.57 0.50 7.12
C SER D 56 59.06 1.85 6.60
N ARG D 57 60.28 1.91 6.08
CA ARG D 57 60.82 3.14 5.52
C ARG D 57 62.17 2.93 4.84
N ALA D 58 62.59 3.90 4.05
CA ALA D 58 63.86 3.84 3.35
C ALA D 58 64.81 4.89 3.92
N LEU D 59 66.02 4.48 4.24
CA LEU D 59 67.02 5.37 4.80
C LEU D 59 67.21 6.58 3.90
N ALA D 60 67.00 7.78 4.44
CA ALA D 60 67.18 9.01 3.67
C ALA D 60 68.68 9.14 3.53
N ARG D 61 69.17 9.28 2.30
CA ARG D 61 70.60 9.35 2.09
C ARG D 61 70.98 10.04 0.80
N GLU D 62 72.28 10.27 0.64
CA GLU D 62 72.81 10.94 -0.54
C GLU D 62 74.13 10.29 -0.99
N VAL D 63 74.34 10.27 -2.31
CA VAL D 63 75.54 9.69 -2.90
C VAL D 63 76.47 10.79 -3.43
N ASP D 64 77.72 10.79 -2.97
CA ASP D 64 78.69 11.80 -3.41
C ASP D 64 79.51 11.32 -4.60
N LEU D 65 78.98 11.57 -5.80
CA LEU D 65 79.66 11.18 -7.03
C LEU D 65 80.86 12.08 -7.26
N LYS D 66 80.71 13.36 -6.92
CA LYS D 66 81.78 14.34 -7.09
C LYS D 66 83.09 13.86 -6.49
N ASP D 67 83.08 13.56 -5.20
CA ASP D 67 84.29 13.11 -4.52
C ASP D 67 84.91 11.95 -5.28
N TYR D 68 84.07 11.11 -5.89
CA TYR D 68 84.56 9.97 -6.66
C TYR D 68 85.25 10.43 -7.94
N GLU D 69 84.68 11.46 -8.58
CA GLU D 69 85.24 12.01 -9.81
C GLU D 69 86.57 12.70 -9.48
N ASP D 70 86.50 13.63 -8.52
CA ASP D 70 87.68 14.37 -8.09
C ASP D 70 88.75 13.40 -7.61
N GLN D 71 88.33 12.18 -7.27
CA GLN D 71 89.24 11.14 -6.81
C GLN D 71 89.90 10.55 -8.05
N GLN D 72 89.15 10.58 -9.15
CA GLN D 72 89.60 10.08 -10.43
C GLN D 72 90.15 11.21 -11.28
N LYS D 73 90.20 12.41 -10.69
CA LYS D 73 90.73 13.58 -11.39
C LYS D 73 92.24 13.56 -11.30
N GLN D 74 92.77 13.38 -10.09
CA GLN D 74 94.22 13.32 -9.89
C GLN D 74 94.74 11.97 -10.35
N LEU D 75 93.94 10.92 -10.14
CA LEU D 75 94.30 9.57 -10.56
C LEU D 75 94.41 9.60 -12.08
N GLU D 76 93.80 10.63 -12.66
CA GLU D 76 93.79 10.84 -14.11
C GLU D 76 94.93 11.75 -14.55
N GLN D 77 95.16 12.83 -13.79
CA GLN D 77 96.24 13.78 -14.10
C GLN D 77 97.61 13.13 -13.93
N VAL D 78 97.66 12.05 -13.12
CA VAL D 78 98.89 11.33 -12.87
C VAL D 78 98.97 10.03 -13.70
N ASN E 31 103.39 14.24 -2.79
CA ASN E 31 103.44 14.53 -4.25
C ASN E 31 102.67 13.47 -5.06
N LEU E 32 103.28 12.30 -5.17
CA LEU E 32 102.69 11.17 -5.88
C LEU E 32 102.38 10.10 -4.85
N ARG E 33 102.19 10.54 -3.62
CA ARG E 33 101.87 9.66 -2.51
C ARG E 33 100.39 9.84 -2.20
N VAL E 34 99.75 10.75 -2.94
CA VAL E 34 98.33 11.02 -2.76
C VAL E 34 97.54 9.78 -3.17
N LEU E 35 98.23 8.78 -3.71
CA LEU E 35 97.58 7.52 -4.09
C LEU E 35 97.41 6.75 -2.78
N ARG E 36 97.45 7.48 -1.69
CA ARG E 36 97.30 6.94 -0.35
C ARG E 36 95.98 7.46 0.23
N SER E 37 95.77 8.77 0.10
CA SER E 37 94.55 9.41 0.60
C SER E 37 93.29 8.79 -0.03
N ILE E 38 93.43 8.32 -1.26
CA ILE E 38 92.33 7.71 -2.00
C ILE E 38 91.89 6.41 -1.32
N LEU E 39 92.84 5.73 -0.68
CA LEU E 39 92.59 4.46 0.01
C LEU E 39 91.90 4.60 1.38
N GLU E 40 92.49 5.38 2.28
CA GLU E 40 91.90 5.59 3.59
C GLU E 40 90.51 6.16 3.37
N ASN E 41 90.37 6.85 2.24
CA ASN E 41 89.13 7.48 1.78
C ASN E 41 88.11 6.40 1.42
N LEU E 42 88.53 5.45 0.58
CA LEU E 42 87.66 4.36 0.17
C LEU E 42 87.29 3.51 1.39
N ARG E 43 88.29 3.17 2.18
CA ARG E 43 88.09 2.38 3.39
C ARG E 43 87.13 3.09 4.32
N SER E 44 87.13 4.42 4.31
CA SER E 44 86.21 5.15 5.16
C SER E 44 84.82 5.08 4.53
N LYS E 45 84.75 5.31 3.22
CA LYS E 45 83.48 5.26 2.48
C LYS E 45 82.74 3.98 2.89
N ILE E 46 83.50 2.90 2.99
CA ILE E 46 82.93 1.61 3.35
C ILE E 46 82.31 1.56 4.74
N GLN E 47 82.84 2.32 5.70
CA GLN E 47 82.25 2.31 7.03
C GLN E 47 80.88 2.93 6.90
N LYS E 48 80.81 3.96 6.06
CA LYS E 48 79.57 4.67 5.76
C LYS E 48 78.56 3.67 5.23
N LEU E 49 78.86 3.11 4.05
CA LEU E 49 77.99 2.15 3.39
C LEU E 49 77.50 1.02 4.28
N GLU E 50 78.42 0.30 4.92
CA GLU E 50 78.04 -0.80 5.80
C GLU E 50 77.00 -0.35 6.82
N SER E 51 77.28 0.80 7.44
CA SER E 51 76.40 1.37 8.44
C SER E 51 74.98 1.56 7.87
N ASP E 52 74.92 2.19 6.71
CA ASP E 52 73.67 2.47 6.03
C ASP E 52 72.91 1.22 5.64
N VAL E 53 73.59 0.26 5.06
CA VAL E 53 72.93 -0.99 4.65
C VAL E 53 72.37 -1.67 5.88
N SER E 54 73.20 -1.80 6.91
CA SER E 54 72.81 -2.41 8.17
C SER E 54 71.56 -1.74 8.74
N ALA E 55 71.47 -0.43 8.57
CA ALA E 55 70.32 0.33 9.06
C ALA E 55 69.06 0.00 8.28
N GLN E 56 69.17 -0.04 6.95
CA GLN E 56 68.03 -0.35 6.13
C GLN E 56 67.59 -1.74 6.51
N MET E 57 68.56 -2.63 6.66
CA MET E 57 68.30 -3.99 7.05
C MET E 57 67.41 -4.00 8.32
N GLU E 58 67.66 -3.03 9.19
CA GLU E 58 66.89 -2.90 10.42
C GLU E 58 65.43 -2.52 10.14
N TYR E 59 65.22 -1.48 9.34
CA TYR E 59 63.86 -1.04 9.00
C TYR E 59 63.07 -2.14 8.34
N CYS E 60 63.74 -3.01 7.61
CA CYS E 60 63.06 -4.09 6.90
C CYS E 60 62.60 -5.23 7.77
N ARG E 61 62.65 -5.03 9.08
CA ARG E 61 62.19 -6.04 10.02
C ARG E 61 60.68 -5.86 10.13
N THR E 62 60.24 -4.67 9.73
CA THR E 62 58.83 -4.30 9.76
C THR E 62 58.44 -3.80 8.36
N PRO E 63 57.39 -4.37 7.76
CA PRO E 63 56.92 -3.99 6.42
C PRO E 63 56.12 -2.70 6.38
N CYS E 64 56.04 -2.09 5.20
CA CYS E 64 55.24 -0.88 5.03
C CYS E 64 53.82 -1.42 4.88
N THR E 65 52.84 -0.60 5.20
CA THR E 65 51.45 -1.06 5.08
C THR E 65 50.57 0.07 4.56
N VAL E 66 49.43 -0.30 3.99
CA VAL E 66 48.45 0.63 3.44
C VAL E 66 47.07 0.15 3.85
N SER E 67 46.09 1.03 3.75
CA SER E 67 44.74 0.63 4.12
C SER E 67 43.81 1.23 3.09
N CYS E 68 43.65 0.51 1.99
CA CYS E 68 42.83 0.97 0.89
C CYS E 68 41.43 0.41 0.94
N ASN E 69 40.51 1.22 1.46
CA ASN E 69 39.12 0.81 1.53
C ASN E 69 38.65 0.89 0.10
N ILE E 70 37.93 -0.13 -0.30
CA ILE E 70 37.47 -0.24 -1.67
C ILE E 70 36.25 0.60 -2.07
N PRO E 71 36.42 1.42 -3.12
CA PRO E 71 35.35 2.28 -3.61
C PRO E 71 34.17 1.39 -4.02
N VAL E 72 32.95 1.81 -3.71
CA VAL E 72 31.79 0.99 -4.07
C VAL E 72 31.65 0.75 -5.57
N VAL E 73 31.71 1.81 -6.36
CA VAL E 73 31.56 1.67 -7.80
C VAL E 73 32.61 0.80 -8.46
N SER E 74 32.20 0.00 -9.44
CA SER E 74 33.10 -0.89 -10.15
C SER E 74 32.67 -1.08 -11.61
N GLY E 75 33.52 -1.73 -12.40
CA GLY E 75 33.22 -1.96 -13.81
C GLY E 75 34.27 -2.84 -14.47
N LYS E 76 34.28 -2.89 -15.80
CA LYS E 76 35.25 -3.71 -16.54
C LYS E 76 36.65 -3.09 -16.57
N GLU E 77 36.69 -1.76 -16.52
CA GLU E 77 37.94 -1.01 -16.51
C GLU E 77 37.69 0.37 -15.93
N CYS E 78 38.67 1.27 -16.04
CA CYS E 78 38.49 2.60 -15.47
C CYS E 78 37.56 3.48 -16.27
N GLU E 79 37.55 3.30 -17.59
CA GLU E 79 36.67 4.06 -18.46
C GLU E 79 35.22 3.86 -18.02
N GLU E 80 34.77 2.61 -17.99
CA GLU E 80 33.41 2.31 -17.58
C GLU E 80 33.13 2.91 -16.20
N ILE E 81 34.10 2.78 -15.30
CA ILE E 81 33.95 3.29 -13.95
C ILE E 81 33.72 4.80 -13.90
N ILE E 82 34.39 5.55 -14.76
CA ILE E 82 34.18 6.98 -14.73
C ILE E 82 32.84 7.28 -15.36
N ARG E 83 32.37 6.37 -16.20
CA ARG E 83 31.07 6.57 -16.80
C ARG E 83 29.98 6.18 -15.82
N LYS E 84 30.36 5.54 -14.71
CA LYS E 84 29.41 5.13 -13.69
C LYS E 84 29.44 6.09 -12.50
N GLY E 85 30.10 7.22 -12.68
CA GLY E 85 30.18 8.20 -11.61
C GLY E 85 31.52 8.33 -10.92
N GLY E 86 32.35 7.28 -10.92
CA GLY E 86 33.66 7.32 -10.28
C GLY E 86 34.51 8.47 -10.81
N GLU E 87 34.38 9.64 -10.20
CA GLU E 87 35.09 10.85 -10.63
C GLU E 87 36.52 11.00 -10.13
N THR E 88 36.79 10.54 -8.91
CA THR E 88 38.12 10.70 -8.34
C THR E 88 39.21 9.70 -8.80
N SER E 89 40.45 10.19 -8.85
CA SER E 89 41.60 9.37 -9.25
C SER E 89 42.08 8.59 -8.05
N GLU E 90 41.91 7.28 -8.09
CA GLU E 90 42.34 6.44 -6.98
C GLU E 90 42.31 4.97 -7.35
N MET E 91 42.49 4.13 -6.33
CA MET E 91 42.48 2.69 -6.51
C MET E 91 41.06 2.16 -6.49
N TYR E 92 40.65 1.57 -7.61
CA TYR E 92 39.33 1.00 -7.77
C TYR E 92 39.46 -0.50 -7.97
N LEU E 93 38.32 -1.15 -8.14
CA LEU E 93 38.27 -2.58 -8.38
C LEU E 93 37.63 -2.76 -9.77
N ILE E 94 38.24 -3.59 -10.63
CA ILE E 94 37.68 -3.81 -11.95
C ILE E 94 37.64 -5.30 -12.25
N GLN E 95 36.74 -5.71 -13.13
CA GLN E 95 36.64 -7.11 -13.53
C GLN E 95 36.37 -7.16 -15.03
N PRO E 96 37.45 -7.09 -15.83
CA PRO E 96 37.42 -7.10 -17.29
C PRO E 96 36.60 -8.23 -17.87
N ASP E 97 36.56 -9.36 -17.16
CA ASP E 97 35.78 -10.49 -17.65
C ASP E 97 35.19 -11.31 -16.52
N SER E 98 33.97 -11.79 -16.76
CA SER E 98 33.25 -12.59 -15.79
C SER E 98 34.02 -13.83 -15.34
N SER E 99 35.03 -14.24 -16.12
CA SER E 99 35.82 -15.41 -15.79
C SER E 99 36.96 -15.10 -14.80
N VAL E 100 37.54 -13.91 -14.96
CA VAL E 100 38.64 -13.46 -14.12
C VAL E 100 38.18 -12.85 -12.79
N LYS E 101 38.95 -13.08 -11.73
CA LYS E 101 38.63 -12.53 -10.42
C LYS E 101 38.81 -11.00 -10.44
N PRO E 102 37.91 -10.25 -9.79
CA PRO E 102 38.08 -8.79 -9.80
C PRO E 102 39.42 -8.39 -9.15
N TYR E 103 40.16 -7.49 -9.79
CA TYR E 103 41.42 -7.07 -9.23
C TYR E 103 41.53 -5.57 -9.04
N ARG E 104 42.52 -5.15 -8.26
CA ARG E 104 42.77 -3.74 -7.96
C ARG E 104 43.70 -3.10 -9.00
N VAL E 105 43.37 -1.88 -9.38
CA VAL E 105 44.15 -1.14 -10.34
C VAL E 105 43.96 0.34 -9.99
N TYR E 106 44.86 1.19 -10.44
CA TYR E 106 44.73 2.61 -10.14
C TYR E 106 44.10 3.31 -11.33
N CYS E 107 43.03 4.06 -11.10
CA CYS E 107 42.35 4.80 -12.16
C CYS E 107 42.74 6.30 -12.18
N ASP E 108 43.14 6.80 -13.35
CA ASP E 108 43.50 8.21 -13.52
C ASP E 108 42.31 8.89 -14.18
N MET E 109 41.39 9.41 -13.36
CA MET E 109 40.18 10.07 -13.86
C MET E 109 40.33 11.57 -14.13
N ASN E 110 41.56 12.06 -14.21
CA ASN E 110 41.80 13.48 -14.48
C ASN E 110 42.51 13.77 -15.78
N THR E 111 43.65 13.11 -16.00
CA THR E 111 44.44 13.29 -17.21
C THR E 111 43.61 13.03 -18.46
N GLU E 112 43.48 14.07 -19.28
CA GLU E 112 42.74 14.01 -20.54
C GLU E 112 41.41 13.25 -20.57
N ASN E 113 40.44 13.69 -19.77
CA ASN E 113 39.11 13.08 -19.73
C ASN E 113 38.89 11.83 -18.85
N GLY E 114 39.96 11.36 -18.21
CA GLY E 114 39.84 10.20 -17.34
C GLY E 114 39.48 8.91 -18.02
N GLY E 115 39.32 7.86 -17.24
CA GLY E 115 39.00 6.55 -17.80
C GLY E 115 40.28 5.77 -18.04
N TRP E 116 41.41 6.34 -17.61
CA TRP E 116 42.70 5.69 -17.77
C TRP E 116 42.97 4.64 -16.73
N THR E 117 43.46 3.49 -17.18
CA THR E 117 43.79 2.40 -16.31
C THR E 117 45.30 2.38 -16.30
N VAL E 118 45.88 2.68 -15.15
CA VAL E 118 47.34 2.68 -15.04
C VAL E 118 47.85 1.24 -15.09
N ILE E 119 48.82 1.01 -15.98
CA ILE E 119 49.43 -0.29 -16.20
C ILE E 119 50.83 -0.37 -15.61
N GLN E 120 51.53 0.75 -15.65
CA GLN E 120 52.88 0.82 -15.13
C GLN E 120 53.09 2.22 -14.61
N ASN E 121 53.90 2.36 -13.57
CA ASN E 121 54.14 3.67 -13.01
C ASN E 121 55.47 3.77 -12.27
N ARG E 122 56.14 4.90 -12.46
CA ARG E 122 57.42 5.18 -11.82
C ARG E 122 57.35 6.63 -11.32
N GLN E 123 57.84 6.88 -10.12
CA GLN E 123 57.83 8.23 -9.58
C GLN E 123 58.83 8.44 -8.43
N ASP E 124 59.31 7.36 -7.80
CA ASP E 124 60.26 7.52 -6.70
C ASP E 124 61.30 6.42 -6.47
N GLY E 125 61.26 5.35 -7.26
CA GLY E 125 62.22 4.29 -7.09
C GLY E 125 61.93 3.43 -5.88
N SER E 126 60.70 3.54 -5.38
CA SER E 126 60.28 2.78 -4.22
C SER E 126 60.12 1.29 -4.53
N VAL E 127 60.02 0.95 -5.81
CA VAL E 127 59.85 -0.46 -6.20
C VAL E 127 60.94 -0.98 -7.12
N ASP E 128 61.24 -2.27 -6.97
CA ASP E 128 62.25 -2.93 -7.78
C ASP E 128 61.63 -3.51 -9.07
N PHE E 129 62.14 -3.08 -10.22
CA PHE E 129 61.64 -3.56 -11.50
C PHE E 129 62.53 -4.62 -12.16
N GLY E 130 63.74 -4.82 -11.63
CA GLY E 130 64.63 -5.81 -12.19
C GLY E 130 64.19 -7.17 -11.68
N ARG E 131 63.10 -7.67 -12.24
CA ARG E 131 62.56 -8.95 -11.82
C ARG E 131 62.40 -9.98 -12.93
N LYS E 132 62.16 -11.22 -12.50
CA LYS E 132 62.00 -12.34 -13.43
C LYS E 132 60.66 -12.40 -14.13
N TRP E 133 60.52 -13.42 -14.96
CA TRP E 133 59.34 -13.66 -15.77
C TRP E 133 58.04 -13.82 -14.99
N ASP E 134 58.04 -14.72 -14.01
CA ASP E 134 56.83 -14.93 -13.24
C ASP E 134 56.26 -13.63 -12.68
N PRO E 135 57.11 -12.80 -12.02
CA PRO E 135 56.66 -11.52 -11.45
C PRO E 135 56.04 -10.56 -12.48
N TYR E 136 56.65 -10.46 -13.65
CA TYR E 136 56.11 -9.57 -14.69
C TYR E 136 54.85 -10.20 -15.30
N LYS E 137 54.71 -11.50 -15.14
CA LYS E 137 53.55 -12.25 -15.63
C LYS E 137 52.36 -11.97 -14.71
N GLN E 138 52.61 -12.14 -13.40
CA GLN E 138 51.62 -11.94 -12.35
C GLN E 138 51.36 -10.47 -12.04
N GLY E 139 52.43 -9.69 -12.04
CA GLY E 139 52.34 -8.28 -11.74
C GLY E 139 53.01 -8.06 -10.39
N PHE E 140 53.42 -6.83 -10.11
CA PHE E 140 54.09 -6.55 -8.85
C PHE E 140 54.09 -5.06 -8.50
N GLY E 141 54.48 -4.74 -7.26
CA GLY E 141 54.53 -3.35 -6.85
C GLY E 141 53.36 -2.94 -5.99
N ASN E 142 53.22 -1.64 -5.79
CA ASN E 142 52.12 -1.12 -4.98
C ASN E 142 51.19 -0.30 -5.88
N VAL E 143 49.97 -0.78 -6.02
CA VAL E 143 48.98 -0.11 -6.85
C VAL E 143 48.67 1.30 -6.36
N ALA E 144 48.53 1.46 -5.05
CA ALA E 144 48.23 2.77 -4.47
C ALA E 144 48.57 2.83 -2.99
N THR E 145 48.60 4.06 -2.45
CA THR E 145 48.90 4.27 -1.03
C THR E 145 47.97 5.36 -0.50
N ASN E 146 47.88 5.47 0.82
CA ASN E 146 46.98 6.44 1.44
C ASN E 146 47.28 7.93 1.25
N THR E 147 46.21 8.70 1.11
CA THR E 147 46.31 10.14 0.95
C THR E 147 46.30 10.70 2.37
N ASP E 148 47.32 11.49 2.72
CA ASP E 148 47.45 12.08 4.06
C ASP E 148 46.57 11.40 5.14
N GLY E 149 45.50 12.08 5.54
CA GLY E 149 44.59 11.57 6.54
C GLY E 149 43.50 10.65 6.00
N LYS E 150 42.96 10.98 4.82
CA LYS E 150 41.90 10.20 4.17
C LYS E 150 41.93 8.68 4.40
N ASN E 151 40.76 8.06 4.24
CA ASN E 151 40.57 6.63 4.44
C ASN E 151 40.68 5.80 3.15
N TYR E 152 41.29 6.38 2.12
CA TYR E 152 41.45 5.68 0.86
C TYR E 152 42.80 6.00 0.23
N CYS E 153 43.21 5.14 -0.69
CA CYS E 153 44.46 5.30 -1.39
C CYS E 153 44.28 6.09 -2.68
N GLY E 154 44.42 7.40 -2.58
CA GLY E 154 44.27 8.28 -3.73
C GLY E 154 45.60 8.58 -4.40
N LEU E 155 46.63 7.86 -3.99
CA LEU E 155 47.95 8.05 -4.58
C LEU E 155 48.41 6.78 -5.24
N PRO E 156 48.87 6.85 -6.48
CA PRO E 156 49.31 5.61 -7.09
C PRO E 156 50.68 5.26 -6.48
N GLY E 157 51.10 4.01 -6.61
CA GLY E 157 52.41 3.63 -6.10
C GLY E 157 53.14 3.21 -7.37
N GLU E 158 54.36 2.68 -7.26
CA GLU E 158 55.07 2.21 -8.45
C GLU E 158 54.72 0.75 -8.67
N TYR E 159 54.37 0.39 -9.91
CA TYR E 159 54.01 -1.01 -10.20
C TYR E 159 53.87 -1.38 -11.67
N TRP E 160 53.71 -2.68 -11.88
CA TRP E 160 53.51 -3.30 -13.19
C TRP E 160 52.30 -4.22 -13.00
N LEU E 161 51.16 -3.86 -13.61
CA LEU E 161 49.93 -4.66 -13.48
C LEU E 161 50.06 -6.17 -13.63
N GLY E 162 50.89 -6.60 -14.59
CA GLY E 162 51.08 -8.02 -14.85
C GLY E 162 50.82 -8.25 -16.32
N ASN E 163 51.72 -8.95 -17.01
CA ASN E 163 51.57 -9.19 -18.44
C ASN E 163 50.28 -9.88 -18.86
N ASP E 164 49.82 -10.83 -18.07
CA ASP E 164 48.57 -11.53 -18.38
C ASP E 164 47.41 -10.56 -18.35
N LYS E 165 47.28 -9.81 -17.26
CA LYS E 165 46.21 -8.84 -17.11
C LYS E 165 46.22 -7.81 -18.24
N ILE E 166 47.39 -7.27 -18.49
CA ILE E 166 47.57 -6.28 -19.54
C ILE E 166 47.17 -6.79 -20.92
N SER E 167 47.63 -7.99 -21.28
CA SER E 167 47.29 -8.57 -22.56
C SER E 167 45.77 -8.58 -22.71
N GLN E 168 45.12 -9.29 -21.81
CA GLN E 168 43.68 -9.41 -21.81
C GLN E 168 42.96 -8.06 -21.91
N LEU E 169 43.44 -7.04 -21.21
CA LEU E 169 42.78 -5.74 -21.26
C LEU E 169 42.82 -5.20 -22.66
N THR E 170 44.01 -5.19 -23.26
CA THR E 170 44.22 -4.64 -24.60
C THR E 170 43.44 -5.34 -25.69
N ARG E 171 43.16 -6.63 -25.48
CA ARG E 171 42.44 -7.39 -26.48
C ARG E 171 40.92 -7.39 -26.36
N MET E 172 40.38 -6.82 -25.28
CA MET E 172 38.93 -6.79 -25.12
C MET E 172 38.33 -5.99 -26.26
N GLY E 173 39.14 -5.11 -26.84
CA GLY E 173 38.67 -4.28 -27.93
C GLY E 173 39.74 -3.26 -28.28
N PRO E 174 39.45 -2.32 -29.19
CA PRO E 174 40.41 -1.29 -29.60
C PRO E 174 40.86 -0.53 -28.36
N THR E 175 42.14 -0.61 -28.06
CA THR E 175 42.69 0.04 -26.89
C THR E 175 43.79 1.02 -27.23
N GLU E 176 43.70 2.22 -26.66
CA GLU E 176 44.73 3.23 -26.89
C GLU E 176 45.71 3.22 -25.72
N LEU E 177 46.90 3.77 -25.95
CA LEU E 177 47.93 3.81 -24.93
C LEU E 177 48.54 5.21 -24.77
N LEU E 178 48.57 5.69 -23.53
CA LEU E 178 49.16 7.00 -23.25
C LEU E 178 50.37 6.82 -22.33
N ILE E 179 51.54 7.26 -22.79
CA ILE E 179 52.74 7.14 -21.98
C ILE E 179 53.23 8.53 -21.61
N GLU E 180 53.38 8.78 -20.31
CA GLU E 180 53.83 10.09 -19.85
C GLU E 180 55.13 9.98 -19.05
N MET E 181 55.92 11.05 -19.12
CA MET E 181 57.19 11.09 -18.42
C MET E 181 57.49 12.55 -18.07
N GLU E 182 58.42 12.73 -17.13
CA GLU E 182 58.82 14.06 -16.67
C GLU E 182 60.25 14.03 -16.13
N ASP E 183 61.04 15.06 -16.47
CA ASP E 183 62.44 15.12 -16.04
C ASP E 183 62.58 15.73 -14.65
N TRP E 184 63.78 15.62 -14.09
CA TRP E 184 64.05 16.16 -12.76
C TRP E 184 64.16 17.67 -12.78
N LYS E 185 63.39 18.32 -13.66
CA LYS E 185 63.41 19.77 -13.79
C LYS E 185 61.98 20.27 -13.87
N GLY E 186 61.03 19.34 -13.87
CA GLY E 186 59.63 19.72 -13.95
C GLY E 186 58.99 19.56 -15.31
N ASP E 187 59.79 19.62 -16.37
CA ASP E 187 59.30 19.49 -17.74
C ASP E 187 58.73 18.10 -18.00
N LYS E 188 57.69 18.03 -18.84
CA LYS E 188 57.05 16.75 -19.16
C LYS E 188 56.57 16.63 -20.60
N VAL E 189 56.70 15.44 -21.15
CA VAL E 189 56.26 15.16 -22.53
C VAL E 189 55.42 13.87 -22.49
N LYS E 190 54.79 13.54 -23.61
CA LYS E 190 53.98 12.33 -23.66
C LYS E 190 54.14 11.61 -25.01
N ALA E 191 53.72 10.35 -25.03
CA ALA E 191 53.77 9.51 -26.22
C ALA E 191 52.43 8.78 -26.24
N HIS E 192 51.64 9.11 -27.26
CA HIS E 192 50.32 8.54 -27.43
C HIS E 192 50.32 7.53 -28.57
N TYR E 193 49.63 6.41 -28.39
CA TYR E 193 49.50 5.39 -29.42
C TYR E 193 48.04 4.99 -29.46
N GLY E 194 47.31 5.49 -30.46
CA GLY E 194 45.90 5.19 -30.59
C GLY E 194 45.56 3.72 -30.60
N GLY E 195 46.57 2.91 -30.92
CA GLY E 195 46.38 1.47 -30.95
C GLY E 195 47.47 0.85 -30.10
N PHE E 196 47.14 -0.24 -29.40
CA PHE E 196 48.09 -0.91 -28.53
C PHE E 196 47.61 -2.33 -28.32
N THR E 197 48.54 -3.28 -28.40
CA THR E 197 48.20 -4.67 -28.26
C THR E 197 49.31 -5.53 -27.69
N VAL E 198 48.94 -6.42 -26.76
CA VAL E 198 49.86 -7.35 -26.13
C VAL E 198 49.25 -8.75 -26.20
N GLN E 199 49.94 -9.65 -26.90
CA GLN E 199 49.48 -11.01 -27.07
C GLN E 199 49.66 -11.81 -25.77
N ASN E 200 49.02 -12.96 -25.68
CA ASN E 200 49.13 -13.78 -24.47
C ASN E 200 50.54 -14.27 -24.25
N GLU E 201 50.71 -15.04 -23.18
CA GLU E 201 52.02 -15.58 -22.83
C GLU E 201 52.57 -16.52 -23.89
N ALA E 202 51.70 -17.36 -24.44
CA ALA E 202 52.12 -18.29 -25.47
C ALA E 202 52.83 -17.52 -26.59
N ASN E 203 52.32 -16.34 -26.90
CA ASN E 203 52.89 -15.50 -27.94
C ASN E 203 53.95 -14.55 -27.38
N LYS E 204 54.52 -14.91 -26.23
CA LYS E 204 55.56 -14.11 -25.58
C LYS E 204 55.19 -12.63 -25.40
N TYR E 205 53.91 -12.38 -25.14
CA TYR E 205 53.39 -11.03 -24.92
C TYR E 205 53.84 -10.06 -25.98
N GLN E 206 53.83 -10.49 -27.23
CA GLN E 206 54.25 -9.64 -28.35
C GLN E 206 53.46 -8.34 -28.41
N ILE E 207 54.18 -7.22 -28.37
CA ILE E 207 53.55 -5.90 -28.38
C ILE E 207 53.29 -5.38 -29.77
N SER E 208 52.36 -4.45 -29.87
CA SER E 208 52.03 -3.87 -31.14
C SER E 208 51.38 -2.51 -30.91
N VAL E 209 51.95 -1.45 -31.48
CA VAL E 209 51.38 -0.13 -31.31
C VAL E 209 51.30 0.61 -32.63
N ASN E 210 50.36 1.55 -32.74
CA ASN E 210 50.19 2.36 -33.93
C ASN E 210 49.52 3.69 -33.55
N LYS E 211 49.23 4.52 -34.56
CA LYS E 211 48.60 5.83 -34.34
C LYS E 211 49.32 6.73 -33.32
N TYR E 212 50.62 6.97 -33.55
CA TYR E 212 51.42 7.80 -32.67
C TYR E 212 51.15 9.29 -32.82
N ARG E 213 51.39 10.01 -31.74
CA ARG E 213 51.27 11.47 -31.68
C ARG E 213 51.75 11.85 -30.29
N GLY E 214 52.47 12.95 -30.19
CA GLY E 214 52.99 13.37 -28.89
C GLY E 214 54.14 14.36 -28.96
N THR E 215 54.87 14.45 -27.85
CA THR E 215 55.99 15.36 -27.75
C THR E 215 57.26 14.66 -27.30
N ALA E 216 57.15 13.39 -26.90
CA ALA E 216 58.30 12.64 -26.45
C ALA E 216 59.13 12.12 -27.62
N GLY E 217 58.45 11.62 -28.64
CA GLY E 217 59.15 11.07 -29.78
C GLY E 217 58.73 9.63 -29.94
N ASN E 218 58.39 9.25 -31.16
CA ASN E 218 57.96 7.89 -31.42
C ASN E 218 59.05 6.84 -31.28
N ALA E 219 59.51 6.67 -30.03
CA ALA E 219 60.54 5.70 -29.70
C ALA E 219 60.12 4.24 -29.89
N LEU E 220 58.87 3.93 -29.59
CA LEU E 220 58.37 2.56 -29.73
C LEU E 220 58.32 2.07 -31.18
N MET E 221 57.74 2.88 -32.06
CA MET E 221 57.61 2.51 -33.47
C MET E 221 58.79 2.86 -34.40
N ASP E 222 59.66 3.79 -34.01
CA ASP E 222 60.77 4.19 -34.88
C ASP E 222 62.18 3.97 -34.32
N GLY E 223 62.30 3.75 -33.02
CA GLY E 223 63.64 3.55 -32.49
C GLY E 223 64.33 4.88 -32.25
N ALA E 224 65.58 4.82 -31.80
CA ALA E 224 66.36 6.01 -31.47
C ALA E 224 66.59 6.99 -32.61
N SER E 225 66.12 8.22 -32.43
CA SER E 225 66.29 9.26 -33.44
C SER E 225 67.75 9.63 -33.63
N GLN E 226 68.57 9.43 -32.59
CA GLN E 226 69.99 9.76 -32.68
C GLN E 226 70.80 8.73 -33.45
N LEU E 227 70.27 7.51 -33.54
CA LEU E 227 70.96 6.43 -34.24
C LEU E 227 70.59 6.47 -35.72
N MET E 228 71.49 5.96 -36.58
CA MET E 228 71.27 5.94 -38.03
C MET E 228 71.21 4.52 -38.60
N GLY E 229 70.74 4.42 -39.85
CA GLY E 229 70.66 3.13 -40.51
C GLY E 229 70.06 2.02 -39.68
N GLU E 230 70.63 0.82 -39.77
CA GLU E 230 70.11 -0.30 -39.03
C GLU E 230 70.29 -0.10 -37.51
N ASN E 231 71.14 0.85 -37.12
CA ASN E 231 71.37 1.12 -35.71
C ASN E 231 70.09 1.60 -35.05
N ARG E 232 69.34 2.41 -35.78
CA ARG E 232 68.08 2.93 -35.28
C ARG E 232 67.02 1.84 -35.29
N THR E 233 66.78 1.24 -36.45
CA THR E 233 65.76 0.20 -36.53
C THR E 233 65.91 -0.87 -35.45
N MET E 234 67.15 -1.25 -35.10
CA MET E 234 67.31 -2.28 -34.09
C MET E 234 66.90 -1.86 -32.68
N THR E 235 66.40 -0.63 -32.53
CA THR E 235 65.95 -0.17 -31.24
C THR E 235 64.44 0.08 -31.31
N ILE E 236 63.79 -0.50 -32.32
CA ILE E 236 62.35 -0.36 -32.49
C ILE E 236 61.67 -1.37 -31.58
N HIS E 237 60.58 -0.97 -30.94
CA HIS E 237 59.89 -1.84 -30.02
C HIS E 237 58.65 -2.50 -30.58
N ASN E 238 57.99 -1.82 -31.51
CA ASN E 238 56.79 -2.38 -32.12
C ASN E 238 57.12 -3.78 -32.64
N GLY E 239 56.30 -4.76 -32.25
CA GLY E 239 56.51 -6.13 -32.70
C GLY E 239 57.48 -7.02 -31.92
N MET E 240 58.14 -6.48 -30.91
CA MET E 240 59.08 -7.29 -30.13
C MET E 240 58.38 -8.22 -29.16
N PHE E 241 59.14 -9.13 -28.57
CA PHE E 241 58.59 -10.04 -27.57
C PHE E 241 59.09 -9.57 -26.20
N PHE E 242 58.35 -9.92 -25.14
CA PHE E 242 58.76 -9.53 -23.80
C PHE E 242 59.93 -10.35 -23.29
N SER E 243 60.88 -9.70 -22.63
CA SER E 243 62.05 -10.41 -22.09
C SER E 243 62.39 -9.94 -20.69
N THR E 244 62.78 -10.91 -19.86
CA THR E 244 63.18 -10.65 -18.49
C THR E 244 64.58 -11.27 -18.40
N TYR E 245 65.34 -10.94 -17.35
CA TYR E 245 66.70 -11.46 -17.28
C TYR E 245 66.79 -12.99 -17.13
N ASP E 246 65.65 -13.65 -16.93
CA ASP E 246 65.67 -15.10 -16.80
C ASP E 246 64.94 -15.74 -17.98
N ARG E 247 64.52 -14.90 -18.91
CA ARG E 247 63.79 -15.35 -20.11
C ARG E 247 64.16 -14.45 -21.29
N ASP E 248 65.12 -14.90 -22.09
CA ASP E 248 65.57 -14.13 -23.24
C ASP E 248 64.73 -14.32 -24.51
N ASN E 249 64.02 -13.25 -24.91
CA ASN E 249 63.20 -13.27 -26.12
C ASN E 249 63.48 -11.99 -26.90
N ASP E 250 64.68 -11.43 -26.71
CA ASP E 250 65.03 -10.20 -27.40
C ASP E 250 65.61 -10.49 -28.78
N GLY E 251 65.66 -9.45 -29.60
CA GLY E 251 66.17 -9.59 -30.96
C GLY E 251 67.68 -9.53 -31.05
N TRP E 252 68.33 -9.90 -29.95
CA TRP E 252 69.78 -9.87 -29.89
C TRP E 252 70.25 -11.30 -29.96
N LEU E 253 70.05 -11.92 -31.13
CA LEU E 253 70.43 -13.31 -31.36
C LEU E 253 71.93 -13.58 -31.17
N THR E 254 72.30 -14.04 -29.97
CA THR E 254 73.68 -14.37 -29.64
C THR E 254 73.70 -15.58 -28.75
N SER E 255 74.80 -16.34 -28.82
CA SER E 255 74.95 -17.53 -27.99
C SER E 255 75.55 -17.15 -26.64
N ASP E 256 76.15 -15.96 -26.57
CA ASP E 256 76.73 -15.50 -25.30
C ASP E 256 75.59 -15.20 -24.33
N PRO E 257 75.59 -15.86 -23.15
CA PRO E 257 74.55 -15.67 -22.14
C PRO E 257 74.58 -14.30 -21.46
N ARG E 258 75.75 -13.66 -21.46
CA ARG E 258 75.91 -12.35 -20.84
C ARG E 258 75.40 -11.21 -21.72
N LYS E 259 75.30 -11.47 -23.02
CA LYS E 259 74.82 -10.49 -23.99
C LYS E 259 73.33 -10.63 -24.32
N GLN E 260 72.50 -10.21 -23.36
CA GLN E 260 71.06 -10.25 -23.52
C GLN E 260 70.57 -8.89 -23.03
N CYS E 261 69.67 -8.28 -23.80
CA CYS E 261 69.11 -6.96 -23.46
C CYS E 261 68.61 -6.80 -22.03
N SER E 262 67.68 -7.65 -21.59
CA SER E 262 67.12 -7.54 -20.24
C SER E 262 68.21 -7.61 -19.20
N LYS E 263 69.02 -8.66 -19.24
CA LYS E 263 70.10 -8.80 -18.27
C LYS E 263 70.91 -7.52 -18.14
N GLU E 264 71.25 -6.94 -19.30
CA GLU E 264 72.06 -5.73 -19.40
C GLU E 264 71.36 -4.39 -19.17
N ASP E 265 70.05 -4.32 -19.42
CA ASP E 265 69.38 -3.03 -19.24
C ASP E 265 68.39 -2.87 -18.08
N GLY E 266 68.35 -3.83 -17.17
CA GLY E 266 67.49 -3.67 -16.00
C GLY E 266 66.32 -4.59 -15.70
N GLY E 267 65.20 -4.31 -16.32
CA GLY E 267 64.03 -5.12 -16.06
C GLY E 267 63.42 -5.81 -17.25
N GLY E 268 62.12 -6.07 -17.16
CA GLY E 268 61.40 -6.74 -18.21
C GLY E 268 60.89 -5.74 -19.23
N TRP E 269 61.01 -6.08 -20.51
CA TRP E 269 60.58 -5.13 -21.51
C TRP E 269 60.55 -5.78 -22.87
N TRP E 270 59.89 -5.12 -23.80
CA TRP E 270 59.81 -5.57 -25.17
C TRP E 270 61.13 -5.15 -25.84
N TYR E 271 62.21 -5.79 -25.43
CA TYR E 271 63.53 -5.49 -25.95
C TYR E 271 63.72 -6.02 -27.36
N ASN E 272 64.46 -5.25 -28.16
CA ASN E 272 64.79 -5.59 -29.54
C ASN E 272 66.29 -5.88 -29.47
N ARG E 273 67.10 -4.87 -29.82
CA ARG E 273 68.55 -4.99 -29.76
C ARG E 273 69.22 -3.62 -29.66
N CYS E 274 69.02 -2.91 -28.54
CA CYS E 274 68.20 -3.39 -27.44
C CYS E 274 66.96 -2.54 -27.15
N HIS E 275 67.11 -1.23 -27.17
CA HIS E 275 65.97 -0.36 -26.92
C HIS E 275 66.18 1.08 -27.36
N ALA E 276 65.08 1.82 -27.36
CA ALA E 276 65.05 3.22 -27.69
C ALA E 276 64.34 3.85 -26.48
N ALA E 277 63.60 3.01 -25.76
CA ALA E 277 62.87 3.41 -24.57
C ALA E 277 63.00 2.27 -23.56
N ASN E 278 62.92 2.60 -22.28
CA ASN E 278 63.03 1.56 -21.25
C ASN E 278 62.36 2.06 -19.96
N PRO E 279 61.01 2.08 -19.94
CA PRO E 279 60.21 2.52 -18.80
C PRO E 279 60.41 1.73 -17.51
N ASN E 280 60.91 0.51 -17.62
CA ASN E 280 61.11 -0.31 -16.42
C ASN E 280 62.58 -0.49 -16.06
N GLY E 281 63.40 0.51 -16.37
CA GLY E 281 64.81 0.40 -16.05
C GLY E 281 65.10 0.80 -14.62
N ARG E 282 66.37 0.95 -14.30
CA ARG E 282 66.82 1.35 -12.97
C ARG E 282 66.57 2.84 -12.75
N TYR E 283 66.02 3.17 -11.58
CA TYR E 283 65.68 4.55 -11.24
C TYR E 283 66.83 5.38 -10.65
N TYR E 284 67.65 5.94 -11.52
CA TYR E 284 68.78 6.76 -11.11
C TYR E 284 68.27 8.08 -10.56
N TRP E 285 68.64 8.39 -9.32
CA TRP E 285 68.20 9.62 -8.70
C TRP E 285 68.92 10.83 -9.27
N GLY E 286 68.17 11.84 -9.69
CA GLY E 286 68.81 13.03 -10.23
C GLY E 286 68.70 13.14 -11.75
N GLY E 287 68.51 12.00 -12.42
CA GLY E 287 68.39 12.01 -13.86
C GLY E 287 69.65 11.61 -14.60
N GLN E 288 70.65 12.47 -14.55
CA GLN E 288 71.92 12.23 -15.23
C GLN E 288 72.71 11.04 -14.66
N TYR E 289 73.18 10.15 -15.53
CA TYR E 289 73.99 9.01 -15.10
C TYR E 289 75.02 8.65 -16.17
N THR E 290 75.94 7.76 -15.84
CA THR E 290 76.99 7.36 -16.77
C THR E 290 77.28 5.86 -16.73
N TRP E 291 78.11 5.41 -17.68
CA TRP E 291 78.47 4.00 -17.81
C TRP E 291 79.16 3.38 -16.59
N ASP E 292 80.02 4.16 -15.93
CA ASP E 292 80.75 3.67 -14.75
C ASP E 292 79.87 3.69 -13.50
N MET E 293 78.58 4.00 -13.69
CA MET E 293 77.61 4.00 -12.61
C MET E 293 76.72 2.79 -12.77
N ALA E 294 76.44 2.45 -14.03
CA ALA E 294 75.59 1.32 -14.36
C ALA E 294 76.28 -0.02 -14.12
N LYS E 295 75.56 -0.93 -13.47
CA LYS E 295 76.05 -2.28 -13.17
C LYS E 295 76.75 -2.98 -14.34
N HIS E 296 76.27 -2.74 -15.55
CA HIS E 296 76.87 -3.36 -16.74
C HIS E 296 77.41 -2.38 -17.78
N GLY E 297 77.52 -1.10 -17.41
CA GLY E 297 78.03 -0.12 -18.35
C GLY E 297 77.11 0.23 -19.50
N THR E 298 75.82 -0.03 -19.35
CA THR E 298 74.85 0.28 -20.39
C THR E 298 73.82 1.29 -19.91
N ASP E 299 72.99 1.81 -20.81
CA ASP E 299 71.97 2.78 -20.42
C ASP E 299 70.74 2.02 -19.92
N ASP E 300 70.84 1.51 -18.70
CA ASP E 300 69.76 0.73 -18.10
C ASP E 300 68.84 1.52 -17.16
N GLY E 301 68.69 2.82 -17.43
CA GLY E 301 67.84 3.67 -16.60
C GLY E 301 66.45 3.80 -17.17
N VAL E 302 65.65 4.67 -16.57
CA VAL E 302 64.28 4.90 -17.01
C VAL E 302 64.36 5.90 -18.17
N VAL E 303 64.86 5.36 -19.28
CA VAL E 303 65.11 6.13 -20.49
C VAL E 303 64.05 6.15 -21.59
N TRP E 304 64.16 7.20 -22.38
CA TRP E 304 63.33 7.43 -23.56
C TRP E 304 64.25 8.26 -24.46
N MET E 305 65.23 7.56 -25.04
CA MET E 305 66.21 8.18 -25.91
C MET E 305 65.70 9.33 -26.75
N ASN E 306 64.61 9.10 -27.48
CA ASN E 306 64.08 10.16 -28.32
C ASN E 306 63.81 11.51 -27.63
N TRP E 307 63.87 11.56 -26.29
CA TRP E 307 63.63 12.83 -25.62
C TRP E 307 64.86 13.33 -24.88
N LYS E 308 65.56 12.46 -24.17
CA LYS E 308 66.73 12.92 -23.44
C LYS E 308 67.98 12.07 -23.59
N GLY E 309 68.10 11.38 -24.71
CA GLY E 309 69.27 10.54 -24.92
C GLY E 309 69.24 9.34 -24.02
N SER E 310 70.28 8.54 -24.07
CA SER E 310 70.30 7.34 -23.26
C SER E 310 70.91 7.47 -21.87
N TRP E 311 71.45 8.64 -21.55
CA TRP E 311 72.05 8.76 -20.24
C TRP E 311 71.26 9.62 -19.27
N TYR E 312 69.95 9.62 -19.45
CA TYR E 312 69.05 10.38 -18.59
C TYR E 312 67.89 9.48 -18.16
N SER E 313 67.73 9.36 -16.84
CA SER E 313 66.69 8.56 -16.19
C SER E 313 65.58 9.51 -15.72
N MET E 314 64.39 9.38 -16.29
CA MET E 314 63.24 10.22 -15.96
C MET E 314 62.86 10.24 -14.48
N ARG E 315 62.24 11.34 -14.03
CA ARG E 315 61.81 11.42 -12.64
C ARG E 315 60.47 10.68 -12.52
N LYS E 316 59.62 10.86 -13.52
CA LYS E 316 58.33 10.20 -13.59
C LYS E 316 58.18 9.51 -14.94
N MET E 317 57.56 8.32 -14.94
CA MET E 317 57.34 7.55 -16.17
C MET E 317 56.09 6.69 -15.94
N SER E 318 55.10 6.82 -16.81
CA SER E 318 53.87 6.04 -16.68
C SER E 318 53.32 5.49 -18.00
N MET E 319 52.42 4.53 -17.87
CA MET E 319 51.76 3.86 -18.98
C MET E 319 50.32 3.58 -18.59
N LYS E 320 49.38 4.21 -19.28
CA LYS E 320 47.97 4.05 -18.98
C LYS E 320 47.25 3.58 -20.25
N ILE E 321 46.18 2.80 -20.11
CA ILE E 321 45.42 2.35 -21.26
C ILE E 321 43.96 2.75 -21.16
N ARG E 322 43.28 2.76 -22.29
CA ARG E 322 41.87 3.10 -22.32
C ARG E 322 41.20 2.70 -23.63
N PRO E 323 39.90 2.32 -23.57
CA PRO E 323 39.17 1.94 -24.78
C PRO E 323 39.30 3.04 -25.84
N PHE E 324 39.44 2.64 -27.10
CA PHE E 324 39.62 3.61 -28.17
C PHE E 324 38.41 4.41 -28.69
N PHE E 325 37.85 4.02 -29.83
CA PHE E 325 36.75 4.79 -30.40
C PHE E 325 35.70 4.00 -31.23
N PRO E 326 36.14 2.96 -31.97
CA PRO E 326 35.20 2.16 -32.78
C PRO E 326 34.42 1.11 -31.98
N TYR F 22 100.45 3.94 4.44
CA TYR F 22 100.56 2.44 4.39
C TYR F 22 100.38 1.88 2.99
N LEU F 23 101.30 1.01 2.59
CA LEU F 23 101.24 0.40 1.26
C LEU F 23 99.94 -0.42 1.08
N GLN F 24 100.00 -1.48 0.30
CA GLN F 24 98.83 -2.32 0.01
C GLN F 24 98.18 -3.09 1.17
N GLU F 25 98.35 -2.65 2.41
CA GLU F 25 97.76 -3.34 3.56
C GLU F 25 96.33 -2.83 3.80
N ILE F 26 95.86 -2.03 2.85
CA ILE F 26 94.53 -1.43 2.91
C ILE F 26 93.85 -1.58 1.56
N TYR F 27 94.63 -1.97 0.55
CA TYR F 27 94.12 -2.15 -0.80
C TYR F 27 93.57 -3.56 -0.85
N ASN F 28 93.56 -4.19 0.31
CA ASN F 28 93.08 -5.55 0.47
C ASN F 28 92.06 -5.57 1.61
N SER F 29 92.38 -4.87 2.69
CA SER F 29 91.49 -4.82 3.83
C SER F 29 90.11 -4.35 3.37
N ASN F 30 90.08 -3.27 2.60
CA ASN F 30 88.82 -2.74 2.11
C ASN F 30 88.39 -3.32 0.76
N ASN F 31 89.15 -4.30 0.27
CA ASN F 31 88.82 -4.96 -0.99
C ASN F 31 88.10 -6.24 -0.59
N GLN F 32 88.25 -6.59 0.68
CA GLN F 32 87.61 -7.77 1.24
C GLN F 32 86.29 -7.33 1.85
N LYS F 33 86.29 -6.15 2.48
CA LYS F 33 85.08 -5.60 3.09
C LYS F 33 84.03 -5.61 1.99
N ILE F 34 84.41 -5.08 0.84
CA ILE F 34 83.56 -4.97 -0.33
C ILE F 34 82.88 -6.25 -0.81
N VAL F 35 83.49 -7.40 -0.51
CA VAL F 35 82.89 -8.67 -0.91
C VAL F 35 81.80 -9.09 0.06
N ASN F 36 81.92 -8.65 1.31
CA ASN F 36 80.91 -8.95 2.33
C ASN F 36 79.73 -7.98 2.16
N LEU F 37 80.03 -6.78 1.66
CA LEU F 37 79.02 -5.77 1.44
C LEU F 37 78.12 -6.22 0.30
N LYS F 38 78.74 -6.73 -0.76
CA LYS F 38 77.98 -7.22 -1.90
C LYS F 38 77.04 -8.31 -1.39
N GLU F 39 77.52 -9.07 -0.40
CA GLU F 39 76.74 -10.15 0.18
C GLU F 39 75.52 -9.68 0.99
N LYS F 40 75.72 -8.74 1.92
CA LYS F 40 74.61 -8.22 2.72
C LYS F 40 73.64 -7.51 1.80
N VAL F 41 74.19 -6.79 0.82
CA VAL F 41 73.36 -6.07 -0.14
C VAL F 41 72.47 -7.04 -0.92
N ALA F 42 72.99 -8.24 -1.19
CA ALA F 42 72.21 -9.23 -1.90
C ALA F 42 71.10 -9.71 -0.96
N GLN F 43 71.36 -9.65 0.33
CA GLN F 43 70.40 -10.05 1.36
C GLN F 43 69.30 -9.00 1.47
N LEU F 44 69.70 -7.74 1.37
CA LEU F 44 68.77 -6.64 1.45
C LEU F 44 67.80 -6.80 0.28
N GLU F 45 68.36 -6.96 -0.91
CA GLU F 45 67.58 -7.13 -2.14
C GLU F 45 66.44 -8.14 -1.94
N ALA F 46 66.77 -9.28 -1.38
CA ALA F 46 65.77 -10.31 -1.14
C ALA F 46 64.67 -9.87 -0.15
N GLN F 47 65.00 -8.92 0.73
CA GLN F 47 64.02 -8.41 1.70
C GLN F 47 63.21 -7.22 1.20
N CYS F 48 63.36 -6.89 -0.09
CA CYS F 48 62.64 -5.76 -0.66
C CYS F 48 62.01 -6.11 -1.99
N GLN F 49 61.20 -7.16 -1.98
CA GLN F 49 60.50 -7.61 -3.18
C GLN F 49 58.99 -7.60 -3.01
N GLU F 50 58.53 -7.50 -1.76
CA GLU F 50 57.09 -7.51 -1.48
C GLU F 50 56.47 -6.13 -1.35
N PRO F 51 55.18 -6.01 -1.72
CA PRO F 51 54.42 -4.77 -1.65
C PRO F 51 54.02 -4.46 -0.21
N CYS F 52 53.66 -3.20 0.07
CA CYS F 52 53.24 -2.84 1.41
C CYS F 52 52.08 -3.75 1.77
N LYS F 53 51.87 -3.96 3.06
CA LYS F 53 50.80 -4.79 3.56
C LYS F 53 49.48 -3.99 3.60
N ASP F 54 48.48 -4.39 2.81
CA ASP F 54 47.19 -3.70 2.80
C ASP F 54 46.30 -4.27 3.91
N THR F 55 45.92 -3.42 4.86
CA THR F 55 45.10 -3.90 5.98
C THR F 55 43.71 -4.32 5.58
N VAL F 56 43.23 -3.91 4.40
CA VAL F 56 41.88 -4.30 4.00
C VAL F 56 41.93 -5.51 3.07
N GLN F 57 41.38 -6.63 3.55
CA GLN F 57 41.36 -7.87 2.78
C GLN F 57 39.93 -8.33 2.55
N ILE F 58 39.73 -9.04 1.44
CA ILE F 58 38.41 -9.57 1.06
C ILE F 58 38.39 -11.06 1.36
N HIS F 59 37.29 -11.56 1.92
CA HIS F 59 37.20 -12.98 2.25
C HIS F 59 36.83 -13.85 1.04
N ASP F 60 37.24 -15.11 1.10
CA ASP F 60 37.01 -16.05 0.01
C ASP F 60 35.59 -16.58 -0.19
N ILE F 61 34.85 -16.79 0.89
CA ILE F 61 33.48 -17.29 0.79
C ILE F 61 32.59 -16.41 -0.11
N THR F 62 31.76 -17.05 -0.93
CA THR F 62 30.85 -16.34 -1.81
C THR F 62 29.46 -16.95 -1.78
N GLY F 63 28.46 -16.13 -2.08
CA GLY F 63 27.07 -16.59 -2.09
C GLY F 63 26.12 -15.58 -2.73
N LYS F 64 24.82 -15.88 -2.66
CA LYS F 64 23.78 -15.04 -3.23
C LYS F 64 23.62 -13.77 -2.42
N ASP F 65 23.89 -13.87 -1.11
CA ASP F 65 23.81 -12.74 -0.21
C ASP F 65 24.66 -13.04 1.03
N CYS F 66 24.60 -12.16 2.02
CA CYS F 66 25.37 -12.34 3.24
C CYS F 66 24.86 -13.47 4.13
N GLN F 67 23.58 -13.79 4.01
CA GLN F 67 23.03 -14.86 4.82
C GLN F 67 23.59 -16.16 4.26
N ASP F 68 23.57 -16.27 2.93
CA ASP F 68 24.08 -17.45 2.23
C ASP F 68 25.54 -17.72 2.61
N ILE F 69 26.32 -16.64 2.71
CA ILE F 69 27.73 -16.73 3.08
C ILE F 69 27.90 -17.17 4.53
N ALA F 70 27.03 -16.67 5.41
CA ALA F 70 27.10 -17.06 6.81
C ALA F 70 26.81 -18.55 6.85
N ASN F 71 25.72 -18.96 6.19
CA ASN F 71 25.33 -20.36 6.15
C ASN F 71 26.48 -21.22 5.67
N LYS F 72 27.49 -20.57 5.11
CA LYS F 72 28.66 -21.27 4.61
C LYS F 72 29.83 -21.22 5.58
N GLY F 73 29.55 -20.94 6.85
CA GLY F 73 30.60 -20.93 7.84
C GLY F 73 31.45 -19.68 8.02
N ALA F 74 31.17 -18.61 7.28
CA ALA F 74 31.95 -17.37 7.46
C ALA F 74 31.73 -16.98 8.90
N LYS F 75 32.71 -16.37 9.55
CA LYS F 75 32.55 -16.04 10.97
C LYS F 75 32.59 -14.56 11.36
N GLN F 76 33.30 -13.75 10.59
CA GLN F 76 33.42 -12.33 10.91
C GLN F 76 32.79 -11.41 9.88
N SER F 77 32.51 -10.19 10.32
CA SER F 77 31.92 -9.17 9.44
C SER F 77 33.03 -8.51 8.64
N GLY F 78 32.75 -8.22 7.38
CA GLY F 78 33.76 -7.59 6.55
C GLY F 78 33.38 -7.54 5.09
N LEU F 79 34.36 -7.51 4.21
CA LEU F 79 34.08 -7.46 2.78
C LEU F 79 34.07 -8.85 2.12
N TYR F 80 33.03 -9.11 1.34
CA TYR F 80 32.87 -10.36 0.63
C TYR F 80 32.27 -10.07 -0.74
N PHE F 81 32.46 -10.98 -1.67
CA PHE F 81 31.88 -10.83 -3.00
C PHE F 81 30.60 -11.64 -2.98
N ILE F 82 29.51 -11.06 -3.45
CA ILE F 82 28.28 -11.82 -3.54
C ILE F 82 27.85 -11.74 -5.00
N LYS F 83 27.03 -12.68 -5.42
CA LYS F 83 26.56 -12.70 -6.80
C LYS F 83 25.12 -13.21 -6.84
N PRO F 84 24.14 -12.29 -6.67
CA PRO F 84 22.74 -12.69 -6.71
C PRO F 84 22.43 -13.51 -7.96
N LEU F 85 21.32 -14.22 -7.94
CA LEU F 85 20.90 -15.07 -9.04
C LEU F 85 20.88 -14.40 -10.43
N LYS F 86 20.11 -13.33 -10.57
CA LYS F 86 20.01 -12.66 -11.86
C LYS F 86 21.17 -11.73 -12.21
N ALA F 87 22.17 -11.68 -11.33
CA ALA F 87 23.34 -10.83 -11.55
C ALA F 87 24.27 -11.51 -12.54
N ASN F 88 24.86 -10.70 -13.41
CA ASN F 88 25.76 -11.23 -14.41
C ASN F 88 27.21 -11.04 -13.95
N GLN F 89 27.39 -10.20 -12.93
CA GLN F 89 28.71 -9.90 -12.43
C GLN F 89 28.68 -9.92 -10.90
N GLN F 90 29.72 -10.48 -10.30
CA GLN F 90 29.83 -10.54 -8.84
C GLN F 90 30.24 -9.15 -8.37
N PHE F 91 29.77 -8.77 -7.19
CA PHE F 91 30.15 -7.46 -6.66
C PHE F 91 30.41 -7.57 -5.17
N LEU F 92 31.23 -6.63 -4.70
CA LEU F 92 31.63 -6.60 -3.30
C LEU F 92 30.63 -5.89 -2.41
N VAL F 93 30.39 -6.46 -1.23
CA VAL F 93 29.47 -5.88 -0.28
C VAL F 93 30.06 -6.06 1.11
N TYR F 94 29.58 -5.26 2.06
CA TYR F 94 30.03 -5.40 3.43
C TYR F 94 29.00 -6.26 4.14
N CYS F 95 29.43 -7.38 4.71
CA CYS F 95 28.52 -8.28 5.43
C CYS F 95 28.62 -8.11 6.93
N GLU F 96 27.48 -8.13 7.61
CA GLU F 96 27.48 -8.04 9.05
C GLU F 96 27.07 -9.39 9.61
N ILE F 97 28.03 -10.11 10.18
CA ILE F 97 27.75 -11.42 10.75
C ILE F 97 27.84 -11.42 12.27
N ASP F 98 26.69 -11.58 12.93
CA ASP F 98 26.61 -11.63 14.37
C ASP F 98 27.01 -13.03 14.78
N GLY F 99 27.24 -13.26 16.06
CA GLY F 99 27.62 -14.58 16.50
C GLY F 99 26.47 -15.56 16.37
N SER F 100 25.26 -15.04 16.18
CA SER F 100 24.03 -15.84 16.08
C SER F 100 23.86 -16.58 14.78
N GLY F 101 24.78 -16.39 13.85
CA GLY F 101 24.69 -17.06 12.57
C GLY F 101 23.84 -16.32 11.55
N ASN F 102 23.55 -15.05 11.82
CA ASN F 102 22.77 -14.24 10.89
C ASN F 102 23.70 -13.40 10.02
N GLY F 103 23.39 -13.32 8.73
CA GLY F 103 24.21 -12.55 7.82
C GLY F 103 23.48 -11.42 7.09
N TRP F 104 23.67 -10.20 7.60
CA TRP F 104 23.05 -9.03 7.00
C TRP F 104 23.88 -8.46 5.86
N THR F 105 23.21 -8.01 4.83
CA THR F 105 23.88 -7.39 3.69
C THR F 105 23.59 -5.91 3.94
N VAL F 106 24.62 -5.12 4.23
CA VAL F 106 24.41 -3.69 4.48
C VAL F 106 24.49 -2.92 3.17
N PHE F 107 23.49 -2.08 2.90
CA PHE F 107 23.49 -1.33 1.65
C PHE F 107 23.60 0.19 1.80
N GLN F 108 23.49 0.68 3.02
CA GLN F 108 23.63 2.11 3.30
C GLN F 108 24.30 2.31 4.65
N LYS F 109 25.08 3.38 4.77
CA LYS F 109 25.78 3.66 6.02
C LYS F 109 26.14 5.13 6.21
N ARG F 110 25.92 5.64 7.42
CA ARG F 110 26.27 7.02 7.75
C ARG F 110 26.87 7.02 9.14
N LEU F 111 27.97 7.78 9.35
CA LEU F 111 28.61 7.85 10.66
C LEU F 111 29.42 9.13 10.96
N ASP F 112 29.76 9.87 9.91
CA ASP F 112 30.46 11.15 10.05
C ASP F 112 30.16 11.78 8.71
N GLY F 113 30.32 13.08 8.56
CA GLY F 113 29.99 13.67 7.27
C GLY F 113 30.99 13.44 6.14
N SER F 114 31.80 12.38 6.23
CA SER F 114 32.83 12.11 5.23
C SER F 114 32.39 12.07 3.77
N VAL F 115 31.38 11.26 3.44
CA VAL F 115 30.94 11.17 2.05
C VAL F 115 29.74 12.07 1.74
N ASP F 116 29.77 12.68 0.55
CA ASP F 116 28.72 13.59 0.09
C ASP F 116 27.62 12.73 -0.50
N PHE F 117 26.39 12.96 -0.07
CA PHE F 117 25.28 12.18 -0.60
C PHE F 117 24.46 12.92 -1.64
N LYS F 118 24.91 14.11 -2.05
CA LYS F 118 24.19 14.85 -3.07
C LYS F 118 24.74 14.33 -4.39
N LYS F 119 24.24 13.17 -4.80
CA LYS F 119 24.69 12.51 -6.03
C LYS F 119 23.57 12.41 -7.08
N ASN F 120 23.94 12.02 -8.29
CA ASN F 120 22.97 11.89 -9.36
C ASN F 120 22.44 10.46 -9.54
N TRP F 121 21.54 10.31 -10.51
CA TRP F 121 20.91 9.04 -10.79
C TRP F 121 21.85 7.86 -10.99
N ILE F 122 22.82 8.00 -11.89
CA ILE F 122 23.78 6.94 -12.18
C ILE F 122 24.66 6.59 -10.99
N GLN F 123 24.96 7.61 -10.17
CA GLN F 123 25.77 7.40 -8.98
C GLN F 123 25.01 6.63 -7.92
N TYR F 124 23.71 6.88 -7.81
CA TYR F 124 22.89 6.17 -6.83
C TYR F 124 22.57 4.77 -7.37
N LYS F 125 22.64 4.64 -8.69
CA LYS F 125 22.36 3.39 -9.40
C LYS F 125 23.55 2.46 -9.32
N GLU F 126 24.74 2.99 -9.58
CA GLU F 126 25.96 2.18 -9.53
C GLU F 126 26.59 2.07 -8.15
N GLY F 127 26.33 3.07 -7.30
CA GLY F 127 26.86 3.08 -5.95
C GLY F 127 28.00 4.07 -5.72
N PHE F 128 28.23 4.43 -4.46
CA PHE F 128 29.29 5.36 -4.13
C PHE F 128 29.77 5.24 -2.68
N GLY F 129 30.92 5.82 -2.37
CA GLY F 129 31.46 5.73 -1.03
C GLY F 129 32.44 4.56 -0.99
N HIS F 130 32.95 4.23 0.18
CA HIS F 130 33.91 3.12 0.29
C HIS F 130 33.46 2.00 1.19
N LEU F 131 33.99 0.81 0.95
CA LEU F 131 33.65 -0.35 1.74
C LEU F 131 34.84 -0.76 2.61
N SER F 132 34.63 -0.87 3.91
CA SER F 132 35.71 -1.25 4.80
C SER F 132 35.38 -2.56 5.49
N PRO F 133 36.41 -3.26 6.02
CA PRO F 133 36.22 -4.54 6.71
C PRO F 133 35.82 -4.28 8.16
N THR F 134 36.13 -3.07 8.60
CA THR F 134 35.81 -2.65 9.95
C THR F 134 34.42 -2.02 10.00
N GLY F 135 33.79 -1.91 8.83
CA GLY F 135 32.48 -1.32 8.76
C GLY F 135 32.49 0.08 9.37
N THR F 136 33.56 0.83 9.16
CA THR F 136 33.65 2.18 9.74
C THR F 136 33.64 3.25 8.67
N THR F 137 33.08 2.92 7.51
CA THR F 137 33.04 3.84 6.40
C THR F 137 31.61 4.01 5.86
N GLU F 138 31.28 5.23 5.41
CA GLU F 138 29.95 5.51 4.87
C GLU F 138 29.85 5.09 3.42
N PHE F 139 28.64 4.76 2.98
CA PHE F 139 28.46 4.36 1.59
C PHE F 139 27.00 4.15 1.20
N TRP F 140 26.82 3.92 -0.10
CA TRP F 140 25.52 3.63 -0.68
C TRP F 140 25.77 2.55 -1.71
N LEU F 141 25.36 1.33 -1.41
CA LEU F 141 25.54 0.25 -2.35
C LEU F 141 24.65 0.61 -3.53
N GLY F 142 25.02 0.22 -4.74
CA GLY F 142 24.17 0.58 -5.86
C GLY F 142 22.68 0.25 -5.77
N ASN F 143 21.85 1.09 -6.39
CA ASN F 143 20.40 0.86 -6.42
C ASN F 143 20.16 -0.45 -7.16
N GLU F 144 20.93 -0.64 -8.22
CA GLU F 144 20.84 -1.84 -9.05
C GLU F 144 21.25 -3.09 -8.24
N LYS F 145 22.23 -2.96 -7.36
CA LYS F 145 22.67 -4.09 -6.54
C LYS F 145 21.59 -4.45 -5.55
N ILE F 146 21.00 -3.42 -4.93
CA ILE F 146 19.94 -3.60 -3.95
C ILE F 146 18.76 -4.32 -4.60
N HIS F 147 18.47 -3.95 -5.84
CA HIS F 147 17.38 -4.54 -6.60
C HIS F 147 17.64 -6.01 -6.89
N LEU F 148 18.87 -6.33 -7.28
CA LEU F 148 19.25 -7.70 -7.60
C LEU F 148 19.25 -8.63 -6.40
N ILE F 149 19.51 -8.10 -5.22
CA ILE F 149 19.54 -8.91 -4.00
C ILE F 149 18.12 -9.16 -3.48
N SER F 150 17.38 -8.08 -3.27
CA SER F 150 16.02 -8.14 -2.75
C SER F 150 15.01 -8.90 -3.59
N THR F 151 15.20 -8.93 -4.89
CA THR F 151 14.24 -9.61 -5.76
C THR F 151 14.83 -10.84 -6.43
N GLN F 152 16.10 -11.11 -6.19
CA GLN F 152 16.79 -12.24 -6.81
C GLN F 152 16.04 -13.59 -6.86
N SER F 153 15.15 -13.83 -5.92
CA SER F 153 14.42 -15.09 -5.91
C SER F 153 13.12 -15.04 -5.12
N ALA F 154 12.50 -16.21 -4.98
CA ALA F 154 11.25 -16.34 -4.25
C ALA F 154 11.39 -15.73 -2.86
N ILE F 155 12.21 -16.35 -2.03
CA ILE F 155 12.44 -15.90 -0.67
C ILE F 155 12.37 -14.37 -0.53
N PRO F 156 11.54 -13.90 0.40
CA PRO F 156 11.35 -12.46 0.66
C PRO F 156 12.42 -11.98 1.61
N TYR F 157 12.73 -10.69 1.55
CA TYR F 157 13.74 -10.13 2.44
C TYR F 157 13.11 -9.22 3.47
N ALA F 158 13.92 -8.81 4.43
CA ALA F 158 13.49 -7.90 5.47
C ALA F 158 14.51 -6.78 5.53
N LEU F 159 14.04 -5.55 5.72
CA LEU F 159 14.93 -4.41 5.79
C LEU F 159 14.98 -3.87 7.20
N ARG F 160 16.19 -3.73 7.74
CA ARG F 160 16.32 -3.15 9.07
C ARG F 160 17.01 -1.81 8.98
N VAL F 161 16.33 -0.78 9.47
CA VAL F 161 16.84 0.58 9.51
C VAL F 161 17.34 0.78 10.94
N GLU F 162 18.63 1.02 11.09
CA GLU F 162 19.23 1.22 12.42
C GLU F 162 19.72 2.65 12.57
N LEU F 163 19.23 3.33 13.59
CA LEU F 163 19.61 4.71 13.83
C LEU F 163 20.35 4.90 15.15
N GLU F 164 20.96 6.06 15.30
CA GLU F 164 21.66 6.42 16.52
C GLU F 164 21.74 7.93 16.64
N ASP F 165 21.34 8.48 17.79
CA ASP F 165 21.38 9.93 17.99
C ASP F 165 22.77 10.37 18.47
N TRP F 166 22.88 11.63 18.84
CA TRP F 166 24.13 12.18 19.33
C TRP F 166 24.22 12.02 20.86
N ASN F 167 23.49 11.05 21.40
CA ASN F 167 23.50 10.78 22.84
C ASN F 167 23.76 9.30 23.09
N GLY F 168 24.29 8.61 22.09
CA GLY F 168 24.60 7.19 22.23
C GLY F 168 23.40 6.26 22.25
N ARG F 169 22.20 6.81 22.16
CA ARG F 169 21.01 5.96 22.15
C ARG F 169 20.73 5.49 20.73
N THR F 170 20.32 4.24 20.59
CA THR F 170 20.02 3.69 19.28
C THR F 170 18.62 3.11 19.25
N SER F 171 18.09 2.94 18.03
CA SER F 171 16.75 2.41 17.79
C SER F 171 16.74 1.71 16.45
N THR F 172 15.67 0.97 16.18
CA THR F 172 15.56 0.27 14.91
C THR F 172 14.13 0.29 14.41
N ALA F 173 13.93 -0.26 13.22
CA ALA F 173 12.63 -0.34 12.59
C ALA F 173 12.76 -1.36 11.48
N ASP F 174 11.96 -2.43 11.53
CA ASP F 174 12.02 -3.46 10.50
C ASP F 174 10.83 -3.41 9.55
N TYR F 175 11.09 -3.77 8.29
CA TYR F 175 10.04 -3.80 7.29
C TYR F 175 10.10 -5.11 6.56
N ALA F 176 8.99 -5.85 6.65
CA ALA F 176 8.84 -7.17 6.04
C ALA F 176 8.60 -7.13 4.54
N MET F 177 9.05 -8.17 3.83
CA MET F 177 8.90 -8.27 2.37
C MET F 177 9.49 -7.08 1.65
N PHE F 178 10.67 -6.67 2.09
CA PHE F 178 11.36 -5.53 1.48
C PHE F 178 11.76 -5.89 0.05
N LYS F 179 11.60 -4.92 -0.86
CA LYS F 179 11.95 -5.14 -2.26
C LYS F 179 12.12 -3.84 -3.01
N VAL F 180 13.13 -3.76 -3.88
CA VAL F 180 13.35 -2.58 -4.71
C VAL F 180 13.17 -3.01 -6.16
N GLY F 181 12.35 -2.27 -6.91
CA GLY F 181 12.09 -2.64 -8.28
C GLY F 181 13.18 -2.33 -9.29
N PRO F 182 13.04 -2.82 -10.54
CA PRO F 182 14.03 -2.58 -11.58
C PRO F 182 14.06 -1.10 -11.93
N GLU F 183 15.10 -0.69 -12.62
CA GLU F 183 15.23 0.71 -13.00
C GLU F 183 14.11 1.13 -13.92
N ALA F 184 13.59 0.18 -14.69
CA ALA F 184 12.52 0.47 -15.62
C ALA F 184 11.37 1.07 -14.84
N ASP F 185 11.30 0.74 -13.55
CA ASP F 185 10.27 1.26 -12.67
C ASP F 185 10.92 2.11 -11.58
N LYS F 186 11.89 2.92 -12.02
CA LYS F 186 12.63 3.81 -11.14
C LYS F 186 12.93 3.28 -9.74
N TYR F 187 13.37 2.04 -9.66
CA TYR F 187 13.75 1.43 -8.38
C TYR F 187 12.77 1.66 -7.23
N ARG F 188 11.48 1.50 -7.51
CA ARG F 188 10.43 1.69 -6.53
C ARG F 188 10.60 0.84 -5.27
N LEU F 189 10.41 1.48 -4.13
CA LEU F 189 10.51 0.81 -2.84
C LEU F 189 9.14 0.27 -2.43
N THR F 190 9.10 -0.96 -1.95
CA THR F 190 7.84 -1.53 -1.47
C THR F 190 8.15 -2.48 -0.35
N TYR F 191 7.19 -2.63 0.55
CA TYR F 191 7.31 -3.55 1.68
C TYR F 191 5.89 -3.98 2.04
N ALA F 192 5.76 -5.16 2.66
CA ALA F 192 4.45 -5.67 3.03
C ALA F 192 3.90 -4.96 4.25
N TYR F 193 4.69 -4.90 5.31
CA TYR F 193 4.24 -4.24 6.52
C TYR F 193 5.39 -3.95 7.49
N PHE F 194 5.22 -2.87 8.27
CA PHE F 194 6.18 -2.47 9.28
C PHE F 194 6.20 -3.61 10.30
N ALA F 195 7.39 -4.08 10.67
CA ALA F 195 7.49 -5.19 11.60
C ALA F 195 7.81 -4.80 13.05
N GLY F 196 7.85 -3.50 13.33
CA GLY F 196 8.14 -3.05 14.68
C GLY F 196 9.54 -2.51 14.87
N GLY F 197 9.78 -1.93 16.04
CA GLY F 197 11.08 -1.36 16.35
C GLY F 197 10.84 -0.07 17.09
N ASP F 198 11.61 0.17 18.15
CA ASP F 198 11.44 1.37 18.95
C ASP F 198 11.63 2.69 18.22
N ALA F 199 11.99 2.64 16.94
CA ALA F 199 12.20 3.85 16.15
C ALA F 199 10.91 4.35 15.50
N GLY F 200 9.90 3.49 15.41
CA GLY F 200 8.64 3.90 14.80
C GLY F 200 8.59 3.79 13.29
N ASP F 201 7.38 3.67 12.73
CA ASP F 201 7.23 3.54 11.28
C ASP F 201 7.10 4.87 10.54
N ALA F 202 8.25 5.43 10.15
CA ALA F 202 8.29 6.70 9.43
C ALA F 202 7.96 6.52 7.97
N PHE F 203 8.12 5.30 7.46
CA PHE F 203 7.81 5.01 6.06
C PHE F 203 6.30 5.04 5.87
N ASP F 204 5.58 5.30 6.96
CA ASP F 204 4.13 5.34 6.91
C ASP F 204 3.68 6.77 6.81
N GLY F 205 4.64 7.68 6.94
CA GLY F 205 4.34 9.10 6.87
C GLY F 205 4.20 9.68 8.26
N PHE F 206 4.18 11.00 8.37
CA PHE F 206 4.05 11.63 9.67
C PHE F 206 3.07 12.78 9.62
N ASP F 207 2.30 12.91 10.68
CA ASP F 207 1.31 13.96 10.77
C ASP F 207 1.98 15.24 11.27
N PHE F 208 2.52 16.02 10.34
CA PHE F 208 3.18 17.27 10.68
C PHE F 208 2.21 18.39 11.08
N GLY F 209 0.91 18.13 10.93
CA GLY F 209 -0.09 19.10 11.35
C GLY F 209 -0.48 20.30 10.50
N ASP F 210 0.17 20.50 9.36
CA ASP F 210 -0.17 21.65 8.53
C ASP F 210 -1.42 21.47 7.69
N ASP F 211 -1.54 20.31 7.05
CA ASP F 211 -2.68 19.97 6.22
C ASP F 211 -2.98 18.53 6.55
N PRO F 212 -4.28 18.15 6.55
CA PRO F 212 -4.62 16.75 6.85
C PRO F 212 -3.94 15.69 5.96
N SER F 213 -3.52 16.10 4.77
CA SER F 213 -2.87 15.19 3.82
C SER F 213 -1.36 15.03 4.05
N ASP F 214 -0.85 15.61 5.14
CA ASP F 214 0.57 15.54 5.45
C ASP F 214 1.12 14.12 5.58
N LYS F 215 0.51 13.31 6.43
CA LYS F 215 0.96 11.93 6.64
C LYS F 215 0.99 11.15 5.33
N PHE F 216 0.05 11.44 4.43
CA PHE F 216 0.00 10.76 3.15
C PHE F 216 1.19 11.15 2.27
N PHE F 217 1.37 12.45 2.07
CA PHE F 217 2.45 12.96 1.24
C PHE F 217 3.85 12.82 1.83
N THR F 218 3.99 12.05 2.89
CA THR F 218 5.30 11.89 3.49
C THR F 218 5.54 10.43 3.77
N SER F 219 4.71 9.58 3.17
CA SER F 219 4.80 8.12 3.30
C SER F 219 5.73 7.62 2.21
N HIS F 220 6.51 6.57 2.47
CA HIS F 220 7.45 6.08 1.45
C HIS F 220 7.14 4.74 0.80
N ASN F 221 6.26 3.95 1.40
CA ASN F 221 5.93 2.66 0.82
C ASN F 221 5.36 2.82 -0.58
N GLY F 222 6.02 2.19 -1.55
CA GLY F 222 5.56 2.25 -2.93
C GLY F 222 6.10 3.41 -3.73
N MET F 223 7.00 4.18 -3.15
CA MET F 223 7.57 5.35 -3.81
C MET F 223 8.72 5.03 -4.76
N GLN F 224 8.85 5.83 -5.81
CA GLN F 224 9.95 5.63 -6.74
C GLN F 224 11.12 6.44 -6.22
N PHE F 225 12.32 6.07 -6.69
CA PHE F 225 13.55 6.74 -6.30
C PHE F 225 13.71 8.04 -7.09
N SER F 226 14.31 9.05 -6.46
CA SER F 226 14.52 10.32 -7.12
C SER F 226 15.82 11.01 -6.72
N THR F 227 16.49 11.57 -7.71
CA THR F 227 17.72 12.32 -7.53
C THR F 227 17.39 13.63 -8.22
N TRP F 228 18.26 14.63 -8.10
CA TRP F 228 17.98 15.93 -8.73
C TRP F 228 17.77 15.85 -10.25
N ASP F 229 18.46 14.92 -10.91
CA ASP F 229 18.37 14.76 -12.36
C ASP F 229 17.40 13.65 -12.83
N ASN F 230 16.58 13.14 -11.91
CA ASN F 230 15.59 12.13 -12.24
C ASN F 230 14.47 12.23 -11.20
N ASP F 231 13.53 13.11 -11.50
CA ASP F 231 12.42 13.43 -10.65
C ASP F 231 11.27 12.45 -10.81
N ASN F 232 11.04 11.62 -9.81
CA ASN F 232 9.95 10.65 -9.85
C ASN F 232 9.12 10.76 -8.58
N ASP F 233 9.05 11.94 -8.00
CA ASP F 233 8.30 12.10 -6.77
C ASP F 233 6.87 12.56 -7.02
N LYS F 234 6.17 12.86 -5.93
CA LYS F 234 4.78 13.30 -5.98
C LYS F 234 4.69 14.81 -5.74
N PHE F 235 5.79 15.50 -5.94
CA PHE F 235 5.86 16.95 -5.73
C PHE F 235 5.93 17.66 -7.06
N GLU F 236 5.27 18.80 -7.18
CA GLU F 236 5.32 19.55 -8.44
C GLU F 236 6.75 20.05 -8.64
N GLY F 237 7.47 20.20 -7.54
CA GLY F 237 8.85 20.64 -7.59
C GLY F 237 9.71 19.40 -7.47
N ASN F 238 10.99 19.59 -7.19
CA ASN F 238 11.90 18.47 -7.09
C ASN F 238 12.41 18.30 -5.67
N CYS F 239 11.93 17.26 -5.00
CA CYS F 239 12.34 17.00 -3.62
C CYS F 239 13.83 16.67 -3.50
N ALA F 240 14.35 15.85 -4.40
CA ALA F 240 15.76 15.48 -4.31
C ALA F 240 16.69 16.66 -4.60
N GLU F 241 16.26 17.54 -5.49
CA GLU F 241 17.06 18.69 -5.83
C GLU F 241 17.11 19.60 -4.60
N GLN F 242 15.92 19.88 -4.06
CA GLN F 242 15.74 20.72 -2.89
C GLN F 242 16.39 20.20 -1.61
N ASP F 243 16.03 18.99 -1.19
CA ASP F 243 16.58 18.39 0.01
C ASP F 243 18.02 17.88 -0.18
N GLY F 244 18.48 17.91 -1.44
CA GLY F 244 19.83 17.52 -1.82
C GLY F 244 20.29 16.10 -1.56
N SER F 245 19.54 15.12 -2.09
CA SER F 245 19.90 13.72 -1.89
C SER F 245 19.37 12.83 -2.97
N GLY F 246 19.44 11.53 -2.71
CA GLY F 246 18.92 10.53 -3.61
C GLY F 246 18.05 9.72 -2.66
N TRP F 247 16.75 9.56 -2.97
CA TRP F 247 15.89 8.86 -2.03
C TRP F 247 14.49 8.70 -2.63
N TRP F 248 13.67 7.88 -1.98
CA TRP F 248 12.29 7.61 -2.42
C TRP F 248 11.34 8.73 -1.99
N MET F 249 11.41 9.87 -2.68
CA MET F 249 10.59 11.04 -2.36
C MET F 249 9.11 10.92 -2.74
N ASN F 250 8.26 11.62 -1.96
CA ASN F 250 6.79 11.67 -2.11
C ASN F 250 6.21 12.99 -1.62
N LYS F 251 6.88 14.10 -1.91
CA LYS F 251 6.39 15.42 -1.47
C LYS F 251 6.33 15.66 0.06
N CYS F 252 7.37 15.31 0.82
CA CYS F 252 8.60 14.70 0.31
C CYS F 252 9.06 13.50 1.14
N HIS F 253 9.11 13.65 2.46
CA HIS F 253 9.58 12.54 3.30
C HIS F 253 9.40 12.71 4.79
N ALA F 254 9.48 11.58 5.51
CA ALA F 254 9.39 11.54 6.96
C ALA F 254 10.60 10.71 7.43
N GLY F 255 11.28 10.12 6.46
CA GLY F 255 12.48 9.33 6.71
C GLY F 255 13.45 9.74 5.63
N HIS F 256 14.57 10.36 6.01
CA HIS F 256 15.53 10.83 5.02
C HIS F 256 16.95 10.41 5.36
N LEU F 257 17.20 9.10 5.35
CA LEU F 257 18.52 8.58 5.70
C LEU F 257 19.66 8.92 4.76
N ASN F 258 19.36 9.53 3.62
CA ASN F 258 20.42 9.91 2.68
C ASN F 258 20.56 11.44 2.66
N GLY F 259 20.06 12.08 3.73
CA GLY F 259 20.12 13.53 3.83
C GLY F 259 21.46 14.10 4.29
N VAL F 260 21.56 15.42 4.29
CA VAL F 260 22.78 16.13 4.70
C VAL F 260 23.21 15.77 6.11
N TYR F 261 24.48 15.39 6.28
CA TYR F 261 24.97 15.04 7.61
C TYR F 261 25.18 16.30 8.44
N TYR F 262 24.38 16.45 9.50
CA TYR F 262 24.50 17.61 10.37
C TYR F 262 25.19 17.25 11.68
N GLN F 263 26.27 17.96 11.97
CA GLN F 263 27.06 17.75 13.18
C GLN F 263 26.29 18.36 14.36
N GLY F 264 26.11 17.57 15.41
CA GLY F 264 25.40 18.08 16.57
C GLY F 264 23.98 17.55 16.72
N GLY F 265 23.40 17.12 15.62
CA GLY F 265 22.04 16.62 15.64
C GLY F 265 21.06 17.73 15.38
N THR F 266 21.04 18.70 16.28
CA THR F 266 20.12 19.83 16.15
C THR F 266 20.54 20.83 15.09
N TYR F 267 19.58 21.24 14.26
CA TYR F 267 19.81 22.21 13.21
C TYR F 267 18.50 22.94 12.94
N SER F 268 18.57 24.07 12.27
CA SER F 268 17.39 24.88 11.99
C SER F 268 17.18 25.05 10.49
N LYS F 269 16.05 25.63 10.09
CA LYS F 269 15.80 25.83 8.67
C LYS F 269 16.69 26.95 8.14
N ALA F 270 17.29 27.71 9.06
CA ALA F 270 18.18 28.81 8.71
C ALA F 270 19.51 28.29 8.19
N SER F 271 19.87 27.07 8.60
CA SER F 271 21.13 26.44 8.18
C SER F 271 20.94 25.55 6.95
N THR F 272 19.68 25.42 6.51
CA THR F 272 19.37 24.62 5.33
C THR F 272 19.39 25.59 4.15
N PRO F 273 19.78 25.10 2.97
CA PRO F 273 19.84 25.91 1.77
C PRO F 273 18.51 26.33 1.19
N ASN F 274 17.44 25.57 1.49
CA ASN F 274 16.14 25.91 0.95
C ASN F 274 15.01 26.09 1.96
N GLY F 275 15.34 26.13 3.24
CA GLY F 275 14.31 26.34 4.24
C GLY F 275 13.59 25.11 4.71
N TYR F 276 13.64 24.04 3.92
CA TYR F 276 12.98 22.80 4.31
C TYR F 276 14.00 21.91 5.01
N ASP F 277 13.51 20.95 5.77
CA ASP F 277 14.40 20.03 6.46
C ASP F 277 15.00 19.07 5.44
N ASN F 278 16.33 18.94 5.48
CA ASN F 278 17.06 18.07 4.57
C ASN F 278 18.02 17.12 5.30
N GLY F 279 18.06 17.21 6.62
CA GLY F 279 18.93 16.37 7.42
C GLY F 279 18.54 14.90 7.39
N ILE F 280 19.32 14.06 8.09
CA ILE F 280 19.05 12.64 8.14
C ILE F 280 18.01 12.39 9.20
N ILE F 281 16.74 12.56 8.85
CA ILE F 281 15.65 12.39 9.82
C ILE F 281 14.83 11.10 9.76
N TRP F 282 14.15 10.86 10.87
CA TRP F 282 13.22 9.73 11.05
C TRP F 282 12.21 10.31 12.03
N ALA F 283 11.27 11.07 11.48
CA ALA F 283 10.23 11.77 12.22
C ALA F 283 9.53 11.05 13.36
N THR F 284 9.39 9.73 13.25
CA THR F 284 8.73 8.96 14.30
C THR F 284 9.65 8.67 15.48
N TRP F 285 10.89 9.11 15.42
CA TRP F 285 11.80 8.87 16.53
C TRP F 285 12.33 10.21 17.04
N LYS F 286 12.70 11.08 16.11
CA LYS F 286 13.20 12.40 16.46
C LYS F 286 12.60 13.46 15.56
N THR F 287 12.48 14.67 16.08
CA THR F 287 11.95 15.81 15.34
C THR F 287 12.65 15.87 13.97
N ARG F 288 12.02 16.49 12.97
CA ARG F 288 12.64 16.59 11.65
C ARG F 288 13.88 17.48 11.67
N TRP F 289 13.96 18.37 12.66
CA TRP F 289 15.12 19.25 12.79
C TRP F 289 16.19 18.61 13.65
N TYR F 290 16.30 17.29 13.53
CA TYR F 290 17.31 16.53 14.26
C TYR F 290 17.87 15.51 13.31
N SER F 291 19.12 15.73 12.90
CA SER F 291 19.82 14.85 11.99
C SER F 291 20.49 13.75 12.81
N MET F 292 20.39 12.49 12.35
CA MET F 292 20.98 11.36 13.05
C MET F 292 22.51 11.36 13.04
N LYS F 293 23.10 10.64 14.00
CA LYS F 293 24.56 10.59 14.07
C LYS F 293 25.07 9.39 13.30
N LYS F 294 24.41 8.25 13.45
CA LYS F 294 24.80 7.05 12.72
C LYS F 294 23.57 6.41 12.04
N THR F 295 23.77 5.86 10.85
CA THR F 295 22.67 5.26 10.11
C THR F 295 23.05 4.00 9.35
N THR F 296 22.21 2.97 9.48
CA THR F 296 22.45 1.71 8.80
C THR F 296 21.21 1.12 8.16
N MET F 297 21.34 0.71 6.92
CA MET F 297 20.25 0.08 6.20
C MET F 297 20.82 -1.24 5.73
N LYS F 298 20.20 -2.32 6.17
CA LYS F 298 20.68 -3.66 5.83
C LYS F 298 19.50 -4.62 5.72
N ILE F 299 19.66 -5.63 4.88
CA ILE F 299 18.59 -6.60 4.69
C ILE F 299 19.05 -8.00 5.05
N ILE F 300 18.09 -8.90 5.19
CA ILE F 300 18.37 -10.28 5.55
C ILE F 300 17.13 -11.06 5.17
N PRO F 301 17.29 -12.32 4.71
CA PRO F 301 16.09 -13.10 4.35
C PRO F 301 15.16 -13.06 5.55
N PHE F 302 13.87 -12.85 5.30
CA PHE F 302 12.87 -12.73 6.38
C PHE F 302 12.82 -13.86 7.39
N ASN F 303 12.78 -15.10 6.91
CA ASN F 303 12.72 -16.27 7.78
C ASN F 303 13.83 -16.26 8.83
N ARG F 304 14.78 -15.33 8.69
CA ARG F 304 15.90 -15.22 9.60
C ARG F 304 15.49 -14.50 10.85
N LEU F 305 14.31 -13.89 10.81
CA LEU F 305 13.77 -13.19 11.96
C LEU F 305 12.55 -14.02 12.37
N THR F 306 12.81 -15.01 13.23
CA THR F 306 11.76 -15.91 13.69
C THR F 306 11.14 -16.60 12.47
N GLY G 1 -12.37 8.77 -18.70
CA GLY G 1 -11.25 8.98 -19.64
C GLY G 1 -10.52 10.28 -19.35
N HIS G 2 -9.61 10.67 -20.24
CA HIS G 2 -8.83 11.92 -20.08
C HIS G 2 -9.60 13.09 -20.68
N ARG G 3 -9.52 14.24 -20.02
CA ARG G 3 -10.19 15.44 -20.47
C ARG G 3 -9.08 16.42 -20.86
N PRO G 4 -8.80 16.57 -22.17
CA PRO G 4 -7.74 17.48 -22.62
C PRO G 4 -8.12 18.97 -22.59
N GLY H 1 10.83 17.32 4.68
CA GLY H 1 9.59 16.84 5.37
C GLY H 1 8.43 16.83 4.40
N HIS H 2 7.47 17.73 4.62
CA HIS H 2 6.30 17.84 3.75
C HIS H 2 6.39 19.14 2.97
N ARG H 3 5.50 19.35 2.01
CA ARG H 3 5.55 20.57 1.24
C ARG H 3 4.28 21.38 1.34
N PRO H 4 4.21 22.27 2.34
CA PRO H 4 3.01 23.09 2.51
C PRO H 4 2.83 23.89 1.23
N GLY I 1 -67.48 5.16 20.87
CA GLY I 1 -68.11 6.48 21.18
C GLY I 1 -68.06 6.74 22.67
N HIS I 2 -69.20 7.09 23.25
CA HIS I 2 -69.28 7.36 24.69
C HIS I 2 -70.21 6.38 25.41
N ARG I 3 -70.13 6.37 26.72
CA ARG I 3 -70.97 5.51 27.54
C ARG I 3 -71.66 6.38 28.59
N PRO I 4 -72.95 6.70 28.38
CA PRO I 4 -73.83 7.52 29.23
C PRO I 4 -73.82 7.09 30.69
N TYR I 5 -74.12 8.04 31.57
CA TYR I 5 -74.19 7.75 32.99
C TYR I 5 -75.62 7.36 33.37
N GLY J 1 69.37 2.06 -26.11
CA GLY J 1 70.56 1.98 -27.00
C GLY J 1 70.60 0.76 -27.90
N HIS J 2 71.50 0.80 -28.88
CA HIS J 2 71.66 -0.29 -29.84
C HIS J 2 72.91 -1.12 -29.53
N ARG J 3 73.11 -2.18 -30.31
CA ARG J 3 74.27 -3.06 -30.17
C ARG J 3 74.88 -3.24 -31.57
N PRO J 4 75.91 -2.45 -31.92
CA PRO J 4 76.57 -2.53 -33.22
C PRO J 4 77.03 -3.92 -33.62
N TYR J 5 77.09 -4.15 -34.93
CA TYR J 5 77.52 -5.44 -35.47
C TYR J 5 79.04 -5.54 -35.47
#